data_8RLY
#
_entry.id   8RLY
#
_cell.length_a   69.780
_cell.length_b   115.980
_cell.length_c   177.700
_cell.angle_alpha   90.000
_cell.angle_beta   90.000
_cell.angle_gamma   90.000
#
_symmetry.space_group_name_H-M   'P 21 21 21'
#
loop_
_entity.id
_entity.type
_entity.pdbx_description
1 polymer 'Endonuclease 4'
2 non-polymer 'ZINC ION'
3 non-polymer 'FE (II) ION'
4 non-polymer '4-(2-HYDROXYETHYL)-1-PIPERAZINE ETHANESULFONIC ACID'
5 non-polymer 'SULFATE ION'
6 non-polymer 'NICKEL (II) ION'
7 non-polymer 'CHLORIDE ION'
8 water water
#
_entity_poly.entity_id   1
_entity_poly.type   'polypeptide(L)'
_entity_poly.pdbx_seq_one_letter_code
;MKYIGAHVSAAGGLANAAIRAAEIDATAFALFTKNQRQWRAAPLTTQTIDEFKAACEKYHYTSAQILPHDSYLINLGHPV
TEALEKSRDAFIDEMQRCEQLGLSLLNFHPGSHLMQISEEDCLARIAESINIALDKTQGVTAVIENTAGQGSNLGFKFEH
LAAIIDGVEDKSRVGVCIDTCHAFAAGYDLRTPAECEKTFADFARTVGFKYLRGMHLNDAKSTFGSRVDRHHSLGEGNIG
HDAFRWIMQDDRFDGIPLILETINPDIWAEEIAWLKAQQTEKAVA
;
_entity_poly.pdbx_strand_id   A,B,C,D,E
#
loop_
_chem_comp.id
_chem_comp.type
_chem_comp.name
_chem_comp.formula
CL non-polymer 'CHLORIDE ION' 'Cl -1'
EPE non-polymer '4-(2-HYDROXYETHYL)-1-PIPERAZINE ETHANESULFONIC ACID' 'C8 H18 N2 O4 S'
FE2 non-polymer 'FE (II) ION' 'Fe 2'
NI non-polymer 'NICKEL (II) ION' 'Ni 2'
SO4 non-polymer 'SULFATE ION' 'O4 S -2'
ZN non-polymer 'ZINC ION' 'Zn 2'
#
# COMPACT_ATOMS: atom_id res chain seq x y z
N MET A 1 -0.14 -39.32 18.01
CA MET A 1 -1.31 -39.73 17.19
C MET A 1 -1.35 -38.86 15.92
N LYS A 2 -1.94 -39.36 14.86
CA LYS A 2 -2.29 -38.54 13.70
C LYS A 2 -3.80 -38.49 13.51
N TYR A 3 -4.27 -37.35 13.02
CA TYR A 3 -5.69 -37.14 12.78
C TYR A 3 -5.90 -36.99 11.27
N ILE A 4 -6.77 -37.82 10.70
CA ILE A 4 -6.81 -38.02 9.25
C ILE A 4 -8.25 -37.87 8.76
N GLY A 5 -8.48 -36.95 7.84
CA GLY A 5 -9.80 -36.78 7.27
C GLY A 5 -9.79 -36.10 5.94
N ALA A 6 -10.89 -35.37 5.66
CA ALA A 6 -11.14 -34.71 4.40
C ALA A 6 -11.93 -33.43 4.64
N HIS A 7 -11.89 -32.53 3.66
CA HIS A 7 -12.82 -31.39 3.63
C HIS A 7 -14.16 -31.90 3.10
N VAL A 8 -15.10 -32.08 4.02
CA VAL A 8 -16.38 -32.64 3.72
C VAL A 8 -17.42 -31.52 3.53
N SER A 9 -18.55 -31.88 2.96
CA SER A 9 -19.60 -30.94 2.61
C SER A 9 -20.38 -30.54 3.85
N ALA A 10 -20.66 -29.25 3.96
CA ALA A 10 -21.52 -28.74 5.02
C ALA A 10 -22.96 -28.55 4.55
N ALA A 11 -23.31 -29.09 3.38
CA ALA A 11 -24.67 -28.99 2.88
C ALA A 11 -25.67 -29.53 3.89
N GLY A 12 -26.71 -28.75 4.14
CA GLY A 12 -27.75 -29.17 5.05
C GLY A 12 -27.51 -28.81 6.48
N GLY A 13 -26.35 -28.22 6.80
CA GLY A 13 -26.07 -27.83 8.16
C GLY A 13 -24.68 -28.27 8.59
N LEU A 14 -24.12 -27.58 9.56
CA LEU A 14 -22.73 -27.82 9.93
C LEU A 14 -22.58 -29.16 10.63
N ALA A 15 -23.58 -29.58 11.41
CA ALA A 15 -23.53 -30.90 12.04
C ALA A 15 -23.38 -31.99 10.99
N ASN A 16 -23.91 -31.78 9.79
CA ASN A 16 -23.75 -32.78 8.73
C ASN A 16 -22.29 -32.99 8.32
N ALA A 17 -21.44 -31.97 8.45
CA ALA A 17 -20.02 -32.19 8.19
C ALA A 17 -19.43 -33.22 9.16
N ALA A 18 -19.75 -33.11 10.45
CA ALA A 18 -19.28 -34.11 11.39
C ALA A 18 -19.82 -35.50 11.05
N ILE A 19 -21.09 -35.59 10.65
CA ILE A 19 -21.69 -36.89 10.28
C ILE A 19 -21.00 -37.47 9.04
N ARG A 20 -20.73 -36.62 8.05
CA ARG A 20 -20.09 -37.09 6.83
C ARG A 20 -18.65 -37.54 7.09
N ALA A 21 -17.93 -36.81 7.95
CA ALA A 21 -16.58 -37.25 8.34
C ALA A 21 -16.65 -38.61 9.04
N ALA A 22 -17.66 -38.81 9.87
CA ALA A 22 -17.78 -40.10 10.55
C ALA A 22 -18.07 -41.23 9.55
N GLU A 23 -18.86 -40.96 8.52
CA GLU A 23 -19.22 -42.00 7.56
C GLU A 23 -18.01 -42.54 6.80
N ILE A 24 -16.98 -41.72 6.60
CA ILE A 24 -15.75 -42.16 5.95
C ILE A 24 -14.67 -42.51 7.00
N ASP A 25 -15.08 -42.66 8.26
CA ASP A 25 -14.21 -43.03 9.39
C ASP A 25 -13.04 -42.08 9.57
N ALA A 26 -13.22 -40.79 9.30
CA ALA A 26 -12.14 -39.84 9.51
C ALA A 26 -11.93 -39.61 11.00
N THR A 27 -10.71 -39.23 11.36
CA THR A 27 -10.39 -38.76 12.70
C THR A 27 -10.05 -37.29 12.68
N ALA A 28 -10.33 -36.61 11.56
CA ALA A 28 -10.24 -35.16 11.42
C ALA A 28 -11.20 -34.72 10.32
N PHE A 29 -11.51 -33.44 10.27
CA PHE A 29 -12.21 -32.95 9.08
C PHE A 29 -12.02 -31.45 8.89
N ALA A 30 -12.30 -31.01 7.68
CA ALA A 30 -12.39 -29.61 7.35
C ALA A 30 -13.79 -29.33 6.82
N LEU A 31 -14.15 -28.04 6.86
CA LEU A 31 -15.43 -27.56 6.37
C LEU A 31 -15.34 -26.06 6.13
N PHE A 32 -16.29 -25.56 5.36
CA PHE A 32 -16.64 -24.14 5.38
C PHE A 32 -17.74 -23.95 6.43
N THR A 33 -17.64 -22.92 7.28
CA THR A 33 -18.72 -22.66 8.24
C THR A 33 -19.86 -21.84 7.63
N LYS A 34 -19.70 -21.38 6.40
CA LYS A 34 -20.73 -20.61 5.69
C LYS A 34 -20.35 -20.65 4.23
N ASN A 35 -21.30 -20.25 3.38
CA ASN A 35 -21.11 -20.26 1.93
C ASN A 35 -19.81 -19.59 1.55
N GLN A 36 -18.89 -20.37 0.96
CA GLN A 36 -17.54 -19.92 0.61
C GLN A 36 -17.52 -18.90 -0.52
N ARG A 37 -18.66 -18.66 -1.17
CA ARG A 37 -18.70 -17.66 -2.21
C ARG A 37 -19.54 -16.45 -1.83
N GLN A 38 -19.81 -16.27 -0.53
CA GLN A 38 -20.57 -15.12 -0.05
C GLN A 38 -19.81 -14.38 1.02
N TRP A 39 -20.10 -13.08 1.12
CA TRP A 39 -19.40 -12.21 2.05
C TRP A 39 -19.88 -12.35 3.48
N ARG A 40 -21.11 -12.84 3.66
CA ARG A 40 -21.75 -12.86 4.97
C ARG A 40 -22.77 -13.99 4.98
N ALA A 41 -23.26 -14.29 6.17
CA ALA A 41 -24.23 -15.36 6.34
C ALA A 41 -25.07 -15.03 7.56
N ALA A 42 -26.14 -15.80 7.74
CA ALA A 42 -26.98 -15.62 8.92
C ALA A 42 -26.15 -15.83 10.19
N PRO A 43 -26.39 -15.04 11.24
CA PRO A 43 -25.71 -15.32 12.50
C PRO A 43 -25.97 -16.77 12.89
N LEU A 44 -25.01 -17.36 13.59
CA LEU A 44 -25.25 -18.66 14.19
C LEU A 44 -26.21 -18.51 15.35
N THR A 45 -27.22 -19.39 15.40
CA THR A 45 -28.14 -19.52 16.53
C THR A 45 -27.57 -20.44 17.61
N THR A 46 -28.07 -20.26 18.83
CA THR A 46 -27.67 -21.20 19.88
C THR A 46 -28.01 -22.64 19.45
N GLN A 47 -29.12 -22.82 18.71
CA GLN A 47 -29.48 -24.16 18.27
C GLN A 47 -28.44 -24.73 17.31
N THR A 48 -28.02 -23.93 16.33
CA THR A 48 -27.06 -24.41 15.35
C THR A 48 -25.72 -24.71 16.00
N ILE A 49 -25.27 -23.82 16.90
CA ILE A 49 -24.05 -24.06 17.66
C ILE A 49 -24.17 -25.35 18.45
N ASP A 50 -25.28 -25.49 19.18
CA ASP A 50 -25.48 -26.68 20.01
C ASP A 50 -25.50 -27.96 19.18
N GLU A 51 -26.22 -27.95 18.07
CA GLU A 51 -26.25 -29.15 17.24
C GLU A 51 -24.86 -29.48 16.70
N PHE A 52 -24.07 -28.46 16.35
CA PHE A 52 -22.75 -28.70 15.80
C PHE A 52 -21.82 -29.26 16.88
N LYS A 53 -21.82 -28.67 18.06
CA LYS A 53 -20.98 -29.19 19.13
C LYS A 53 -21.37 -30.61 19.53
N ALA A 54 -22.67 -30.89 19.61
CA ALA A 54 -23.09 -32.24 19.98
C ALA A 54 -22.62 -33.27 18.94
N ALA A 55 -22.63 -32.91 17.65
CA ALA A 55 -22.20 -33.86 16.63
C ALA A 55 -20.69 -34.08 16.70
N CYS A 56 -19.92 -33.01 16.91
CA CYS A 56 -18.47 -33.14 17.08
C CYS A 56 -18.14 -34.07 18.24
N GLU A 57 -18.80 -33.89 19.38
CA GLU A 57 -18.60 -34.77 20.52
C GLU A 57 -19.05 -36.20 20.22
N LYS A 58 -20.24 -36.36 19.64
CA LYS A 58 -20.72 -37.70 19.29
C LYS A 58 -19.69 -38.48 18.49
N TYR A 59 -19.08 -37.83 17.48
CA TYR A 59 -18.21 -38.50 16.53
C TYR A 59 -16.73 -38.33 16.85
N HIS A 60 -16.39 -37.85 18.05
CA HIS A 60 -15.04 -37.89 18.60
C HIS A 60 -14.11 -36.88 17.92
N TYR A 61 -14.62 -35.72 17.61
CA TYR A 61 -13.85 -34.64 16.97
C TYR A 61 -13.72 -33.48 17.96
N THR A 62 -12.54 -33.34 18.53
CA THR A 62 -12.22 -32.17 19.34
C THR A 62 -11.77 -31.06 18.40
N SER A 63 -11.63 -29.86 18.96
CA SER A 63 -11.22 -28.72 18.12
C SER A 63 -9.82 -28.91 17.56
N ALA A 64 -8.97 -29.70 18.23
CA ALA A 64 -7.66 -29.98 17.69
C ALA A 64 -7.71 -30.77 16.38
N GLN A 65 -8.84 -31.39 16.07
CA GLN A 65 -8.98 -32.23 14.90
C GLN A 65 -9.75 -31.59 13.75
N ILE A 66 -10.14 -30.32 13.88
CA ILE A 66 -11.03 -29.69 12.90
C ILE A 66 -10.34 -28.47 12.34
N LEU A 67 -10.30 -28.37 11.01
CA LEU A 67 -9.58 -27.32 10.30
C LEU A 67 -10.51 -26.63 9.29
N PRO A 68 -11.34 -25.71 9.77
CA PRO A 68 -12.16 -24.92 8.84
C PRO A 68 -11.33 -24.12 7.86
N HIS A 69 -11.93 -23.83 6.72
CA HIS A 69 -11.35 -23.06 5.63
C HIS A 69 -12.18 -21.82 5.45
N ASP A 70 -11.52 -20.68 5.26
CA ASP A 70 -12.25 -19.45 5.02
C ASP A 70 -12.72 -19.39 3.57
N SER A 71 -13.43 -18.32 3.25
CA SER A 71 -14.09 -18.16 1.98
C SER A 71 -13.09 -17.83 0.88
N TYR A 72 -13.60 -17.87 -0.36
CA TYR A 72 -12.83 -17.55 -1.55
C TYR A 72 -12.78 -16.06 -1.85
N LEU A 73 -13.56 -15.28 -1.14
CA LEU A 73 -13.65 -13.85 -1.43
C LEU A 73 -12.60 -13.05 -0.68
N ILE A 74 -12.15 -13.54 0.47
CA ILE A 74 -11.29 -12.78 1.36
C ILE A 74 -9.91 -12.63 0.75
N ASN A 75 -9.45 -11.39 0.66
CA ASN A 75 -8.07 -11.07 0.31
C ASN A 75 -7.51 -10.17 1.40
N LEU A 76 -6.74 -10.76 2.33
CA LEU A 76 -6.22 -10.01 3.47
C LEU A 76 -5.02 -9.15 3.12
N GLY A 77 -4.63 -9.15 1.85
CA GLY A 77 -3.54 -8.32 1.38
C GLY A 77 -3.95 -7.38 0.27
N HIS A 78 -5.27 -7.16 0.14
CA HIS A 78 -5.81 -6.45 -1.01
C HIS A 78 -5.22 -5.03 -1.07
N PRO A 79 -4.80 -4.56 -2.26
CA PRO A 79 -4.20 -3.23 -2.37
C PRO A 79 -5.19 -2.06 -2.32
N VAL A 80 -6.50 -2.30 -2.48
CA VAL A 80 -7.53 -1.26 -2.46
C VAL A 80 -8.17 -1.20 -1.08
N THR A 81 -8.21 0.00 -0.50
CA THR A 81 -8.62 0.16 0.90
C THR A 81 -9.98 -0.46 1.16
N GLU A 82 -10.98 -0.15 0.31
CA GLU A 82 -12.33 -0.61 0.57
C GLU A 82 -12.41 -2.13 0.52
N ALA A 83 -11.73 -2.75 -0.45
CA ALA A 83 -11.78 -4.20 -0.56
C ALA A 83 -10.99 -4.88 0.56
N LEU A 84 -9.88 -4.27 1.00
CA LEU A 84 -9.14 -4.81 2.14
C LEU A 84 -10.01 -4.82 3.38
N GLU A 85 -10.71 -3.71 3.63
CA GLU A 85 -11.56 -3.63 4.83
C GLU A 85 -12.74 -4.58 4.75
N LYS A 86 -13.36 -4.72 3.56
CA LYS A 86 -14.40 -5.73 3.39
C LYS A 86 -13.87 -7.12 3.72
N SER A 87 -12.65 -7.43 3.29
CA SER A 87 -12.07 -8.73 3.56
C SER A 87 -11.73 -8.90 5.02
N ARG A 88 -11.22 -7.84 5.67
CA ARG A 88 -10.91 -7.91 7.09
C ARG A 88 -12.18 -8.13 7.92
N ASP A 89 -13.27 -7.43 7.57
CA ASP A 89 -14.56 -7.65 8.25
C ASP A 89 -15.01 -9.10 8.13
N ALA A 90 -14.98 -9.65 6.92
CA ALA A 90 -15.41 -11.03 6.70
C ALA A 90 -14.48 -12.02 7.42
N PHE A 91 -13.17 -11.76 7.43
CA PHE A 91 -12.23 -12.64 8.13
C PHE A 91 -12.44 -12.59 9.64
N ILE A 92 -12.70 -11.41 10.21
CA ILE A 92 -13.08 -11.33 11.61
C ILE A 92 -14.31 -12.20 11.86
N ASP A 93 -15.31 -12.07 10.98
CA ASP A 93 -16.52 -12.84 11.12
C ASP A 93 -16.23 -14.34 11.06
N GLU A 94 -15.36 -14.76 10.14
CA GLU A 94 -15.04 -16.18 10.07
C GLU A 94 -14.42 -16.65 11.37
N MET A 95 -13.50 -15.85 11.93
CA MET A 95 -12.85 -16.22 13.17
C MET A 95 -13.85 -16.26 14.33
N GLN A 96 -14.80 -15.33 14.35
CA GLN A 96 -15.85 -15.33 15.38
C GLN A 96 -16.76 -16.54 15.27
N ARG A 97 -17.14 -16.92 14.05
CA ARG A 97 -17.92 -18.13 13.88
C ARG A 97 -17.16 -19.34 14.43
N CYS A 98 -15.84 -19.38 14.22
CA CYS A 98 -15.06 -20.50 14.71
C CYS A 98 -15.06 -20.54 16.23
N GLU A 99 -14.89 -19.38 16.86
CA GLU A 99 -14.92 -19.33 18.33
C GLU A 99 -16.28 -19.79 18.84
N GLN A 100 -17.37 -19.29 18.23
CA GLN A 100 -18.70 -19.66 18.67
C GLN A 100 -18.97 -21.14 18.50
N LEU A 101 -18.39 -21.76 17.48
CA LEU A 101 -18.61 -23.17 17.23
C LEU A 101 -17.68 -24.08 18.02
N GLY A 102 -16.85 -23.51 18.88
CA GLY A 102 -15.91 -24.31 19.64
C GLY A 102 -14.67 -24.72 18.89
N LEU A 103 -14.37 -24.04 17.79
CA LEU A 103 -13.21 -24.36 16.99
C LEU A 103 -12.04 -23.46 17.37
N SER A 104 -10.84 -23.87 17.02
CA SER A 104 -9.62 -23.23 17.49
C SER A 104 -8.63 -22.92 16.38
N LEU A 105 -8.97 -23.26 15.13
CA LEU A 105 -8.10 -23.07 13.98
C LEU A 105 -8.93 -22.52 12.82
N LEU A 106 -8.29 -21.72 11.97
CA LEU A 106 -8.93 -21.21 10.75
C LEU A 106 -7.87 -21.14 9.64
N ASN A 107 -8.05 -21.96 8.60
CA ASN A 107 -7.11 -22.10 7.50
C ASN A 107 -7.51 -21.14 6.38
N PHE A 108 -6.54 -20.35 5.90
CA PHE A 108 -6.84 -19.40 4.84
C PHE A 108 -5.63 -19.24 3.93
N HIS A 109 -5.92 -18.95 2.66
CA HIS A 109 -4.86 -18.49 1.75
C HIS A 109 -4.53 -17.03 2.05
N PRO A 110 -3.27 -16.66 2.03
CA PRO A 110 -2.89 -15.37 2.64
C PRO A 110 -3.39 -14.12 1.93
N GLY A 111 -3.28 -14.03 0.61
CA GLY A 111 -3.81 -12.91 -0.13
C GLY A 111 -3.11 -12.72 -1.46
N SER A 112 -3.44 -11.61 -2.12
CA SER A 112 -2.90 -11.36 -3.46
C SER A 112 -2.76 -9.86 -3.65
N HIS A 113 -1.77 -9.48 -4.47
CA HIS A 113 -1.36 -8.08 -4.58
C HIS A 113 -1.83 -7.42 -5.88
N LEU A 114 -2.36 -8.19 -6.83
CA LEU A 114 -2.89 -7.68 -8.10
C LEU A 114 -1.89 -6.87 -8.88
N MET A 115 -0.60 -7.02 -8.58
CA MET A 115 0.43 -6.21 -9.23
C MET A 115 0.24 -4.72 -8.98
N GLN A 116 -0.49 -4.35 -7.92
CA GLN A 116 -0.74 -2.97 -7.54
C GLN A 116 0.15 -2.51 -6.39
N ILE A 117 0.69 -3.45 -5.59
CA ILE A 117 1.59 -3.15 -4.50
C ILE A 117 2.68 -4.20 -4.53
N SER A 118 3.79 -3.90 -3.86
CA SER A 118 4.89 -4.84 -3.78
C SER A 118 4.49 -6.07 -2.99
N GLU A 119 5.19 -7.18 -3.27
CA GLU A 119 4.96 -8.40 -2.51
C GLU A 119 5.12 -8.14 -1.02
N GLU A 120 6.16 -7.39 -0.64
CA GLU A 120 6.43 -7.17 0.78
C GLU A 120 5.33 -6.32 1.43
N ASP A 121 4.85 -5.30 0.72
CA ASP A 121 3.73 -4.52 1.26
C ASP A 121 2.47 -5.37 1.38
N CYS A 122 2.21 -6.25 0.41
CA CYS A 122 1.07 -7.16 0.51
C CYS A 122 1.21 -8.07 1.74
N LEU A 123 2.39 -8.63 1.95
CA LEU A 123 2.60 -9.52 3.10
C LEU A 123 2.39 -8.77 4.43
N ALA A 124 2.77 -7.51 4.47
CA ALA A 124 2.58 -6.74 5.69
C ALA A 124 1.13 -6.43 5.92
N ARG A 125 0.36 -6.14 4.86
CA ARG A 125 -1.08 -5.99 4.99
C ARG A 125 -1.72 -7.25 5.54
N ILE A 126 -1.27 -8.42 5.08
CA ILE A 126 -1.82 -9.69 5.56
C ILE A 126 -1.51 -9.87 7.04
N ALA A 127 -0.27 -9.63 7.46
CA ALA A 127 0.07 -9.73 8.88
C ALA A 127 -0.82 -8.82 9.70
N GLU A 128 -1.06 -7.60 9.22
CA GLU A 128 -1.87 -6.66 10.01
C GLU A 128 -3.32 -7.07 10.00
N SER A 129 -3.81 -7.69 8.91
CA SER A 129 -5.15 -8.28 8.91
C SER A 129 -5.29 -9.34 9.98
N ILE A 130 -4.27 -10.18 10.13
CA ILE A 130 -4.27 -11.18 11.18
C ILE A 130 -4.27 -10.50 12.54
N ASN A 131 -3.42 -9.48 12.72
CA ASN A 131 -3.35 -8.79 14.01
C ASN A 131 -4.71 -8.23 14.42
N ILE A 132 -5.45 -7.66 13.46
CA ILE A 132 -6.76 -7.08 13.75
C ILE A 132 -7.74 -8.17 14.18
N ALA A 133 -7.79 -9.27 13.43
CA ALA A 133 -8.69 -10.36 13.76
C ALA A 133 -8.37 -10.92 15.15
N LEU A 134 -7.07 -11.11 15.46
CA LEU A 134 -6.68 -11.67 16.76
C LEU A 134 -7.01 -10.71 17.90
N ASP A 135 -6.95 -9.40 17.65
CA ASP A 135 -7.26 -8.43 18.70
C ASP A 135 -8.74 -8.42 19.04
N LYS A 136 -9.60 -8.92 18.15
CA LYS A 136 -11.05 -8.88 18.33
C LYS A 136 -11.66 -10.22 18.73
N THR A 137 -10.88 -11.29 18.75
CA THR A 137 -11.37 -12.62 19.08
C THR A 137 -10.47 -13.28 20.09
N GLN A 138 -10.89 -14.46 20.55
CA GLN A 138 -10.09 -15.30 21.42
C GLN A 138 -10.15 -16.76 20.94
N GLY A 139 -9.06 -17.47 21.17
CA GLY A 139 -9.04 -18.91 21.12
C GLY A 139 -8.90 -19.53 19.75
N VAL A 140 -8.74 -18.72 18.69
CA VAL A 140 -8.70 -19.22 17.33
C VAL A 140 -7.37 -18.80 16.71
N THR A 141 -6.65 -19.78 16.16
CA THR A 141 -5.38 -19.57 15.51
C THR A 141 -5.60 -19.38 14.01
N ALA A 142 -5.01 -18.32 13.49
CA ALA A 142 -4.98 -18.03 12.06
C ALA A 142 -3.93 -18.91 11.42
N VAL A 143 -4.37 -19.88 10.61
CA VAL A 143 -3.51 -20.88 9.98
C VAL A 143 -3.37 -20.50 8.49
N ILE A 144 -2.19 -20.01 8.12
CA ILE A 144 -1.88 -19.57 6.75
C ILE A 144 -1.57 -20.82 5.92
N GLU A 145 -2.30 -21.01 4.84
CA GLU A 145 -2.07 -22.15 3.93
C GLU A 145 -1.15 -21.70 2.81
N ASN A 146 -0.15 -22.51 2.47
CA ASN A 146 0.63 -22.20 1.29
C ASN A 146 -0.21 -22.44 0.03
N THR A 147 0.26 -21.89 -1.08
CA THR A 147 -0.50 -21.84 -2.31
C THR A 147 0.36 -22.31 -3.47
N ALA A 148 -0.32 -22.64 -4.57
CA ALA A 148 0.38 -22.95 -5.82
C ALA A 148 1.00 -21.71 -6.46
N GLY A 149 0.49 -20.53 -6.16
CA GLY A 149 1.04 -19.32 -6.73
C GLY A 149 0.55 -18.99 -8.13
N GLN A 150 -0.72 -19.28 -8.42
CA GLN A 150 -1.38 -18.77 -9.63
C GLN A 150 -1.54 -17.25 -9.54
N GLY A 151 -1.66 -16.62 -10.71
CA GLY A 151 -2.01 -15.21 -10.77
C GLY A 151 -1.11 -14.37 -9.89
N SER A 152 -1.73 -13.50 -9.10
CA SER A 152 -1.00 -12.64 -8.17
C SER A 152 -1.12 -13.11 -6.72
N ASN A 153 -1.43 -14.40 -6.51
CA ASN A 153 -1.53 -14.95 -5.17
C ASN A 153 -0.15 -15.22 -4.56
N LEU A 154 0.02 -14.78 -3.32
CA LEU A 154 1.21 -15.04 -2.54
C LEU A 154 0.97 -16.31 -1.72
N GLY A 155 1.99 -16.70 -0.95
CA GLY A 155 1.96 -17.91 -0.18
C GLY A 155 2.58 -19.11 -0.86
N PHE A 156 3.17 -18.94 -2.05
CA PHE A 156 3.77 -20.07 -2.75
C PHE A 156 5.22 -20.33 -2.34
N LYS A 157 5.86 -19.37 -1.66
CA LYS A 157 7.17 -19.53 -1.03
C LYS A 157 7.00 -19.67 0.48
N PHE A 158 7.78 -20.56 1.08
CA PHE A 158 7.77 -20.61 2.54
C PHE A 158 8.16 -19.27 3.12
N GLU A 159 9.01 -18.51 2.41
CA GLU A 159 9.42 -17.20 2.90
C GLU A 159 8.24 -16.26 3.05
N HIS A 160 7.19 -16.43 2.22
CA HIS A 160 5.98 -15.62 2.36
C HIS A 160 5.32 -15.84 3.71
N LEU A 161 5.16 -17.12 4.09
CA LEU A 161 4.54 -17.47 5.36
C LEU A 161 5.34 -16.90 6.53
N ALA A 162 6.68 -17.00 6.47
CA ALA A 162 7.55 -16.50 7.53
C ALA A 162 7.48 -14.98 7.64
N ALA A 163 7.42 -14.27 6.50
CA ALA A 163 7.32 -12.82 6.54
C ALA A 163 6.01 -12.38 7.17
N ILE A 164 4.93 -13.11 6.90
CA ILE A 164 3.67 -12.79 7.56
C ILE A 164 3.80 -13.05 9.06
N ILE A 165 4.32 -14.22 9.45
CA ILE A 165 4.40 -14.57 10.87
C ILE A 165 5.23 -13.52 11.61
N ASP A 166 6.34 -13.09 11.02
CA ASP A 166 7.18 -12.07 11.64
C ASP A 166 6.39 -10.79 12.00
N GLY A 167 5.43 -10.39 11.17
CA GLY A 167 4.57 -9.23 11.42
C GLY A 167 3.37 -9.48 12.32
N VAL A 168 3.12 -10.71 12.71
CA VAL A 168 2.03 -11.00 13.64
C VAL A 168 2.56 -10.84 15.06
N GLU A 169 1.82 -10.12 15.88
CA GLU A 169 2.26 -9.74 17.21
C GLU A 169 1.96 -10.80 18.26
N ASP A 170 0.80 -11.46 18.18
CA ASP A 170 0.52 -12.59 19.07
C ASP A 170 0.85 -13.89 18.34
N LYS A 171 2.09 -14.36 18.50
CA LYS A 171 2.53 -15.52 17.74
C LYS A 171 1.97 -16.81 18.30
N SER A 172 1.26 -16.77 19.42
CA SER A 172 0.58 -17.96 19.95
C SER A 172 -0.68 -18.31 19.16
N ARG A 173 -1.16 -17.41 18.29
CA ARG A 173 -2.39 -17.60 17.52
C ARG A 173 -2.16 -17.39 16.01
N VAL A 174 -0.97 -17.73 15.52
CA VAL A 174 -0.70 -17.85 14.09
C VAL A 174 0.07 -19.14 13.82
N GLY A 175 -0.19 -19.73 12.66
CA GLY A 175 0.52 -20.92 12.23
C GLY A 175 0.31 -21.12 10.75
N VAL A 176 0.68 -22.30 10.27
CA VAL A 176 0.67 -22.60 8.85
C VAL A 176 0.09 -23.99 8.62
N CYS A 177 -0.44 -24.17 7.42
CA CYS A 177 -0.89 -25.48 6.94
C CYS A 177 -0.18 -25.69 5.61
N ILE A 178 0.50 -26.81 5.45
CA ILE A 178 1.17 -27.12 4.19
C ILE A 178 0.29 -28.05 3.37
N ASP A 179 -0.10 -27.55 2.20
CA ASP A 179 -0.82 -28.32 1.18
C ASP A 179 0.20 -28.90 0.21
N THR A 180 0.25 -30.23 0.13
CA THR A 180 1.34 -30.86 -0.62
C THR A 180 1.22 -30.60 -2.11
N CYS A 181 -0.01 -30.53 -2.65
CA CYS A 181 -0.17 -30.17 -4.06
C CYS A 181 0.36 -28.77 -4.32
N HIS A 182 0.00 -27.83 -3.46
CA HIS A 182 0.47 -26.45 -3.65
C HIS A 182 1.98 -26.37 -3.58
N ALA A 183 2.59 -27.09 -2.65
CA ALA A 183 4.04 -27.02 -2.52
C ALA A 183 4.72 -27.59 -3.77
N PHE A 184 4.21 -28.71 -4.27
CA PHE A 184 4.78 -29.34 -5.47
C PHE A 184 4.61 -28.42 -6.67
N ALA A 185 3.41 -27.87 -6.87
CA ALA A 185 3.18 -26.94 -7.97
C ALA A 185 4.10 -25.74 -7.87
N ALA A 186 4.38 -25.30 -6.65
CA ALA A 186 5.24 -24.15 -6.44
C ALA A 186 6.73 -24.49 -6.56
N GLY A 187 7.10 -25.75 -6.76
CA GLY A 187 8.48 -26.10 -6.99
C GLY A 187 9.21 -26.76 -5.82
N TYR A 188 8.49 -27.19 -4.79
CA TYR A 188 9.06 -27.95 -3.69
C TYR A 188 8.83 -29.43 -4.01
N ASP A 189 9.91 -30.13 -4.34
CA ASP A 189 9.77 -31.52 -4.78
C ASP A 189 9.38 -32.40 -3.61
N LEU A 190 8.52 -33.39 -3.90
CA LEU A 190 8.06 -34.34 -2.92
C LEU A 190 8.04 -35.77 -3.48
N ARG A 191 8.72 -36.02 -4.59
CA ARG A 191 8.55 -37.27 -5.32
C ARG A 191 9.33 -38.44 -4.72
N THR A 192 10.28 -38.18 -3.83
CA THR A 192 10.99 -39.21 -3.08
C THR A 192 11.10 -38.77 -1.64
N PRO A 193 11.38 -39.70 -0.71
CA PRO A 193 11.66 -39.29 0.68
C PRO A 193 12.79 -38.29 0.80
N ALA A 194 13.88 -38.42 0.02
CA ALA A 194 14.98 -37.47 0.12
C ALA A 194 14.53 -36.07 -0.29
N GLU A 195 13.65 -35.99 -1.30
CA GLU A 195 13.14 -34.68 -1.68
C GLU A 195 12.18 -34.13 -0.63
N CYS A 196 11.40 -34.99 0.03
CA CYS A 196 10.55 -34.53 1.12
C CYS A 196 11.40 -33.96 2.25
N GLU A 197 12.50 -34.65 2.59
CA GLU A 197 13.38 -34.15 3.65
C GLU A 197 13.99 -32.81 3.27
N LYS A 198 14.46 -32.68 2.03
CA LYS A 198 14.97 -31.40 1.54
C LYS A 198 13.94 -30.30 1.71
N THR A 199 12.73 -30.54 1.17
CA THR A 199 11.67 -29.52 1.19
C THR A 199 11.32 -29.13 2.62
N PHE A 200 11.19 -30.10 3.50
CA PHE A 200 10.81 -29.74 4.86
C PHE A 200 11.97 -29.26 5.72
N ALA A 201 13.22 -29.45 5.29
CA ALA A 201 14.35 -28.76 5.90
C ALA A 201 14.33 -27.28 5.54
N ASP A 202 13.96 -26.96 4.30
CA ASP A 202 13.70 -25.57 3.94
C ASP A 202 12.56 -25.01 4.77
N PHE A 203 11.45 -25.75 4.88
CA PHE A 203 10.35 -25.30 5.70
C PHE A 203 10.80 -25.05 7.14
N ALA A 204 11.60 -25.97 7.70
CA ALA A 204 12.02 -25.84 9.09
C ALA A 204 12.84 -24.58 9.29
N ARG A 205 13.75 -24.29 8.36
CA ARG A 205 14.62 -23.13 8.50
C ARG A 205 13.90 -21.82 8.25
N THR A 206 12.88 -21.79 7.41
CA THR A 206 12.26 -20.52 7.08
C THR A 206 11.05 -20.24 7.95
N VAL A 207 10.15 -21.20 8.08
CA VAL A 207 8.94 -21.06 8.87
C VAL A 207 9.15 -21.67 10.25
N GLY A 208 9.46 -22.95 10.29
CA GLY A 208 9.61 -23.66 11.55
C GLY A 208 8.47 -24.58 11.90
N PHE A 209 8.78 -25.81 12.31
CA PHE A 209 7.73 -26.74 12.63
C PHE A 209 6.95 -26.31 13.87
N LYS A 210 7.51 -25.38 14.67
CA LYS A 210 6.73 -24.79 15.76
C LYS A 210 5.38 -24.29 15.29
N TYR A 211 5.31 -23.77 14.08
CA TYR A 211 4.11 -23.13 13.56
C TYR A 211 3.21 -24.06 12.75
N LEU A 212 3.56 -25.34 12.58
CA LEU A 212 2.75 -26.20 11.70
C LEU A 212 1.50 -26.65 12.44
N ARG A 213 0.34 -26.25 11.92
CA ARG A 213 -0.95 -26.51 12.54
C ARG A 213 -1.85 -27.44 11.74
N GLY A 214 -1.50 -27.73 10.49
CA GLY A 214 -2.25 -28.69 9.70
C GLY A 214 -1.51 -29.01 8.43
N MET A 215 -2.03 -30.03 7.75
CA MET A 215 -1.59 -30.40 6.40
C MET A 215 -2.82 -30.61 5.54
N HIS A 216 -2.70 -30.28 4.25
CA HIS A 216 -3.63 -30.77 3.24
C HIS A 216 -2.91 -31.81 2.39
N LEU A 217 -3.41 -33.03 2.38
CA LEU A 217 -2.78 -34.16 1.70
C LEU A 217 -3.47 -34.32 0.35
N ASN A 218 -2.79 -33.85 -0.67
CA ASN A 218 -3.26 -33.80 -2.05
C ASN A 218 -2.13 -34.25 -2.94
N ASP A 219 -2.39 -35.19 -3.84
CA ASP A 219 -1.49 -35.37 -4.97
C ASP A 219 -1.76 -34.22 -5.94
N ALA A 220 -1.05 -34.21 -7.07
CA ALA A 220 -1.05 -33.09 -8.00
C ALA A 220 -1.32 -33.59 -9.41
N LYS A 221 -2.38 -33.09 -10.03
CA LYS A 221 -2.59 -33.33 -11.46
C LYS A 221 -1.63 -32.49 -12.30
N SER A 222 -1.34 -31.27 -11.82
CA SER A 222 -0.35 -30.42 -12.44
C SER A 222 1.05 -30.93 -12.17
N THR A 223 2.02 -30.35 -12.87
CA THR A 223 3.38 -30.83 -12.86
C THR A 223 4.27 -30.01 -11.92
N PHE A 224 5.47 -30.53 -11.70
CA PHE A 224 6.42 -29.95 -10.77
C PHE A 224 6.76 -28.52 -11.13
N GLY A 225 6.48 -27.58 -10.22
CA GLY A 225 6.81 -26.19 -10.48
C GLY A 225 5.95 -25.48 -11.51
N SER A 226 4.83 -26.10 -11.91
CA SER A 226 3.91 -25.50 -12.87
C SER A 226 3.19 -24.29 -12.31
N ARG A 227 3.14 -24.16 -10.99
CA ARG A 227 2.37 -23.10 -10.33
C ARG A 227 0.90 -23.10 -10.72
N VAL A 228 0.39 -24.29 -10.99
CA VAL A 228 -1.02 -24.52 -11.29
C VAL A 228 -1.60 -25.37 -10.18
N ASP A 229 -2.73 -24.92 -9.63
CA ASP A 229 -3.37 -25.59 -8.51
C ASP A 229 -4.42 -26.56 -9.01
N ARG A 230 -4.04 -27.83 -9.17
CA ARG A 230 -5.01 -28.85 -9.52
C ARG A 230 -4.65 -30.14 -8.78
N HIS A 231 -5.52 -30.56 -7.87
CA HIS A 231 -5.26 -31.72 -7.02
C HIS A 231 -5.50 -33.03 -7.79
N HIS A 232 -5.00 -34.12 -7.22
CA HIS A 232 -5.28 -35.47 -7.69
C HIS A 232 -5.42 -36.38 -6.47
N SER A 233 -6.07 -37.51 -6.68
CA SER A 233 -6.13 -38.58 -5.72
C SER A 233 -4.73 -39.06 -5.36
N LEU A 234 -4.57 -39.44 -4.09
CA LEU A 234 -3.28 -39.84 -3.57
C LEU A 234 -2.67 -40.99 -4.38
N GLY A 235 -1.46 -40.76 -4.90
CA GLY A 235 -0.75 -41.76 -5.66
C GLY A 235 -1.15 -41.88 -7.12
N GLU A 236 -2.15 -41.12 -7.59
CA GLU A 236 -2.50 -41.10 -9.00
C GLU A 236 -1.93 -39.91 -9.74
N GLY A 237 -1.34 -38.95 -9.05
CA GLY A 237 -0.79 -37.76 -9.63
C GLY A 237 0.72 -37.81 -9.73
N ASN A 238 1.31 -36.64 -9.95
CA ASN A 238 2.74 -36.52 -10.19
C ASN A 238 3.57 -36.52 -8.94
N ILE A 239 2.96 -36.48 -7.75
CA ILE A 239 3.74 -36.65 -6.53
C ILE A 239 3.95 -38.15 -6.25
N GLY A 240 2.89 -38.93 -6.31
CA GLY A 240 2.95 -40.36 -5.99
C GLY A 240 2.72 -40.64 -4.54
N HIS A 241 2.70 -41.94 -4.22
CA HIS A 241 2.40 -42.38 -2.87
C HIS A 241 3.53 -42.08 -1.89
N ASP A 242 4.78 -42.05 -2.34
CA ASP A 242 5.90 -42.08 -1.41
C ASP A 242 5.87 -40.90 -0.44
N ALA A 243 5.53 -39.70 -0.91
CA ALA A 243 5.48 -38.57 0.00
C ALA A 243 4.50 -38.83 1.14
N PHE A 244 3.41 -39.53 0.87
CA PHE A 244 2.40 -39.75 1.89
C PHE A 244 2.79 -40.92 2.79
N ARG A 245 3.49 -41.93 2.24
CA ARG A 245 4.15 -42.90 3.12
C ARG A 245 5.10 -42.20 4.10
N TRP A 246 5.91 -41.27 3.59
CA TRP A 246 6.91 -40.60 4.40
C TRP A 246 6.27 -39.71 5.45
N ILE A 247 5.21 -38.96 5.09
CA ILE A 247 4.52 -38.09 6.05
C ILE A 247 3.93 -38.92 7.19
N MET A 248 3.29 -40.04 6.86
CA MET A 248 2.61 -40.82 7.89
C MET A 248 3.57 -41.41 8.90
N GLN A 249 4.83 -41.66 8.52
CA GLN A 249 5.84 -42.25 9.39
C GLN A 249 6.67 -41.21 10.13
N ASP A 250 6.59 -39.94 9.74
CA ASP A 250 7.42 -38.89 10.33
C ASP A 250 6.62 -38.19 11.42
N ASP A 251 7.22 -38.07 12.61
CA ASP A 251 6.48 -37.55 13.77
C ASP A 251 6.31 -36.02 13.76
N ARG A 252 6.91 -35.30 12.82
CA ARG A 252 6.68 -33.86 12.73
C ARG A 252 5.29 -33.52 12.21
N PHE A 253 4.54 -34.50 11.71
CA PHE A 253 3.17 -34.30 11.25
C PHE A 253 2.13 -34.89 12.21
N ASP A 254 2.52 -35.12 13.48
CA ASP A 254 1.60 -35.63 14.49
C ASP A 254 0.78 -34.51 15.15
N GLY A 255 -0.39 -34.88 15.65
CA GLY A 255 -1.20 -34.01 16.48
C GLY A 255 -1.95 -32.90 15.78
N ILE A 256 -2.05 -32.94 14.45
CA ILE A 256 -2.65 -31.83 13.69
C ILE A 256 -3.62 -32.42 12.66
N PRO A 257 -4.63 -31.68 12.21
CA PRO A 257 -5.51 -32.19 11.14
C PRO A 257 -4.73 -32.40 9.84
N LEU A 258 -4.77 -33.65 9.35
CA LEU A 258 -4.28 -34.01 8.01
C LEU A 258 -5.49 -34.22 7.11
N ILE A 259 -5.69 -33.34 6.13
CA ILE A 259 -6.96 -33.17 5.45
C ILE A 259 -6.83 -33.48 3.96
N LEU A 260 -7.55 -34.52 3.52
CA LEU A 260 -7.62 -34.77 2.09
C LEU A 260 -8.48 -33.72 1.39
N GLU A 261 -7.99 -33.22 0.28
CA GLU A 261 -8.78 -32.42 -0.66
C GLU A 261 -8.63 -33.00 -2.06
N THR A 262 -8.59 -34.32 -2.10
CA THR A 262 -8.35 -35.06 -3.33
C THR A 262 -9.61 -35.07 -4.19
N ILE A 263 -9.40 -35.28 -5.49
CA ILE A 263 -10.43 -34.91 -6.45
C ILE A 263 -11.57 -35.90 -6.57
N ASN A 264 -11.43 -37.09 -6.01
CA ASN A 264 -12.48 -38.11 -6.11
C ASN A 264 -12.95 -38.49 -4.72
N PRO A 265 -14.04 -37.89 -4.23
CA PRO A 265 -14.46 -38.17 -2.86
C PRO A 265 -15.00 -39.56 -2.65
N ASP A 266 -15.35 -40.27 -3.74
CA ASP A 266 -15.74 -41.66 -3.60
C ASP A 266 -14.60 -42.56 -3.10
N ILE A 267 -13.36 -42.10 -3.10
CA ILE A 267 -12.31 -42.94 -2.52
C ILE A 267 -11.68 -42.28 -1.28
N TRP A 268 -12.32 -41.26 -0.71
CA TRP A 268 -11.80 -40.68 0.53
C TRP A 268 -11.69 -41.70 1.64
N ALA A 269 -12.71 -42.53 1.81
CA ALA A 269 -12.63 -43.56 2.84
C ALA A 269 -11.44 -44.50 2.62
N GLU A 270 -11.24 -44.91 1.38
CA GLU A 270 -10.06 -45.70 1.02
C GLU A 270 -8.77 -44.96 1.33
N GLU A 271 -8.69 -43.67 0.98
CA GLU A 271 -7.47 -42.90 1.22
C GLU A 271 -7.19 -42.76 2.72
N ILE A 272 -8.22 -42.46 3.51
CA ILE A 272 -8.09 -42.40 4.96
C ILE A 272 -7.58 -43.74 5.50
N ALA A 273 -8.19 -44.83 5.09
CA ALA A 273 -7.76 -46.13 5.60
C ALA A 273 -6.33 -46.42 5.21
N TRP A 274 -5.93 -46.11 3.97
CA TRP A 274 -4.57 -46.29 3.52
C TRP A 274 -3.59 -45.50 4.38
N LEU A 275 -3.93 -44.25 4.68
CA LEU A 275 -3.05 -43.43 5.50
C LEU A 275 -2.88 -44.01 6.89
N LYS A 276 -4.01 -44.41 7.51
CA LYS A 276 -3.96 -45.02 8.85
C LYS A 276 -3.10 -46.29 8.86
N ALA A 277 -3.24 -47.13 7.81
CA ALA A 277 -2.53 -48.40 7.78
C ALA A 277 -1.02 -48.21 7.71
N GLN A 278 -0.57 -47.08 7.17
CA GLN A 278 0.84 -46.82 7.12
C GLN A 278 1.46 -46.75 8.51
N GLN A 279 0.67 -46.48 9.55
CA GLN A 279 1.22 -46.36 10.89
C GLN A 279 1.44 -47.70 11.57
N THR A 280 0.94 -48.79 11.00
CA THR A 280 1.09 -50.11 11.60
C THR A 280 2.55 -50.53 11.55
N GLU A 281 3.04 -51.11 12.65
CA GLU A 281 4.41 -51.56 12.69
C GLU A 281 4.58 -52.71 11.72
N LYS A 282 5.57 -52.61 10.85
CA LYS A 282 5.82 -53.60 9.82
C LYS A 282 7.09 -54.39 10.14
N ALA A 283 7.04 -55.68 9.87
CA ALA A 283 8.14 -56.56 10.21
C ALA A 283 9.32 -56.32 9.28
N VAL A 284 10.49 -56.76 9.74
CA VAL A 284 11.73 -56.60 9.01
C VAL A 284 11.73 -57.45 7.74
N MET B 1 -32.88 6.22 -22.99
CA MET B 1 -31.66 6.80 -23.58
C MET B 1 -30.79 5.68 -24.16
N LYS B 2 -30.12 5.92 -25.27
CA LYS B 2 -29.23 4.93 -25.87
C LYS B 2 -27.81 5.46 -25.99
N TYR B 3 -26.84 4.58 -25.81
CA TYR B 3 -25.41 4.89 -25.83
C TYR B 3 -24.81 4.23 -27.07
N ILE B 4 -24.15 5.03 -27.91
CA ILE B 4 -23.82 4.63 -29.28
C ILE B 4 -22.36 4.97 -29.52
N GLY B 5 -21.57 3.98 -29.89
CA GLY B 5 -20.17 4.21 -30.18
C GLY B 5 -19.54 3.12 -30.99
N ALA B 6 -18.23 2.97 -30.81
CA ALA B 6 -17.44 2.01 -31.55
C ALA B 6 -16.32 1.49 -30.66
N HIS B 7 -15.74 0.39 -31.10
CA HIS B 7 -14.56 -0.14 -30.46
C HIS B 7 -13.35 0.58 -31.04
N VAL B 8 -12.84 1.55 -30.28
CA VAL B 8 -11.79 2.45 -30.73
C VAL B 8 -10.43 1.94 -30.24
N SER B 9 -9.37 2.42 -30.88
CA SER B 9 -8.02 2.06 -30.48
C SER B 9 -7.67 2.67 -29.14
N ALA B 10 -6.97 1.91 -28.31
CA ALA B 10 -6.44 2.40 -27.04
C ALA B 10 -4.95 2.67 -27.09
N ALA B 11 -4.39 2.80 -28.29
CA ALA B 11 -2.96 3.05 -28.42
C ALA B 11 -2.58 4.39 -27.80
N GLY B 12 -1.33 4.47 -27.34
CA GLY B 12 -0.83 5.69 -26.76
C GLY B 12 -1.37 6.01 -25.40
N GLY B 13 -2.04 5.06 -24.74
CA GLY B 13 -2.62 5.28 -23.44
C GLY B 13 -4.11 5.09 -23.49
N LEU B 14 -4.69 4.46 -22.46
CA LEU B 14 -6.12 4.14 -22.53
C LEU B 14 -6.97 5.39 -22.61
N ALA B 15 -6.50 6.50 -22.03
CA ALA B 15 -7.24 7.75 -22.12
C ALA B 15 -7.56 8.10 -23.56
N ASN B 16 -6.70 7.71 -24.50
CA ASN B 16 -6.92 8.02 -25.90
C ASN B 16 -8.13 7.30 -26.49
N ALA B 17 -8.55 6.20 -25.90
CA ALA B 17 -9.83 5.62 -26.31
C ALA B 17 -10.96 6.62 -26.14
N ALA B 18 -11.04 7.27 -24.98
CA ALA B 18 -12.11 8.23 -24.74
C ALA B 18 -11.97 9.42 -25.68
N ILE B 19 -10.75 9.90 -25.90
CA ILE B 19 -10.52 11.02 -26.81
C ILE B 19 -10.98 10.67 -28.21
N ARG B 20 -10.61 9.47 -28.71
CA ARG B 20 -11.01 9.06 -30.05
C ARG B 20 -12.52 8.88 -30.17
N ALA B 21 -13.16 8.34 -29.12
CA ALA B 21 -14.62 8.22 -29.11
C ALA B 21 -15.27 9.58 -29.22
N ALA B 22 -14.75 10.59 -28.51
CA ALA B 22 -15.34 11.92 -28.55
C ALA B 22 -15.19 12.55 -29.92
N GLU B 23 -14.09 12.25 -30.63
CA GLU B 23 -13.85 12.82 -31.94
C GLU B 23 -14.86 12.37 -32.98
N ILE B 24 -15.49 11.21 -32.77
CA ILE B 24 -16.48 10.71 -33.70
C ILE B 24 -17.88 10.84 -33.11
N ASP B 25 -18.00 11.66 -32.08
CA ASP B 25 -19.25 11.98 -31.40
C ASP B 25 -19.92 10.72 -30.83
N ALA B 26 -19.12 9.79 -30.32
CA ALA B 26 -19.67 8.62 -29.66
C ALA B 26 -20.17 8.95 -28.27
N THR B 27 -21.23 8.25 -27.86
CA THR B 27 -21.75 8.31 -26.50
C THR B 27 -21.57 6.98 -25.79
N ALA B 28 -20.79 6.07 -26.39
CA ALA B 28 -20.29 4.86 -25.78
C ALA B 28 -18.98 4.53 -26.47
N PHE B 29 -18.19 3.65 -25.85
CA PHE B 29 -17.06 3.11 -26.57
C PHE B 29 -16.66 1.78 -25.96
N ALA B 30 -15.92 1.01 -26.74
CA ALA B 30 -15.28 -0.22 -26.32
C ALA B 30 -13.80 -0.08 -26.62
N LEU B 31 -13.01 -0.94 -25.99
CA LEU B 31 -11.56 -0.91 -26.08
C LEU B 31 -11.05 -2.24 -25.54
N PHE B 32 -9.80 -2.52 -25.85
CA PHE B 32 -8.98 -3.45 -25.06
C PHE B 32 -8.16 -2.63 -24.05
N THR B 33 -7.90 -3.20 -22.88
CA THR B 33 -7.04 -2.54 -21.91
C THR B 33 -5.60 -3.02 -22.01
N LYS B 34 -5.34 -4.01 -22.86
CA LYS B 34 -4.00 -4.53 -23.10
C LYS B 34 -4.05 -5.30 -24.41
N ASN B 35 -2.87 -5.58 -24.96
CA ASN B 35 -2.79 -6.23 -26.27
C ASN B 35 -3.56 -7.54 -26.30
N GLN B 36 -4.43 -7.70 -27.28
CA GLN B 36 -5.37 -8.81 -27.30
C GLN B 36 -4.77 -10.13 -27.75
N ARG B 37 -3.50 -10.16 -28.15
CA ARG B 37 -2.84 -11.43 -28.49
C ARG B 37 -1.67 -11.74 -27.56
N GLN B 38 -1.59 -11.09 -26.40
CA GLN B 38 -0.56 -11.38 -25.42
C GLN B 38 -1.16 -11.73 -24.08
N TRP B 39 -0.51 -12.65 -23.38
CA TRP B 39 -1.05 -13.15 -22.13
C TRP B 39 -0.89 -12.14 -21.00
N ARG B 40 0.31 -11.60 -20.87
CA ARG B 40 0.68 -10.71 -19.77
C ARG B 40 0.90 -9.29 -20.26
N ALA B 41 0.54 -8.32 -19.43
CA ALA B 41 0.86 -6.92 -19.71
C ALA B 41 1.31 -6.24 -18.43
N ALA B 42 2.02 -5.14 -18.59
CA ALA B 42 2.47 -4.38 -17.43
C ALA B 42 1.27 -3.91 -16.62
N PRO B 43 1.38 -3.90 -15.29
CA PRO B 43 0.30 -3.34 -14.46
C PRO B 43 -0.05 -1.92 -14.88
N LEU B 44 -1.31 -1.56 -14.65
CA LEU B 44 -1.70 -0.17 -14.88
C LEU B 44 -1.04 0.72 -13.84
N THR B 45 -0.47 1.84 -14.30
CA THR B 45 0.12 2.83 -13.41
C THR B 45 -0.96 3.79 -12.91
N THR B 46 -0.67 4.43 -11.79
CA THR B 46 -1.54 5.50 -11.32
C THR B 46 -1.75 6.56 -12.39
N GLN B 47 -0.71 6.86 -13.17
CA GLN B 47 -0.85 7.89 -14.19
C GLN B 47 -1.84 7.47 -15.26
N THR B 48 -1.69 6.25 -15.78
CA THR B 48 -2.64 5.74 -16.78
C THR B 48 -4.06 5.73 -16.24
N ILE B 49 -4.26 5.27 -15.00
CA ILE B 49 -5.59 5.24 -14.42
C ILE B 49 -6.15 6.65 -14.28
N ASP B 50 -5.36 7.54 -13.67
CA ASP B 50 -5.82 8.92 -13.46
C ASP B 50 -6.15 9.62 -14.78
N GLU B 51 -5.31 9.42 -15.80
CA GLU B 51 -5.54 10.06 -17.09
C GLU B 51 -6.76 9.46 -17.81
N PHE B 52 -6.95 8.14 -17.71
CA PHE B 52 -8.14 7.51 -18.29
C PHE B 52 -9.39 8.08 -17.64
N LYS B 53 -9.45 8.08 -16.31
CA LYS B 53 -10.63 8.56 -15.61
C LYS B 53 -10.89 10.03 -15.90
N ALA B 54 -9.84 10.84 -15.99
CA ALA B 54 -10.01 12.25 -16.30
C ALA B 54 -10.58 12.44 -17.70
N ALA B 55 -10.15 11.61 -18.68
CA ALA B 55 -10.67 11.78 -20.02
C ALA B 55 -12.08 11.26 -20.13
N CYS B 56 -12.41 10.19 -19.38
CA CYS B 56 -13.80 9.74 -19.34
C CYS B 56 -14.71 10.81 -18.76
N GLU B 57 -14.25 11.51 -17.71
CA GLU B 57 -15.05 12.59 -17.16
C GLU B 57 -15.12 13.79 -18.10
N LYS B 58 -13.98 14.16 -18.72
CA LYS B 58 -13.98 15.30 -19.64
C LYS B 58 -14.94 15.11 -20.82
N TYR B 59 -15.00 13.90 -21.36
CA TYR B 59 -15.78 13.59 -22.56
C TYR B 59 -17.09 12.88 -22.24
N HIS B 60 -17.49 12.84 -20.97
CA HIS B 60 -18.82 12.38 -20.57
C HIS B 60 -19.07 10.91 -20.89
N TYR B 61 -18.13 10.05 -20.48
CA TYR B 61 -18.33 8.62 -20.56
C TYR B 61 -18.39 8.06 -19.14
N THR B 62 -19.60 7.76 -18.67
CA THR B 62 -19.71 7.04 -17.42
C THR B 62 -19.44 5.56 -17.64
N SER B 63 -19.25 4.85 -16.54
CA SER B 63 -18.96 3.42 -16.62
C SER B 63 -20.10 2.66 -17.30
N ALA B 64 -21.33 3.20 -17.23
CA ALA B 64 -22.45 2.56 -17.93
C ALA B 64 -22.30 2.60 -19.45
N GLN B 65 -21.42 3.44 -19.98
CA GLN B 65 -21.28 3.66 -21.41
C GLN B 65 -20.05 3.00 -22.01
N ILE B 66 -19.31 2.20 -21.24
CA ILE B 66 -18.02 1.68 -21.66
C ILE B 66 -18.03 0.16 -21.53
N LEU B 67 -17.68 -0.54 -22.62
CA LEU B 67 -17.73 -1.99 -22.72
C LEU B 67 -16.40 -2.55 -23.20
N PRO B 68 -15.43 -2.68 -22.28
CA PRO B 68 -14.15 -3.29 -22.67
C PRO B 68 -14.33 -4.72 -23.16
N HIS B 69 -13.41 -5.14 -24.02
CA HIS B 69 -13.37 -6.49 -24.56
C HIS B 69 -12.13 -7.19 -24.05
N ASP B 70 -12.28 -8.44 -23.58
CA ASP B 70 -11.11 -9.19 -23.15
C ASP B 70 -10.28 -9.74 -24.33
N SER B 71 -9.11 -10.28 -23.98
CA SER B 71 -8.19 -10.81 -24.96
C SER B 71 -8.76 -12.05 -25.66
N TYR B 72 -8.34 -12.26 -26.88
CA TYR B 72 -8.76 -13.41 -27.66
C TYR B 72 -8.07 -14.70 -27.22
N LEU B 73 -7.02 -14.60 -26.42
CA LEU B 73 -6.29 -15.79 -25.99
C LEU B 73 -7.04 -16.58 -24.92
N ILE B 74 -7.95 -15.92 -24.21
CA ILE B 74 -8.62 -16.50 -23.06
C ILE B 74 -9.65 -17.51 -23.52
N ASN B 75 -9.60 -18.73 -22.96
CA ASN B 75 -10.62 -19.75 -23.17
C ASN B 75 -11.11 -20.25 -21.81
N LEU B 76 -12.19 -19.68 -21.31
CA LEU B 76 -12.72 -20.04 -19.99
C LEU B 76 -13.36 -21.43 -19.97
N GLY B 77 -13.40 -22.12 -21.12
CA GLY B 77 -13.89 -23.49 -21.16
C GLY B 77 -12.82 -24.49 -21.58
N HIS B 78 -11.56 -24.08 -21.51
CA HIS B 78 -10.48 -24.88 -22.09
C HIS B 78 -10.45 -26.27 -21.49
N PRO B 79 -10.32 -27.33 -22.31
CA PRO B 79 -10.17 -28.70 -21.75
C PRO B 79 -8.81 -28.97 -21.11
N VAL B 80 -7.78 -28.20 -21.44
CA VAL B 80 -6.42 -28.43 -20.96
C VAL B 80 -6.25 -27.65 -19.65
N THR B 81 -5.94 -28.37 -18.57
CA THR B 81 -5.93 -27.76 -17.24
C THR B 81 -5.10 -26.48 -17.19
N GLU B 82 -3.84 -26.55 -17.63
CA GLU B 82 -3.01 -25.37 -17.43
C GLU B 82 -3.39 -24.23 -18.37
N ALA B 83 -4.07 -24.53 -19.48
CA ALA B 83 -4.57 -23.45 -20.31
C ALA B 83 -5.89 -22.89 -19.80
N LEU B 84 -6.72 -23.74 -19.19
CA LEU B 84 -7.88 -23.24 -18.48
C LEU B 84 -7.48 -22.26 -17.38
N GLU B 85 -6.47 -22.62 -16.59
CA GLU B 85 -6.04 -21.77 -15.48
C GLU B 85 -5.25 -20.56 -15.95
N LYS B 86 -4.48 -20.68 -17.04
CA LYS B 86 -3.90 -19.50 -17.66
C LYS B 86 -5.00 -18.50 -18.03
N SER B 87 -6.08 -19.01 -18.62
CA SER B 87 -7.20 -18.17 -19.02
C SER B 87 -7.92 -17.57 -17.82
N ARG B 88 -8.16 -18.37 -16.78
CA ARG B 88 -8.79 -17.86 -15.57
C ARG B 88 -7.95 -16.77 -14.91
N ASP B 89 -6.62 -16.97 -14.77
CA ASP B 89 -5.76 -15.93 -14.21
C ASP B 89 -5.82 -14.66 -15.05
N ALA B 90 -5.77 -14.81 -16.37
CA ALA B 90 -5.85 -13.63 -17.23
C ALA B 90 -7.22 -12.98 -17.17
N PHE B 91 -8.31 -13.77 -17.10
CA PHE B 91 -9.63 -13.16 -16.98
C PHE B 91 -9.76 -12.39 -15.67
N ILE B 92 -9.30 -12.98 -14.58
CA ILE B 92 -9.25 -12.29 -13.28
C ILE B 92 -8.54 -10.95 -13.43
N ASP B 93 -7.36 -10.96 -14.09
CA ASP B 93 -6.58 -9.73 -14.25
C ASP B 93 -7.32 -8.71 -15.10
N GLU B 94 -7.99 -9.17 -16.17
CA GLU B 94 -8.79 -8.25 -16.98
C GLU B 94 -9.88 -7.58 -16.14
N MET B 95 -10.58 -8.38 -15.33
CA MET B 95 -11.64 -7.82 -14.50
C MET B 95 -11.07 -6.85 -13.46
N GLN B 96 -9.89 -7.16 -12.91
CA GLN B 96 -9.26 -6.28 -11.94
C GLN B 96 -8.79 -5.00 -12.62
N ARG B 97 -8.26 -5.08 -13.85
CA ARG B 97 -7.95 -3.85 -14.58
C ARG B 97 -9.19 -2.99 -14.78
N CYS B 98 -10.34 -3.62 -15.05
CA CYS B 98 -11.60 -2.85 -15.14
C CYS B 98 -11.92 -2.16 -13.81
N GLU B 99 -11.85 -2.89 -12.71
CA GLU B 99 -12.04 -2.27 -11.40
C GLU B 99 -11.14 -1.04 -11.26
N GLN B 100 -9.85 -1.19 -11.60
CA GLN B 100 -8.89 -0.10 -11.42
C GLN B 100 -9.27 1.12 -12.26
N LEU B 101 -9.82 0.89 -13.46
CA LEU B 101 -10.17 1.96 -14.39
C LEU B 101 -11.54 2.57 -14.13
N GLY B 102 -12.28 2.06 -13.16
CA GLY B 102 -13.62 2.54 -12.90
C GLY B 102 -14.68 1.96 -13.80
N LEU B 103 -14.36 0.88 -14.50
CA LEU B 103 -15.30 0.21 -15.39
C LEU B 103 -16.06 -0.88 -14.65
N SER B 104 -17.23 -1.23 -15.20
CA SER B 104 -18.17 -2.09 -14.50
C SER B 104 -18.66 -3.24 -15.36
N LEU B 105 -18.17 -3.36 -16.60
CA LEU B 105 -18.61 -4.37 -17.56
C LEU B 105 -17.37 -4.92 -18.27
N LEU B 106 -17.36 -6.23 -18.51
CA LEU B 106 -16.30 -6.84 -19.33
C LEU B 106 -16.95 -7.86 -20.27
N ASN B 107 -16.76 -7.62 -21.57
CA ASN B 107 -17.33 -8.43 -22.64
C ASN B 107 -16.32 -9.48 -23.07
N PHE B 108 -16.75 -10.73 -23.16
CA PHE B 108 -15.83 -11.79 -23.54
C PHE B 108 -16.57 -12.88 -24.30
N HIS B 109 -15.88 -13.54 -25.20
CA HIS B 109 -16.45 -14.74 -25.79
C HIS B 109 -16.30 -15.90 -24.83
N PRO B 110 -17.30 -16.78 -24.73
CA PRO B 110 -17.33 -17.68 -23.59
C PRO B 110 -16.28 -18.78 -23.61
N GLY B 111 -15.99 -19.41 -24.75
CA GLY B 111 -14.99 -20.46 -24.76
C GLY B 111 -15.27 -21.54 -25.78
N SER B 112 -14.32 -22.47 -25.85
CA SER B 112 -14.36 -23.54 -26.83
C SER B 112 -13.94 -24.87 -26.23
N HIS B 113 -14.59 -25.95 -26.66
CA HIS B 113 -14.31 -27.27 -26.11
C HIS B 113 -13.18 -28.00 -26.82
N LEU B 114 -12.77 -27.54 -28.03
CA LEU B 114 -11.63 -28.11 -28.76
C LEU B 114 -11.76 -29.62 -29.01
N MET B 115 -13.01 -30.12 -29.04
CA MET B 115 -13.33 -31.52 -29.29
C MET B 115 -12.76 -32.46 -28.22
N GLN B 116 -12.37 -31.94 -27.05
CA GLN B 116 -11.76 -32.79 -26.03
C GLN B 116 -12.60 -32.89 -24.75
N ILE B 117 -13.72 -32.18 -24.68
CA ILE B 117 -14.71 -32.34 -23.61
C ILE B 117 -16.07 -32.06 -24.23
N SER B 118 -17.12 -32.51 -23.55
CA SER B 118 -18.46 -32.35 -24.06
C SER B 118 -18.88 -30.89 -23.96
N GLU B 119 -19.81 -30.49 -24.83
CA GLU B 119 -20.39 -29.17 -24.75
C GLU B 119 -20.88 -28.88 -23.34
N GLU B 120 -21.50 -29.89 -22.71
CA GLU B 120 -22.06 -29.71 -21.37
C GLU B 120 -20.97 -29.46 -20.34
N ASP B 121 -19.87 -30.22 -20.38
CA ASP B 121 -18.78 -29.97 -19.44
C ASP B 121 -18.09 -28.63 -19.72
N CYS B 122 -17.99 -28.25 -20.99
CA CYS B 122 -17.38 -26.97 -21.34
C CYS B 122 -18.22 -25.79 -20.82
N LEU B 123 -19.54 -25.84 -20.99
CA LEU B 123 -20.38 -24.76 -20.47
C LEU B 123 -20.27 -24.68 -18.94
N ALA B 124 -20.17 -25.82 -18.25
CA ALA B 124 -20.02 -25.76 -16.81
C ALA B 124 -18.65 -25.20 -16.42
N ARG B 125 -17.59 -25.54 -17.16
CA ARG B 125 -16.28 -24.94 -16.89
C ARG B 125 -16.35 -23.42 -17.05
N ILE B 126 -17.05 -22.95 -18.08
CA ILE B 126 -17.11 -21.51 -18.33
C ILE B 126 -17.81 -20.82 -17.17
N ALA B 127 -18.94 -21.39 -16.72
CA ALA B 127 -19.65 -20.81 -15.58
C ALA B 127 -18.75 -20.80 -14.34
N GLU B 128 -18.02 -21.88 -14.09
CA GLU B 128 -17.10 -21.90 -12.95
C GLU B 128 -15.99 -20.87 -13.12
N SER B 129 -15.49 -20.67 -14.36
CA SER B 129 -14.49 -19.63 -14.56
C SER B 129 -15.04 -18.27 -14.15
N ILE B 130 -16.28 -17.98 -14.53
CA ILE B 130 -16.90 -16.71 -14.19
C ILE B 130 -17.05 -16.61 -12.68
N ASN B 131 -17.48 -17.70 -12.05
CA ASN B 131 -17.64 -17.71 -10.60
C ASN B 131 -16.32 -17.37 -9.90
N ILE B 132 -15.21 -17.91 -10.40
CA ILE B 132 -13.89 -17.65 -9.85
C ILE B 132 -13.54 -16.16 -9.97
N ALA B 133 -13.80 -15.57 -11.15
CA ALA B 133 -13.48 -14.16 -11.31
C ALA B 133 -14.34 -13.28 -10.41
N LEU B 134 -15.62 -13.65 -10.23
CA LEU B 134 -16.50 -12.87 -9.36
C LEU B 134 -16.13 -13.03 -7.89
N ASP B 135 -15.55 -14.18 -7.51
CA ASP B 135 -14.99 -14.34 -6.17
C ASP B 135 -13.94 -13.28 -5.87
N LYS B 136 -13.13 -12.92 -6.87
CA LYS B 136 -11.91 -12.13 -6.69
C LYS B 136 -12.06 -10.66 -7.02
N THR B 137 -13.25 -10.21 -7.43
CA THR B 137 -13.48 -8.84 -7.85
C THR B 137 -14.82 -8.40 -7.30
N GLN B 138 -15.07 -7.10 -7.39
CA GLN B 138 -16.35 -6.50 -7.03
C GLN B 138 -16.73 -5.47 -8.07
N GLY B 139 -18.02 -5.33 -8.33
CA GLY B 139 -18.52 -4.26 -9.17
C GLY B 139 -18.31 -4.40 -10.68
N VAL B 140 -17.79 -5.53 -11.15
CA VAL B 140 -17.65 -5.79 -12.58
C VAL B 140 -18.55 -6.95 -12.97
N THR B 141 -19.41 -6.72 -13.96
CA THR B 141 -20.24 -7.77 -14.55
C THR B 141 -19.50 -8.46 -15.70
N ALA B 142 -19.45 -9.79 -15.65
CA ALA B 142 -18.96 -10.61 -16.75
C ALA B 142 -20.03 -10.65 -17.84
N VAL B 143 -19.76 -10.01 -18.97
CA VAL B 143 -20.74 -9.90 -20.05
C VAL B 143 -20.39 -10.89 -21.15
N ILE B 144 -21.20 -11.95 -21.27
CA ILE B 144 -20.96 -13.01 -22.24
C ILE B 144 -21.44 -12.53 -23.61
N GLU B 145 -20.52 -12.51 -24.59
CA GLU B 145 -20.87 -12.16 -25.96
C GLU B 145 -21.25 -13.43 -26.71
N ASN B 146 -22.37 -13.39 -27.43
CA ASN B 146 -22.67 -14.51 -28.31
C ASN B 146 -21.66 -14.54 -29.48
N THR B 147 -21.47 -15.72 -30.03
CA THR B 147 -20.45 -15.96 -31.03
C THR B 147 -21.08 -16.48 -32.33
N ALA B 148 -20.27 -16.46 -33.38
CA ALA B 148 -20.71 -17.02 -34.65
C ALA B 148 -20.75 -18.55 -34.63
N GLY B 149 -20.00 -19.19 -33.75
CA GLY B 149 -19.91 -20.64 -33.75
C GLY B 149 -18.90 -21.24 -34.69
N GLN B 150 -17.79 -20.55 -34.96
CA GLN B 150 -16.70 -21.15 -35.70
C GLN B 150 -16.05 -22.26 -34.86
N GLY B 151 -15.66 -23.34 -35.53
CA GLY B 151 -14.88 -24.38 -34.84
C GLY B 151 -15.68 -24.96 -33.68
N SER B 152 -15.07 -24.99 -32.50
CA SER B 152 -15.76 -25.46 -31.32
C SER B 152 -16.15 -24.32 -30.37
N ASN B 153 -16.17 -23.09 -30.87
CA ASN B 153 -16.66 -21.98 -30.05
C ASN B 153 -18.10 -22.22 -29.64
N LEU B 154 -18.38 -22.03 -28.35
CA LEU B 154 -19.73 -22.06 -27.82
C LEU B 154 -20.25 -20.62 -27.69
N GLY B 155 -21.49 -20.49 -27.26
CA GLY B 155 -22.15 -19.20 -27.21
C GLY B 155 -22.85 -18.79 -28.50
N PHE B 156 -22.97 -19.69 -29.47
CA PHE B 156 -23.67 -19.30 -30.69
C PHE B 156 -25.17 -19.58 -30.62
N LYS B 157 -25.60 -20.41 -29.67
CA LYS B 157 -27.02 -20.59 -29.38
C LYS B 157 -27.33 -19.78 -28.13
N PHE B 158 -28.48 -19.08 -28.11
CA PHE B 158 -28.90 -18.43 -26.88
C PHE B 158 -28.99 -19.42 -25.71
N GLU B 159 -29.31 -20.70 -26.00
CA GLU B 159 -29.36 -21.72 -24.95
C GLU B 159 -28.01 -21.88 -24.25
N HIS B 160 -26.91 -21.71 -24.97
CA HIS B 160 -25.59 -21.76 -24.35
C HIS B 160 -25.43 -20.65 -23.32
N LEU B 161 -25.84 -19.42 -23.68
CA LEU B 161 -25.76 -18.30 -22.75
C LEU B 161 -26.63 -18.56 -21.52
N ALA B 162 -27.83 -19.10 -21.74
CA ALA B 162 -28.71 -19.43 -20.62
C ALA B 162 -28.08 -20.48 -19.71
N ALA B 163 -27.44 -21.49 -20.29
CA ALA B 163 -26.80 -22.54 -19.49
C ALA B 163 -25.65 -21.99 -18.66
N ILE B 164 -24.84 -21.11 -19.24
CA ILE B 164 -23.74 -20.50 -18.48
C ILE B 164 -24.31 -19.69 -17.32
N ILE B 165 -25.31 -18.86 -17.58
CA ILE B 165 -25.86 -18.00 -16.54
C ILE B 165 -26.46 -18.85 -15.43
N ASP B 166 -27.12 -19.93 -15.78
CA ASP B 166 -27.68 -20.83 -14.78
C ASP B 166 -26.61 -21.32 -13.83
N GLY B 167 -25.40 -21.56 -14.33
CA GLY B 167 -24.28 -22.00 -13.49
C GLY B 167 -23.56 -20.92 -12.72
N VAL B 168 -23.86 -19.65 -12.98
CA VAL B 168 -23.19 -18.56 -12.29
C VAL B 168 -23.92 -18.33 -10.98
N GLU B 169 -23.18 -18.34 -9.86
CA GLU B 169 -23.84 -18.25 -8.56
C GLU B 169 -24.36 -16.85 -8.31
N ASP B 170 -23.52 -15.83 -8.47
CA ASP B 170 -23.98 -14.45 -8.30
C ASP B 170 -24.50 -13.94 -9.64
N LYS B 171 -25.80 -14.09 -9.86
CA LYS B 171 -26.39 -13.71 -11.13
C LYS B 171 -26.51 -12.20 -11.30
N SER B 172 -26.26 -11.42 -10.24
CA SER B 172 -26.27 -9.97 -10.41
C SER B 172 -25.03 -9.45 -11.16
N ARG B 173 -24.04 -10.29 -11.42
CA ARG B 173 -22.81 -9.85 -12.07
C ARG B 173 -22.46 -10.70 -13.29
N VAL B 174 -23.46 -11.30 -13.92
CA VAL B 174 -23.32 -11.92 -15.24
C VAL B 174 -24.39 -11.33 -16.14
N GLY B 175 -24.04 -11.15 -17.40
CA GLY B 175 -24.95 -10.67 -18.41
C GLY B 175 -24.56 -11.12 -19.79
N VAL B 176 -25.17 -10.53 -20.81
CA VAL B 176 -24.88 -10.90 -22.18
C VAL B 176 -24.80 -9.66 -23.07
N CYS B 177 -23.99 -9.78 -24.10
CA CYS B 177 -23.93 -8.80 -25.18
C CYS B 177 -24.33 -9.55 -26.45
N ILE B 178 -25.30 -9.01 -27.19
CA ILE B 178 -25.66 -9.60 -28.47
C ILE B 178 -24.93 -8.85 -29.59
N ASP B 179 -24.11 -9.59 -30.32
CA ASP B 179 -23.45 -9.14 -31.55
C ASP B 179 -24.29 -9.59 -32.73
N THR B 180 -24.75 -8.62 -33.53
CA THR B 180 -25.74 -8.92 -34.56
C THR B 180 -25.13 -9.76 -35.69
N CYS B 181 -23.88 -9.50 -36.06
CA CYS B 181 -23.22 -10.37 -37.04
C CYS B 181 -23.14 -11.81 -36.54
N HIS B 182 -22.70 -12.00 -35.31
CA HIS B 182 -22.56 -13.34 -34.77
C HIS B 182 -23.91 -14.07 -34.78
N ALA B 183 -24.96 -13.40 -34.33
CA ALA B 183 -26.29 -14.00 -34.31
C ALA B 183 -26.70 -14.43 -35.71
N PHE B 184 -26.51 -13.55 -36.70
CA PHE B 184 -26.89 -13.88 -38.07
C PHE B 184 -26.09 -15.06 -38.61
N ALA B 185 -24.77 -15.04 -38.38
CA ALA B 185 -23.92 -16.15 -38.80
C ALA B 185 -24.31 -17.45 -38.13
N ALA B 186 -24.83 -17.37 -36.90
CA ALA B 186 -25.26 -18.54 -36.16
C ALA B 186 -26.66 -19.00 -36.52
N GLY B 187 -27.40 -18.25 -37.33
CA GLY B 187 -28.71 -18.68 -37.81
C GLY B 187 -29.92 -17.97 -37.23
N TYR B 188 -29.73 -16.89 -36.50
CA TYR B 188 -30.82 -16.04 -36.04
C TYR B 188 -31.02 -14.95 -37.09
N ASP B 189 -32.17 -14.94 -37.73
CA ASP B 189 -32.40 -14.05 -38.85
C ASP B 189 -32.71 -12.65 -38.34
N LEU B 190 -32.18 -11.66 -39.03
CA LEU B 190 -32.36 -10.26 -38.67
C LEU B 190 -32.69 -9.40 -39.87
N ARG B 191 -33.02 -10.02 -41.03
CA ARG B 191 -33.06 -9.32 -42.30
C ARG B 191 -34.33 -8.51 -42.50
N THR B 192 -35.34 -8.69 -41.67
CA THR B 192 -36.54 -7.89 -41.68
C THR B 192 -36.96 -7.55 -40.26
N PRO B 193 -37.75 -6.49 -40.08
CA PRO B 193 -38.31 -6.21 -38.75
C PRO B 193 -39.02 -7.42 -38.15
N ALA B 194 -39.79 -8.16 -38.94
CA ALA B 194 -40.51 -9.29 -38.38
C ALA B 194 -39.54 -10.37 -37.89
N GLU B 195 -38.43 -10.58 -38.61
CA GLU B 195 -37.46 -11.57 -38.15
C GLU B 195 -36.71 -11.06 -36.92
N CYS B 196 -36.39 -9.76 -36.88
CA CYS B 196 -35.85 -9.18 -35.66
C CYS B 196 -36.77 -9.42 -34.47
N GLU B 197 -38.09 -9.23 -34.63
CA GLU B 197 -38.99 -9.43 -33.51
C GLU B 197 -38.97 -10.88 -33.06
N LYS B 198 -38.99 -11.80 -34.01
CA LYS B 198 -38.92 -13.23 -33.71
C LYS B 198 -37.62 -13.56 -32.99
N THR B 199 -36.50 -13.09 -33.51
CA THR B 199 -35.22 -13.43 -32.93
C THR B 199 -35.12 -12.92 -31.49
N PHE B 200 -35.61 -11.72 -31.23
CA PHE B 200 -35.50 -11.23 -29.86
C PHE B 200 -36.61 -11.71 -28.94
N ALA B 201 -37.73 -12.22 -29.47
CA ALA B 201 -38.65 -12.98 -28.62
C ALA B 201 -38.02 -14.29 -28.16
N ASP B 202 -37.26 -14.92 -29.06
CA ASP B 202 -36.47 -16.10 -28.71
C ASP B 202 -35.47 -15.77 -27.60
N PHE B 203 -34.65 -14.74 -27.83
CA PHE B 203 -33.73 -14.27 -26.81
C PHE B 203 -34.45 -14.00 -25.50
N ALA B 204 -35.62 -13.36 -25.56
CA ALA B 204 -36.32 -12.98 -24.34
C ALA B 204 -36.73 -14.20 -23.52
N ARG B 205 -37.27 -15.26 -24.17
CA ARG B 205 -37.71 -16.42 -23.42
C ARG B 205 -36.59 -17.39 -23.10
N THR B 206 -35.47 -17.31 -23.81
CA THR B 206 -34.35 -18.22 -23.60
C THR B 206 -33.36 -17.67 -22.57
N VAL B 207 -32.96 -16.40 -22.72
CA VAL B 207 -32.02 -15.74 -21.81
C VAL B 207 -32.73 -14.72 -20.93
N GLY B 208 -33.45 -13.78 -21.55
CA GLY B 208 -34.09 -12.71 -20.81
C GLY B 208 -33.40 -11.37 -20.95
N PHE B 209 -34.14 -10.34 -21.37
CA PHE B 209 -33.58 -9.00 -21.46
C PHE B 209 -33.07 -8.48 -20.13
N LYS B 210 -33.54 -9.03 -19.02
CA LYS B 210 -32.96 -8.64 -17.73
C LYS B 210 -31.44 -8.86 -17.73
N TYR B 211 -30.90 -9.72 -18.59
CA TYR B 211 -29.47 -9.94 -18.62
C TYR B 211 -28.74 -9.18 -19.71
N LEU B 212 -29.43 -8.41 -20.54
CA LEU B 212 -28.78 -7.76 -21.65
C LEU B 212 -27.96 -6.58 -21.13
N ARG B 213 -26.65 -6.62 -21.37
CA ARG B 213 -25.77 -5.54 -20.91
C ARG B 213 -25.09 -4.75 -22.02
N GLY B 214 -25.27 -5.13 -23.28
CA GLY B 214 -24.71 -4.37 -24.38
C GLY B 214 -25.04 -5.04 -25.70
N MET B 215 -24.73 -4.33 -26.77
CA MET B 215 -24.88 -4.81 -28.14
C MET B 215 -23.62 -4.47 -28.92
N HIS B 216 -23.25 -5.34 -29.85
CA HIS B 216 -22.31 -5.02 -30.92
C HIS B 216 -23.10 -4.93 -32.21
N LEU B 217 -23.13 -3.73 -32.81
CA LEU B 217 -23.91 -3.45 -34.00
C LEU B 217 -23.02 -3.62 -35.23
N ASN B 218 -23.16 -4.78 -35.86
CA ASN B 218 -22.34 -5.21 -36.97
C ASN B 218 -23.24 -5.78 -38.06
N ASP B 219 -23.08 -5.30 -39.28
CA ASP B 219 -23.62 -6.05 -40.41
C ASP B 219 -22.70 -7.25 -40.62
N ALA B 220 -22.98 -8.05 -41.66
CA ALA B 220 -22.27 -9.31 -41.84
C ALA B 220 -21.85 -9.52 -43.28
N LYS B 221 -20.56 -9.82 -43.48
CA LYS B 221 -20.14 -10.46 -44.72
C LYS B 221 -20.34 -11.96 -44.67
N SER B 222 -20.39 -12.54 -43.48
CA SER B 222 -20.80 -13.93 -43.40
C SER B 222 -22.26 -14.06 -43.80
N THR B 223 -22.59 -15.24 -44.29
CA THR B 223 -23.92 -15.54 -44.76
C THR B 223 -24.73 -16.21 -43.66
N PHE B 224 -26.04 -16.25 -43.89
CA PHE B 224 -26.96 -16.76 -42.90
C PHE B 224 -26.63 -18.20 -42.53
N GLY B 225 -26.43 -18.44 -41.24
CA GLY B 225 -26.13 -19.78 -40.76
C GLY B 225 -24.75 -20.32 -41.08
N SER B 226 -23.88 -19.50 -41.66
CA SER B 226 -22.59 -19.99 -42.10
C SER B 226 -21.63 -20.31 -40.97
N ARG B 227 -21.86 -19.75 -39.79
CA ARG B 227 -21.00 -19.93 -38.62
C ARG B 227 -19.56 -19.54 -38.93
N VAL B 228 -19.43 -18.46 -39.68
CA VAL B 228 -18.18 -17.74 -39.92
C VAL B 228 -18.37 -16.35 -39.36
N ASP B 229 -17.29 -15.74 -38.88
CA ASP B 229 -17.31 -14.44 -38.21
C ASP B 229 -16.62 -13.42 -39.11
N ARG B 230 -17.41 -12.73 -39.94
CA ARG B 230 -16.89 -11.70 -40.85
C ARG B 230 -17.84 -10.51 -40.85
N HIS B 231 -17.43 -9.37 -40.27
CA HIS B 231 -18.36 -8.26 -40.12
C HIS B 231 -18.44 -7.45 -41.42
N HIS B 232 -19.41 -6.52 -41.45
CA HIS B 232 -19.49 -5.54 -42.51
C HIS B 232 -20.05 -4.23 -41.96
N SER B 233 -19.81 -3.16 -42.72
CA SER B 233 -20.42 -1.88 -42.39
C SER B 233 -21.94 -1.95 -42.48
N LEU B 234 -22.59 -1.14 -41.63
CA LEU B 234 -24.04 -1.13 -41.52
C LEU B 234 -24.72 -0.89 -42.86
N GLY B 235 -25.61 -1.81 -43.24
CA GLY B 235 -26.35 -1.72 -44.47
C GLY B 235 -25.71 -2.37 -45.67
N GLU B 236 -24.41 -2.67 -45.60
CA GLU B 236 -23.65 -3.13 -46.77
C GLU B 236 -23.53 -4.64 -46.85
N GLY B 237 -23.93 -5.38 -45.82
CA GLY B 237 -23.79 -6.81 -45.80
C GLY B 237 -25.12 -7.53 -45.92
N ASN B 238 -25.13 -8.79 -45.47
CA ASN B 238 -26.28 -9.65 -45.64
C ASN B 238 -27.39 -9.41 -44.62
N ILE B 239 -27.13 -8.67 -43.55
CA ILE B 239 -28.23 -8.27 -42.67
C ILE B 239 -29.00 -7.09 -43.25
N GLY B 240 -28.29 -6.08 -43.74
CA GLY B 240 -28.94 -4.88 -44.26
C GLY B 240 -29.22 -3.83 -43.19
N HIS B 241 -29.99 -2.80 -43.58
CA HIS B 241 -30.24 -1.65 -42.72
C HIS B 241 -31.36 -1.87 -41.70
N ASP B 242 -32.37 -2.69 -42.02
CA ASP B 242 -33.60 -2.74 -41.23
C ASP B 242 -33.33 -3.11 -39.77
N ALA B 243 -32.44 -4.06 -39.53
CA ALA B 243 -32.19 -4.49 -38.15
C ALA B 243 -31.71 -3.34 -37.27
N PHE B 244 -30.93 -2.42 -37.84
CA PHE B 244 -30.32 -1.36 -37.03
C PHE B 244 -31.29 -0.19 -36.84
N ARG B 245 -32.12 0.11 -37.84
CA ARG B 245 -33.24 0.99 -37.60
C ARG B 245 -34.15 0.43 -36.51
N TRP B 246 -34.40 -0.89 -36.57
CA TRP B 246 -35.30 -1.53 -35.63
C TRP B 246 -34.74 -1.52 -34.21
N ILE B 247 -33.46 -1.84 -34.04
CA ILE B 247 -32.86 -1.80 -32.72
C ILE B 247 -32.96 -0.39 -32.13
N MET B 248 -32.63 0.63 -32.92
CA MET B 248 -32.58 1.98 -32.37
C MET B 248 -33.95 2.47 -31.93
N GLN B 249 -35.03 1.93 -32.45
CA GLN B 249 -36.36 2.40 -32.09
C GLN B 249 -37.00 1.54 -31.01
N ASP B 250 -36.29 0.53 -30.52
CA ASP B 250 -36.85 -0.40 -29.54
C ASP B 250 -36.28 -0.07 -28.17
N ASP B 251 -37.17 0.20 -27.21
CA ASP B 251 -36.69 0.65 -25.91
C ASP B 251 -36.04 -0.45 -25.09
N ARG B 252 -36.15 -1.72 -25.49
CA ARG B 252 -35.46 -2.76 -24.73
C ARG B 252 -33.95 -2.68 -24.88
N PHE B 253 -33.44 -1.84 -25.78
CA PHE B 253 -32.00 -1.67 -25.96
C PHE B 253 -31.49 -0.36 -25.36
N ASP B 254 -32.24 0.25 -24.44
CA ASP B 254 -31.82 1.48 -23.80
C ASP B 254 -30.81 1.18 -22.70
N GLY B 255 -29.99 2.19 -22.39
CA GLY B 255 -29.17 2.15 -21.19
C GLY B 255 -27.95 1.27 -21.25
N ILE B 256 -27.52 0.86 -22.44
CA ILE B 256 -26.39 -0.08 -22.56
C ILE B 256 -25.50 0.36 -23.70
N PRO B 257 -24.21 -0.01 -23.64
CA PRO B 257 -23.29 0.33 -24.73
C PRO B 257 -23.70 -0.39 -26.01
N LEU B 258 -23.96 0.39 -27.06
CA LEU B 258 -24.20 -0.14 -28.41
C LEU B 258 -22.97 0.16 -29.25
N ILE B 259 -22.23 -0.88 -29.62
CA ILE B 259 -20.85 -0.74 -30.08
C ILE B 259 -20.71 -1.21 -31.52
N LEU B 260 -20.26 -0.31 -32.40
CA LEU B 260 -19.88 -0.69 -33.75
C LEU B 260 -18.55 -1.43 -33.75
N GLU B 261 -18.50 -2.57 -34.43
CA GLU B 261 -17.24 -3.22 -34.81
C GLU B 261 -17.21 -3.43 -36.32
N THR B 262 -17.78 -2.48 -37.03
CA THR B 262 -17.84 -2.51 -38.47
C THR B 262 -16.45 -2.28 -39.07
N ILE B 263 -16.29 -2.67 -40.33
CA ILE B 263 -14.95 -2.90 -40.87
C ILE B 263 -14.28 -1.68 -41.47
N ASN B 264 -14.97 -0.55 -41.56
CA ASN B 264 -14.37 0.65 -42.13
C ASN B 264 -14.44 1.79 -41.14
N PRO B 265 -13.38 2.04 -40.37
CA PRO B 265 -13.46 3.06 -39.32
C PRO B 265 -13.65 4.45 -39.86
N ASP B 266 -13.34 4.67 -41.14
CA ASP B 266 -13.50 5.98 -41.75
C ASP B 266 -14.92 6.49 -41.70
N ILE B 267 -15.91 5.61 -41.59
CA ILE B 267 -17.29 6.04 -41.64
C ILE B 267 -17.98 5.82 -40.31
N TRP B 268 -17.22 5.59 -39.24
CA TRP B 268 -17.81 5.43 -37.92
C TRP B 268 -18.56 6.69 -37.48
N ALA B 269 -18.00 7.89 -37.72
CA ALA B 269 -18.75 9.10 -37.37
C ALA B 269 -20.09 9.13 -38.12
N GLU B 270 -20.08 8.70 -39.39
CA GLU B 270 -21.31 8.59 -40.16
C GLU B 270 -22.26 7.54 -39.58
N GLU B 271 -21.74 6.35 -39.27
CA GLU B 271 -22.61 5.28 -38.76
C GLU B 271 -23.22 5.67 -37.42
N ILE B 272 -22.44 6.31 -36.55
CA ILE B 272 -22.95 6.78 -35.26
C ILE B 272 -24.04 7.85 -35.45
N ALA B 273 -23.77 8.86 -36.26
CA ALA B 273 -24.79 9.89 -36.51
C ALA B 273 -26.06 9.27 -37.11
N TRP B 274 -25.89 8.29 -37.98
CA TRP B 274 -27.04 7.64 -38.60
C TRP B 274 -27.87 6.90 -37.56
N LEU B 275 -27.21 6.11 -36.70
CA LEU B 275 -27.91 5.40 -35.65
C LEU B 275 -28.61 6.36 -34.70
N LYS B 276 -27.94 7.45 -34.33
CA LYS B 276 -28.55 8.42 -33.43
C LYS B 276 -29.84 8.98 -34.02
N ALA B 277 -29.80 9.37 -35.29
CA ALA B 277 -30.97 9.96 -35.91
C ALA B 277 -32.12 8.97 -36.04
N GLN B 278 -31.84 7.67 -36.02
CA GLN B 278 -32.87 6.66 -36.05
C GLN B 278 -33.76 6.68 -34.81
N GLN B 279 -33.36 7.36 -33.75
CA GLN B 279 -34.20 7.33 -32.55
C GLN B 279 -35.42 8.26 -32.77
N MET C 1 31.38 8.40 27.70
CA MET C 1 30.15 8.37 28.52
C MET C 1 28.92 8.10 27.62
N LYS C 2 28.00 7.24 28.05
CA LYS C 2 26.70 7.12 27.41
C LYS C 2 25.61 7.43 28.42
N TYR C 3 24.52 8.03 27.93
CA TYR C 3 23.38 8.44 28.75
C TYR C 3 22.17 7.60 28.31
N ILE C 4 21.56 6.89 29.25
CA ILE C 4 20.62 5.81 28.96
C ILE C 4 19.36 6.02 29.77
N GLY C 5 18.23 6.06 29.10
CA GLY C 5 16.96 6.21 29.78
C GLY C 5 15.75 5.80 28.95
N ALA C 6 14.63 6.47 29.22
CA ALA C 6 13.37 6.17 28.58
C ALA C 6 12.56 7.45 28.45
N HIS C 7 11.55 7.38 27.59
CA HIS C 7 10.55 8.44 27.54
C HIS C 7 9.48 8.14 28.60
N VAL C 8 9.60 8.84 29.72
CA VAL C 8 8.77 8.60 30.89
C VAL C 8 7.58 9.54 30.86
N SER C 9 6.56 9.17 31.62
CA SER C 9 5.38 10.00 31.80
C SER C 9 5.69 11.22 32.64
N ALA C 10 5.10 12.35 32.25
CA ALA C 10 5.16 13.58 33.02
C ALA C 10 3.86 13.86 33.77
N ALA C 11 3.02 12.84 33.95
CA ALA C 11 1.81 13.01 34.74
C ALA C 11 2.18 13.40 36.17
N GLY C 12 1.44 14.36 36.71
CA GLY C 12 1.68 14.84 38.05
C GLY C 12 2.64 15.98 38.14
N GLY C 13 3.16 16.46 37.02
CA GLY C 13 4.14 17.51 37.04
C GLY C 13 5.42 17.11 36.32
N LEU C 14 5.98 18.05 35.56
CA LEU C 14 7.13 17.72 34.74
C LEU C 14 8.27 17.17 35.58
N ALA C 15 8.46 17.73 36.79
CA ALA C 15 9.53 17.29 37.67
C ALA C 15 9.43 15.79 37.95
N ASN C 16 8.20 15.26 38.02
CA ASN C 16 8.04 13.83 38.25
C ASN C 16 8.61 12.99 37.12
N ALA C 17 8.80 13.57 35.93
CA ALA C 17 9.52 12.83 34.88
C ALA C 17 10.97 12.58 35.27
N ALA C 18 11.65 13.61 35.78
CA ALA C 18 13.01 13.41 36.29
C ALA C 18 13.04 12.42 37.45
N ILE C 19 12.05 12.49 38.35
CA ILE C 19 12.01 11.60 39.51
C ILE C 19 11.80 10.15 39.08
N ARG C 20 10.89 9.91 38.15
CA ARG C 20 10.63 8.56 37.64
C ARG C 20 11.85 8.01 36.94
N ALA C 21 12.52 8.86 36.14
CA ALA C 21 13.74 8.45 35.47
C ALA C 21 14.78 7.96 36.46
N ALA C 22 14.98 8.70 37.55
CA ALA C 22 15.93 8.28 38.58
C ALA C 22 15.52 6.97 39.25
N GLU C 23 14.22 6.77 39.47
CA GLU C 23 13.76 5.54 40.09
C GLU C 23 14.03 4.29 39.25
N ILE C 24 14.21 4.40 37.93
CA ILE C 24 14.64 3.27 37.12
C ILE C 24 16.13 3.33 36.80
N ASP C 25 16.87 4.19 37.49
CA ASP C 25 18.31 4.33 37.36
C ASP C 25 18.73 4.81 35.97
N ALA C 26 17.87 5.60 35.34
CA ALA C 26 18.20 6.20 34.05
C ALA C 26 19.23 7.32 34.19
N THR C 27 20.07 7.47 33.17
CA THR C 27 20.99 8.60 33.09
C THR C 27 20.62 9.51 31.92
N ALA C 28 19.44 9.32 31.34
CA ALA C 28 18.85 10.24 30.36
C ALA C 28 17.33 10.11 30.46
N PHE C 29 16.60 11.08 29.93
CA PHE C 29 15.17 10.82 29.80
C PHE C 29 14.55 11.70 28.72
N ALA C 30 13.37 11.29 28.27
CA ALA C 30 12.55 12.04 27.37
C ALA C 30 11.17 12.27 28.01
N LEU C 31 10.45 13.25 27.47
CA LEU C 31 9.13 13.64 27.97
C LEU C 31 8.51 14.58 26.94
N PHE C 32 7.20 14.75 27.05
CA PHE C 32 6.47 15.89 26.48
C PHE C 32 6.40 17.00 27.53
N THR C 33 6.43 18.26 27.07
CA THR C 33 6.28 19.38 28.00
C THR C 33 4.84 19.86 28.11
N LYS C 34 3.98 19.35 27.24
CA LYS C 34 2.56 19.69 27.23
C LYS C 34 1.85 18.51 26.56
N ASN C 35 0.53 18.48 26.68
CA ASN C 35 -0.24 17.40 26.09
C ASN C 35 0.01 17.34 24.59
N GLN C 36 0.33 16.15 24.08
CA GLN C 36 0.75 15.98 22.70
C GLN C 36 -0.40 16.06 21.70
N ARG C 37 -1.65 15.99 22.16
CA ARG C 37 -2.83 16.03 21.30
C ARG C 37 -3.56 17.38 21.32
N GLN C 38 -3.00 18.39 21.95
CA GLN C 38 -3.60 19.70 21.94
C GLN C 38 -2.61 20.72 21.40
N TRP C 39 -3.17 21.72 20.73
CA TRP C 39 -2.37 22.67 19.98
C TRP C 39 -1.75 23.72 20.90
N ARG C 40 -2.39 23.98 22.02
CA ARG C 40 -1.99 25.06 22.92
C ARG C 40 -2.11 24.55 24.34
N ALA C 41 -1.22 25.07 25.19
CA ALA C 41 -1.27 24.83 26.61
C ALA C 41 -0.97 26.16 27.30
N ALA C 42 -1.48 26.30 28.52
CA ALA C 42 -1.16 27.47 29.30
C ALA C 42 0.36 27.59 29.47
N PRO C 43 0.89 28.81 29.60
CA PRO C 43 2.34 28.96 29.81
C PRO C 43 2.76 28.22 31.06
N LEU C 44 3.99 27.66 31.02
CA LEU C 44 4.60 27.06 32.19
C LEU C 44 4.58 28.04 33.35
N THR C 45 4.20 27.55 34.52
CA THR C 45 4.32 28.37 35.71
C THR C 45 5.72 28.30 36.30
N THR C 46 6.05 29.34 37.06
CA THR C 46 7.32 29.41 37.77
C THR C 46 7.50 28.20 38.69
N GLN C 47 6.45 27.80 39.39
CA GLN C 47 6.59 26.66 40.28
C GLN C 47 6.88 25.39 39.49
N THR C 48 6.15 25.17 38.39
CA THR C 48 6.43 23.99 37.57
C THR C 48 7.88 23.98 37.10
N ILE C 49 8.37 25.15 36.64
CA ILE C 49 9.72 25.23 36.10
C ILE C 49 10.75 25.01 37.20
N ASP C 50 10.56 25.66 38.35
CA ASP C 50 11.53 25.58 39.42
C ASP C 50 11.64 24.17 39.96
N GLU C 51 10.50 23.51 40.13
CA GLU C 51 10.54 22.12 40.62
C GLU C 51 11.19 21.19 39.60
N PHE C 52 10.95 21.41 38.31
CA PHE C 52 11.60 20.60 37.28
C PHE C 52 13.11 20.78 37.32
N LYS C 53 13.59 22.02 37.27
CA LYS C 53 15.02 22.24 37.29
C LYS C 53 15.65 21.70 38.58
N ALA C 54 14.97 21.90 39.72
CA ALA C 54 15.44 21.33 40.98
C ALA C 54 15.60 19.81 40.89
N ALA C 55 14.60 19.12 40.33
CA ALA C 55 14.69 17.66 40.21
C ALA C 55 15.80 17.24 39.26
N CYS C 56 16.00 18.00 38.16
CA CYS C 56 17.09 17.69 37.24
C CYS C 56 18.43 17.85 37.93
N GLU C 57 18.58 18.90 38.75
CA GLU C 57 19.83 19.06 39.49
C GLU C 57 20.02 17.95 40.50
N LYS C 58 18.96 17.58 41.23
CA LYS C 58 19.07 16.59 42.28
C LYS C 58 19.50 15.23 41.72
N TYR C 59 18.96 14.84 40.57
CA TYR C 59 19.21 13.52 40.01
C TYR C 59 20.19 13.55 38.86
N HIS C 60 20.93 14.65 38.73
CA HIS C 60 22.08 14.76 37.83
C HIS C 60 21.70 14.57 36.36
N TYR C 61 20.60 15.22 35.96
CA TYR C 61 20.19 15.26 34.56
C TYR C 61 20.54 16.65 34.04
N THR C 62 21.69 16.76 33.38
CA THR C 62 22.04 17.98 32.69
C THR C 62 21.24 18.07 31.39
N SER C 63 21.26 19.26 30.78
CA SER C 63 20.52 19.45 29.55
C SER C 63 20.98 18.51 28.44
N ALA C 64 22.26 18.11 28.45
CA ALA C 64 22.75 17.17 27.44
C ALA C 64 22.15 15.77 27.62
N GLN C 65 21.45 15.52 28.71
CA GLN C 65 20.90 14.20 28.97
C GLN C 65 19.38 14.11 28.77
N ILE C 66 18.73 15.17 28.29
CA ILE C 66 17.27 15.22 28.24
C ILE C 66 16.83 15.56 26.82
N LEU C 67 15.91 14.74 26.29
CA LEU C 67 15.47 14.85 24.89
C LEU C 67 13.95 14.96 24.85
N PRO C 68 13.40 16.15 25.08
CA PRO C 68 11.95 16.30 24.92
C PRO C 68 11.51 16.02 23.50
N HIS C 69 10.26 15.58 23.38
CA HIS C 69 9.58 15.31 22.12
C HIS C 69 8.47 16.33 21.92
N ASP C 70 8.36 16.89 20.71
CA ASP C 70 7.28 17.82 20.42
C ASP C 70 5.97 17.08 20.11
N SER C 71 4.90 17.85 19.93
CA SER C 71 3.61 17.27 19.65
C SER C 71 3.55 16.70 18.24
N TYR C 72 2.81 15.60 18.08
CA TYR C 72 2.63 15.02 16.75
C TYR C 72 1.81 15.91 15.84
N LEU C 73 1.08 16.89 16.38
CA LEU C 73 0.24 17.73 15.53
C LEU C 73 1.07 18.63 14.63
N ILE C 74 2.27 18.98 15.07
CA ILE C 74 3.09 19.97 14.37
C ILE C 74 3.59 19.36 13.07
N ASN C 75 3.37 20.05 11.96
CA ASN C 75 3.83 19.58 10.65
C ASN C 75 4.57 20.74 9.98
N LEU C 76 5.90 20.76 10.14
CA LEU C 76 6.71 21.87 9.62
C LEU C 76 6.89 21.80 8.11
N GLY C 77 6.25 20.86 7.42
CA GLY C 77 6.30 20.78 5.98
C GLY C 77 4.92 20.84 5.35
N HIS C 78 3.96 21.33 6.13
CA HIS C 78 2.56 21.24 5.75
C HIS C 78 2.32 21.95 4.42
N PRO C 79 1.54 21.37 3.51
CA PRO C 79 1.30 22.05 2.22
C PRO C 79 0.37 23.25 2.30
N VAL C 80 -0.41 23.40 3.36
CA VAL C 80 -1.40 24.47 3.43
C VAL C 80 -0.83 25.64 4.22
N THR C 81 -0.89 26.83 3.62
CA THR C 81 -0.28 28.03 4.21
C THR C 81 -0.62 28.17 5.68
N GLU C 82 -1.92 28.17 6.03
CA GLU C 82 -2.32 28.51 7.38
C GLU C 82 -1.88 27.43 8.37
N ALA C 83 -2.00 26.15 7.98
CA ALA C 83 -1.61 25.07 8.86
C ALA C 83 -0.10 25.06 9.08
N LEU C 84 0.67 25.42 8.05
CA LEU C 84 2.13 25.46 8.21
C LEU C 84 2.54 26.61 9.13
N GLU C 85 1.90 27.78 9.01
CA GLU C 85 2.21 28.86 9.94
C GLU C 85 1.80 28.50 11.36
N LYS C 86 0.64 27.85 11.53
CA LYS C 86 0.24 27.41 12.86
C LYS C 86 1.23 26.40 13.45
N SER C 87 1.75 25.50 12.61
CA SER C 87 2.75 24.54 13.09
C SER C 87 4.05 25.24 13.45
N ARG C 88 4.49 26.21 12.64
CA ARG C 88 5.68 26.99 12.96
C ARG C 88 5.54 27.71 14.30
N ASP C 89 4.39 28.37 14.52
CA ASP C 89 4.13 29.04 15.79
C ASP C 89 4.15 28.07 16.96
N ALA C 90 3.54 26.89 16.78
CA ALA C 90 3.51 25.94 17.88
C ALA C 90 4.87 25.32 18.15
N PHE C 91 5.68 25.14 17.10
CA PHE C 91 7.05 24.67 17.27
C PHE C 91 7.89 25.69 18.01
N ILE C 92 7.75 26.97 17.68
CA ILE C 92 8.48 28.00 18.39
C ILE C 92 8.11 27.97 19.87
N ASP C 93 6.80 27.80 20.15
CA ASP C 93 6.34 27.70 21.53
C ASP C 93 6.97 26.51 22.24
N GLU C 94 7.08 25.37 21.56
CA GLU C 94 7.70 24.20 22.18
C GLU C 94 9.17 24.48 22.48
N MET C 95 9.84 25.17 21.57
CA MET C 95 11.23 25.53 21.82
C MET C 95 11.34 26.46 23.01
N GLN C 96 10.40 27.40 23.14
CA GLN C 96 10.46 28.35 24.25
C GLN C 96 10.18 27.64 25.56
N ARG C 97 9.29 26.65 25.55
CA ARG C 97 9.09 25.85 26.75
C ARG C 97 10.37 25.13 27.15
N CYS C 98 11.06 24.53 26.17
CA CYS C 98 12.35 23.92 26.44
C CYS C 98 13.30 24.94 27.05
N GLU C 99 13.43 26.12 26.42
CA GLU C 99 14.34 27.10 26.97
C GLU C 99 13.97 27.42 28.43
N GLN C 100 12.69 27.62 28.70
CA GLN C 100 12.29 27.92 30.07
C GLN C 100 12.65 26.78 31.03
N LEU C 101 12.64 25.53 30.56
CA LEU C 101 12.95 24.40 31.43
C LEU C 101 14.44 24.09 31.54
N GLY C 102 15.30 24.87 30.90
CA GLY C 102 16.72 24.60 30.88
C GLY C 102 17.10 23.55 29.87
N LEU C 103 16.20 23.21 28.95
CA LEU C 103 16.40 22.13 28.01
C LEU C 103 16.94 22.71 26.70
N SER C 104 17.71 21.90 25.98
CA SER C 104 18.54 22.39 24.89
C SER C 104 18.33 21.60 23.60
N LEU C 105 17.51 20.56 23.63
CA LEU C 105 17.23 19.69 22.50
C LEU C 105 15.72 19.56 22.37
N LEU C 106 15.22 19.53 21.14
CA LEU C 106 13.81 19.28 20.90
C LEU C 106 13.68 18.28 19.76
N ASN C 107 13.21 17.08 20.04
CA ASN C 107 13.12 15.99 19.05
C ASN C 107 11.75 16.07 18.39
N PHE C 108 11.72 16.00 17.05
CA PHE C 108 10.47 16.11 16.32
C PHE C 108 10.52 15.31 15.03
N HIS C 109 9.37 14.81 14.62
CA HIS C 109 9.24 14.22 13.30
C HIS C 109 9.13 15.34 12.27
N PRO C 110 9.90 15.30 11.19
CA PRO C 110 10.05 16.52 10.38
C PRO C 110 8.77 17.03 9.70
N GLY C 111 7.91 16.18 9.15
CA GLY C 111 6.73 16.68 8.47
C GLY C 111 6.23 15.74 7.39
N SER C 112 5.10 16.14 6.77
CA SER C 112 4.32 15.32 5.86
C SER C 112 3.72 16.15 4.72
N HIS C 113 3.76 15.62 3.50
CA HIS C 113 3.32 16.41 2.35
C HIS C 113 1.85 16.28 2.04
N LEU C 114 1.15 15.30 2.63
CA LEU C 114 -0.32 15.13 2.56
C LEU C 114 -0.82 15.00 1.13
N MET C 115 0.03 14.48 0.26
CA MET C 115 -0.25 14.24 -1.16
C MET C 115 -0.52 15.53 -1.92
N GLN C 116 -0.11 16.68 -1.40
CA GLN C 116 -0.44 17.95 -2.03
C GLN C 116 0.77 18.69 -2.59
N ILE C 117 1.99 18.35 -2.16
CA ILE C 117 3.21 18.98 -2.68
C ILE C 117 4.23 17.86 -2.90
N SER C 118 5.28 18.19 -3.63
CA SER C 118 6.34 17.21 -3.83
C SER C 118 7.13 16.99 -2.54
N GLU C 119 7.83 15.84 -2.48
CA GLU C 119 8.73 15.61 -1.36
C GLU C 119 9.77 16.73 -1.25
N GLU C 120 10.34 17.13 -2.38
CA GLU C 120 11.39 18.14 -2.36
C GLU C 120 10.88 19.46 -1.82
N ASP C 121 9.66 19.86 -2.20
CA ASP C 121 9.08 21.09 -1.68
C ASP C 121 8.74 20.95 -0.18
N CYS C 122 8.27 19.77 0.23
CA CYS C 122 7.98 19.55 1.64
C CYS C 122 9.24 19.69 2.47
N LEU C 123 10.33 19.09 2.01
CA LEU C 123 11.59 19.17 2.72
C LEU C 123 12.11 20.60 2.79
N ALA C 124 11.93 21.38 1.73
CA ALA C 124 12.35 22.79 1.76
C ALA C 124 11.53 23.58 2.78
N ARG C 125 10.23 23.30 2.88
CA ARG C 125 9.40 23.98 3.87
C ARG C 125 9.87 23.67 5.28
N ILE C 126 10.26 22.43 5.53
CA ILE C 126 10.74 22.02 6.85
C ILE C 126 12.02 22.77 7.21
N ALA C 127 13.00 22.78 6.30
CA ALA C 127 14.21 23.59 6.50
C ALA C 127 13.87 25.04 6.83
N GLU C 128 12.99 25.68 6.05
CA GLU C 128 12.64 27.07 6.34
C GLU C 128 11.89 27.20 7.67
N SER C 129 11.06 26.21 8.05
CA SER C 129 10.42 26.24 9.37
C SER C 129 11.46 26.25 10.49
N ILE C 130 12.52 25.45 10.33
CA ILE C 130 13.60 25.46 11.31
C ILE C 130 14.30 26.80 11.33
N ASN C 131 14.57 27.37 10.15
CA ASN C 131 15.24 28.67 10.09
C ASN C 131 14.43 29.73 10.83
N ILE C 132 13.10 29.71 10.65
CA ILE C 132 12.24 30.67 11.32
C ILE C 132 12.28 30.47 12.82
N ALA C 133 12.21 29.21 13.28
CA ALA C 133 12.20 28.95 14.72
C ALA C 133 13.52 29.32 15.37
N LEU C 134 14.64 29.02 14.70
CA LEU C 134 15.94 29.36 15.25
C LEU C 134 16.15 30.87 15.26
N ASP C 135 15.54 31.60 14.34
CA ASP C 135 15.64 33.05 14.40
C ASP C 135 14.83 33.64 15.56
N LYS C 136 13.81 32.93 16.04
CA LYS C 136 12.94 33.43 17.09
C LYS C 136 13.25 32.85 18.45
N THR C 137 14.22 31.95 18.55
CA THR C 137 14.49 31.25 19.80
C THR C 137 16.01 31.22 20.03
N GLN C 138 16.41 30.78 21.22
CA GLN C 138 17.83 30.56 21.47
C GLN C 138 18.01 29.40 22.44
N GLY C 139 19.19 28.80 22.40
CA GLY C 139 19.56 27.74 23.31
C GLY C 139 19.06 26.34 22.98
N VAL C 140 18.26 26.16 21.93
CA VAL C 140 17.62 24.87 21.68
C VAL C 140 17.89 24.39 20.26
N THR C 141 18.39 23.17 20.14
CA THR C 141 18.65 22.53 18.85
C THR C 141 17.39 21.83 18.37
N ALA C 142 17.03 22.07 17.10
CA ALA C 142 15.97 21.32 16.44
C ALA C 142 16.54 19.98 16.01
N VAL C 143 16.09 18.90 16.66
CA VAL C 143 16.60 17.54 16.47
C VAL C 143 15.59 16.74 15.66
N ILE C 144 15.91 16.50 14.39
CA ILE C 144 15.04 15.79 13.44
C ILE C 144 15.12 14.30 13.72
N GLU C 145 13.99 13.69 14.03
CA GLU C 145 13.92 12.23 14.19
C GLU C 145 13.57 11.59 12.86
N ASN C 146 14.29 10.53 12.51
CA ASN C 146 13.87 9.74 11.36
C ASN C 146 12.57 9.00 11.69
N THR C 147 11.83 8.63 10.64
CA THR C 147 10.50 8.07 10.79
C THR C 147 10.40 6.76 10.01
N ALA C 148 9.35 5.99 10.35
CA ALA C 148 9.03 4.74 9.66
C ALA C 148 8.58 5.00 8.24
N GLY C 149 8.08 6.18 7.97
CA GLY C 149 7.56 6.54 6.66
C GLY C 149 6.12 6.10 6.44
N GLN C 150 5.28 6.18 7.47
CA GLN C 150 3.83 5.95 7.30
C GLN C 150 3.21 7.15 6.58
N GLY C 151 2.17 6.86 5.81
CA GLY C 151 1.40 7.89 5.11
C GLY C 151 2.30 8.72 4.22
N SER C 152 2.21 10.03 4.39
CA SER C 152 3.06 10.98 3.68
C SER C 152 4.14 11.58 4.56
N ASN C 153 4.46 10.94 5.69
CA ASN C 153 5.58 11.37 6.52
C ASN C 153 6.90 11.24 5.79
N LEU C 154 7.69 12.30 5.85
CA LEU C 154 9.07 12.26 5.38
C LEU C 154 10.00 12.07 6.59
N GLY C 155 11.29 11.94 6.30
CA GLY C 155 12.29 11.60 7.29
C GLY C 155 12.60 10.12 7.40
N PHE C 156 12.07 9.30 6.49
CA PHE C 156 12.35 7.87 6.58
C PHE C 156 13.61 7.48 5.84
N LYS C 157 14.09 8.33 4.92
CA LYS C 157 15.39 8.15 4.28
C LYS C 157 16.38 9.13 4.88
N PHE C 158 17.63 8.67 5.06
CA PHE C 158 18.67 9.58 5.53
C PHE C 158 18.78 10.81 4.62
N GLU C 159 18.52 10.64 3.31
CA GLU C 159 18.56 11.73 2.34
C GLU C 159 17.59 12.84 2.70
N HIS C 160 16.45 12.49 3.29
CA HIS C 160 15.53 13.53 3.75
C HIS C 160 16.19 14.39 4.83
N LEU C 161 16.78 13.73 5.84
CA LEU C 161 17.46 14.44 6.90
C LEU C 161 18.54 15.36 6.30
N ALA C 162 19.29 14.82 5.35
CA ALA C 162 20.35 15.59 4.71
C ALA C 162 19.78 16.78 3.96
N ALA C 163 18.65 16.59 3.28
CA ALA C 163 18.07 17.70 2.52
C ALA C 163 17.58 18.79 3.46
N ILE C 164 17.03 18.42 4.62
CA ILE C 164 16.59 19.44 5.57
C ILE C 164 17.77 20.24 6.09
N ILE C 165 18.81 19.54 6.56
CA ILE C 165 19.99 20.19 7.14
C ILE C 165 20.62 21.13 6.13
N ASP C 166 20.66 20.73 4.88
CA ASP C 166 21.31 21.54 3.85
C ASP C 166 20.65 22.92 3.74
N GLY C 167 19.33 23.01 3.96
CA GLY C 167 18.57 24.25 3.91
C GLY C 167 18.54 25.05 5.19
N VAL C 168 19.11 24.54 6.27
CA VAL C 168 19.13 25.26 7.54
C VAL C 168 20.38 26.15 7.56
N GLU C 169 20.19 27.42 7.91
CA GLU C 169 21.29 28.39 7.92
C GLU C 169 22.21 28.18 9.12
N ASP C 170 21.65 28.13 10.33
CA ASP C 170 22.45 27.99 11.55
C ASP C 170 22.62 26.52 11.87
N LYS C 171 23.66 25.92 11.29
CA LYS C 171 23.87 24.49 11.43
C LYS C 171 24.27 24.07 12.84
N SER C 172 24.64 25.03 13.69
CA SER C 172 24.96 24.71 15.07
C SER C 172 23.73 24.33 15.88
N ARG C 173 22.52 24.60 15.39
CA ARG C 173 21.31 24.32 16.13
C ARG C 173 20.35 23.41 15.38
N VAL C 174 20.87 22.57 14.47
CA VAL C 174 20.07 21.50 13.91
C VAL C 174 20.81 20.19 14.15
N GLY C 175 20.05 19.12 14.33
CA GLY C 175 20.62 17.80 14.52
C GLY C 175 19.64 16.72 14.14
N VAL C 176 20.01 15.46 14.44
CA VAL C 176 19.13 14.35 14.16
C VAL C 176 19.17 13.36 15.32
N CYS C 177 18.08 12.64 15.46
CA CYS C 177 17.96 11.51 16.36
C CYS C 177 17.58 10.31 15.51
N ILE C 178 18.28 9.20 15.69
CA ILE C 178 17.96 7.96 14.98
C ILE C 178 17.18 7.04 15.90
N ASP C 179 15.99 6.70 15.46
CA ASP C 179 15.12 5.73 16.10
C ASP C 179 15.28 4.41 15.36
N THR C 180 15.79 3.40 16.07
CA THR C 180 16.11 2.14 15.44
C THR C 180 14.86 1.45 14.89
N CYS C 181 13.73 1.55 15.57
CA CYS C 181 12.53 0.95 15.01
C CYS C 181 12.19 1.62 13.69
N HIS C 182 12.24 2.95 13.66
CA HIS C 182 11.88 3.65 12.43
C HIS C 182 12.81 3.29 11.29
N ALA C 183 14.13 3.30 11.56
CA ALA C 183 15.12 2.97 10.55
C ALA C 183 14.85 1.59 9.95
N PHE C 184 14.59 0.61 10.80
CA PHE C 184 14.37 -0.76 10.34
C PHE C 184 13.11 -0.84 9.51
N ALA C 185 12.02 -0.24 10.00
CA ALA C 185 10.78 -0.20 9.25
C ALA C 185 10.97 0.48 7.90
N ALA C 186 11.82 1.51 7.85
CA ALA C 186 12.12 2.24 6.63
C ALA C 186 13.10 1.52 5.72
N GLY C 187 13.63 0.38 6.12
CA GLY C 187 14.49 -0.41 5.26
C GLY C 187 15.98 -0.38 5.56
N TYR C 188 16.42 0.23 6.64
CA TYR C 188 17.82 0.13 7.07
C TYR C 188 17.96 -1.08 7.99
N ASP C 189 18.70 -2.09 7.52
CA ASP C 189 18.84 -3.33 8.28
C ASP C 189 19.76 -3.12 9.48
N LEU C 190 19.37 -3.75 10.59
CA LEU C 190 20.07 -3.62 11.85
C LEU C 190 20.18 -4.96 12.56
N ARG C 191 19.91 -6.06 11.85
CA ARG C 191 19.73 -7.35 12.47
C ARG C 191 21.04 -8.07 12.77
N THR C 192 22.15 -7.61 12.21
CA THR C 192 23.48 -8.13 12.49
C THR C 192 24.43 -6.99 12.70
N PRO C 193 25.54 -7.21 13.41
CA PRO C 193 26.59 -6.20 13.49
C PRO C 193 27.03 -5.68 12.13
N ALA C 194 27.22 -6.57 11.16
CA ALA C 194 27.66 -6.13 9.84
C ALA C 194 26.63 -5.20 9.20
N GLU C 195 25.34 -5.50 9.37
CA GLU C 195 24.31 -4.63 8.81
C GLU C 195 24.28 -3.29 9.52
N CYS C 196 24.50 -3.30 10.85
CA CYS C 196 24.57 -2.05 11.60
C CYS C 196 25.70 -1.17 11.10
N GLU C 197 26.87 -1.76 10.85
CA GLU C 197 28.00 -0.97 10.39
C GLU C 197 27.71 -0.34 9.03
N LYS C 198 27.11 -1.10 8.13
CA LYS C 198 26.77 -0.59 6.80
C LYS C 198 25.73 0.51 6.87
N THR C 199 24.69 0.31 7.68
CA THR C 199 23.67 1.34 7.85
C THR C 199 24.26 2.64 8.38
N PHE C 200 25.11 2.56 9.41
CA PHE C 200 25.65 3.80 9.97
C PHE C 200 26.84 4.31 9.19
N ALA C 201 27.47 3.48 8.35
CA ALA C 201 28.40 4.03 7.35
C ALA C 201 27.66 4.89 6.35
N ASP C 202 26.46 4.46 5.94
CA ASP C 202 25.66 5.29 5.06
C ASP C 202 25.19 6.55 5.77
N PHE C 203 24.75 6.42 7.03
CA PHE C 203 24.37 7.59 7.80
C PHE C 203 25.55 8.57 7.89
N ALA C 204 26.77 8.05 8.12
CA ALA C 204 27.92 8.94 8.31
C ALA C 204 28.26 9.73 7.06
N ARG C 205 28.09 9.12 5.89
CA ARG C 205 28.37 9.79 4.61
C ARG C 205 27.28 10.78 4.23
N THR C 206 26.02 10.38 4.41
CA THR C 206 24.88 11.16 3.92
C THR C 206 24.50 12.28 4.88
N VAL C 207 24.47 12.00 6.18
CA VAL C 207 24.02 12.96 7.19
C VAL C 207 25.21 13.49 7.97
N GLY C 208 25.94 12.61 8.64
CA GLY C 208 27.12 12.95 9.38
C GLY C 208 26.90 12.77 10.86
N PHE C 209 27.79 12.03 11.53
CA PHE C 209 27.65 11.83 12.96
C PHE C 209 27.82 13.12 13.72
N LYS C 210 28.39 14.16 13.10
CA LYS C 210 28.49 15.44 13.78
C LYS C 210 27.14 16.06 14.06
N TYR C 211 26.09 15.60 13.38
CA TYR C 211 24.74 16.03 13.66
C TYR C 211 23.95 15.09 14.59
N LEU C 212 24.52 13.97 15.04
CA LEU C 212 23.74 13.04 15.85
C LEU C 212 23.58 13.63 17.25
N ARG C 213 22.35 13.80 17.68
CA ARG C 213 22.06 14.40 18.98
C ARG C 213 21.27 13.49 19.91
N GLY C 214 20.82 12.35 19.43
CA GLY C 214 20.15 11.40 20.30
C GLY C 214 19.83 10.14 19.52
N MET C 215 19.44 9.12 20.26
CA MET C 215 18.99 7.86 19.70
C MET C 215 17.71 7.48 20.42
N HIS C 216 16.82 6.80 19.72
CA HIS C 216 15.70 6.14 20.34
C HIS C 216 15.92 4.66 20.12
N LEU C 217 15.95 3.89 21.21
CA LEU C 217 16.33 2.49 21.19
C LEU C 217 15.04 1.69 21.34
N ASN C 218 14.58 1.15 20.21
CA ASN C 218 13.31 0.45 20.08
C ASN C 218 13.53 -0.76 19.20
N ASP C 219 13.02 -1.91 19.63
CA ASP C 219 12.87 -3.05 18.72
C ASP C 219 11.60 -2.81 17.92
N ALA C 220 11.22 -3.75 17.06
CA ALA C 220 10.12 -3.54 16.12
C ALA C 220 9.21 -4.76 16.09
N LYS C 221 7.91 -4.52 16.27
CA LYS C 221 6.90 -5.54 15.96
C LYS C 221 6.63 -5.60 14.48
N SER C 222 6.83 -4.47 13.79
CA SER C 222 6.71 -4.42 12.35
C SER C 222 7.93 -5.06 11.69
N THR C 223 7.86 -5.25 10.38
CA THR C 223 8.84 -6.03 9.63
C THR C 223 9.73 -5.11 8.80
N PHE C 224 10.88 -5.66 8.40
CA PHE C 224 11.88 -4.93 7.60
C PHE C 224 11.26 -4.30 6.36
N GLY C 225 11.45 -2.99 6.21
CA GLY C 225 10.95 -2.25 5.07
C GLY C 225 9.46 -2.01 5.07
N SER C 226 8.74 -2.43 6.12
CA SER C 226 7.30 -2.34 6.11
C SER C 226 6.80 -0.91 6.11
N ARG C 227 7.63 0.05 6.53
CA ARG C 227 7.21 1.43 6.80
C ARG C 227 6.01 1.52 7.76
N VAL C 228 5.99 0.61 8.75
CA VAL C 228 4.99 0.61 9.82
C VAL C 228 5.66 0.90 11.16
N ASP C 229 5.11 1.83 11.92
CA ASP C 229 5.71 2.28 13.19
C ASP C 229 5.10 1.52 14.36
N ARG C 230 5.67 0.36 14.70
CA ARG C 230 5.23 -0.44 15.84
C ARG C 230 6.46 -0.87 16.64
N HIS C 231 6.64 -0.30 17.83
CA HIS C 231 7.80 -0.61 18.66
C HIS C 231 7.64 -1.94 19.40
N HIS C 232 8.78 -2.49 19.83
CA HIS C 232 8.79 -3.65 20.73
C HIS C 232 9.92 -3.53 21.73
N SER C 233 9.77 -4.25 22.83
CA SER C 233 10.83 -4.39 23.83
C SER C 233 12.11 -4.93 23.18
N LEU C 234 13.24 -4.53 23.75
CA LEU C 234 14.52 -4.87 23.16
C LEU C 234 14.72 -6.37 23.11
N GLY C 235 15.00 -6.90 21.90
CA GLY C 235 15.25 -8.31 21.70
C GLY C 235 14.02 -9.15 21.41
N GLU C 236 12.83 -8.63 21.68
CA GLU C 236 11.61 -9.40 21.45
C GLU C 236 11.02 -9.24 20.06
N GLY C 237 11.48 -8.25 19.27
CA GLY C 237 10.94 -8.00 17.95
C GLY C 237 11.84 -8.44 16.81
N ASN C 238 11.61 -7.82 15.66
CA ASN C 238 12.24 -8.30 14.44
C ASN C 238 13.64 -7.75 14.23
N ILE C 239 14.08 -6.80 15.06
CA ILE C 239 15.48 -6.38 15.03
C ILE C 239 16.36 -7.32 15.84
N GLY C 240 15.94 -7.66 17.06
CA GLY C 240 16.70 -8.51 17.95
C GLY C 240 17.64 -7.73 18.86
N HIS C 241 18.46 -8.48 19.60
CA HIS C 241 19.33 -7.88 20.59
C HIS C 241 20.61 -7.27 20.01
N ASP C 242 21.14 -7.83 18.93
CA ASP C 242 22.51 -7.49 18.53
C ASP C 242 22.67 -6.02 18.17
N ALA C 243 21.67 -5.42 17.52
CA ALA C 243 21.77 -4.00 17.20
C ALA C 243 22.06 -3.16 18.45
N PHE C 244 21.43 -3.53 19.58
CA PHE C 244 21.60 -2.74 20.81
C PHE C 244 22.87 -3.09 21.57
N ARG C 245 23.31 -4.35 21.56
CA ARG C 245 24.68 -4.67 21.97
C ARG C 245 25.67 -3.82 21.18
N TRP C 246 25.46 -3.76 19.87
CA TRP C 246 26.37 -3.07 18.99
C TRP C 246 26.41 -1.56 19.27
N ILE C 247 25.25 -0.93 19.41
CA ILE C 247 25.23 0.51 19.68
C ILE C 247 25.97 0.84 20.99
N MET C 248 25.69 0.09 22.06
CA MET C 248 26.31 0.39 23.35
C MET C 248 27.83 0.21 23.31
N GLN C 249 28.35 -0.60 22.40
CA GLN C 249 29.78 -0.85 22.28
C GLN C 249 30.46 0.07 21.27
N ASP C 250 29.72 1.02 20.68
CA ASP C 250 30.26 1.89 19.64
C ASP C 250 30.37 3.31 20.17
N ASP C 251 31.59 3.91 20.07
CA ASP C 251 31.80 5.22 20.68
C ASP C 251 31.21 6.38 19.88
N ARG C 252 30.68 6.15 18.70
CA ARG C 252 30.01 7.23 17.99
C ARG C 252 28.67 7.62 18.61
N PHE C 253 28.16 6.83 19.56
CA PHE C 253 26.91 7.09 20.22
C PHE C 253 27.10 7.63 21.64
N ASP C 254 28.28 8.18 21.93
CA ASP C 254 28.59 8.76 23.23
C ASP C 254 28.06 10.18 23.37
N GLY C 255 27.74 10.55 24.60
CA GLY C 255 27.42 11.92 24.96
C GLY C 255 26.04 12.41 24.60
N ILE C 256 25.11 11.52 24.24
CA ILE C 256 23.78 11.89 23.76
C ILE C 256 22.73 11.08 24.50
N PRO C 257 21.50 11.59 24.57
CA PRO C 257 20.43 10.80 25.19
C PRO C 257 20.12 9.57 24.33
N LEU C 258 20.18 8.41 24.96
CA LEU C 258 19.76 7.15 24.33
C LEU C 258 18.47 6.75 25.01
N ILE C 259 17.35 6.82 24.29
CA ILE C 259 16.01 6.83 24.88
C ILE C 259 15.24 5.58 24.48
N LEU C 260 14.87 4.77 25.45
CA LEU C 260 13.91 3.70 25.20
C LEU C 260 12.51 4.26 24.95
N GLU C 261 11.86 3.78 23.89
CA GLU C 261 10.43 3.95 23.72
C GLU C 261 9.78 2.58 23.56
N THR C 262 10.34 1.59 24.24
CA THR C 262 9.80 0.24 24.18
C THR C 262 8.44 0.15 24.86
N ILE C 263 7.72 -0.91 24.52
CA ILE C 263 6.27 -0.95 24.70
C ILE C 263 5.86 -1.42 26.10
N ASN C 264 6.78 -1.99 26.86
CA ASN C 264 6.45 -2.48 28.20
C ASN C 264 7.27 -1.73 29.24
N PRO C 265 6.71 -0.70 29.86
CA PRO C 265 7.47 0.10 30.83
C PRO C 265 7.86 -0.65 32.08
N ASP C 266 7.18 -1.76 32.37
CA ASP C 266 7.48 -2.50 33.58
C ASP C 266 8.88 -3.10 33.54
N ILE C 267 9.48 -3.23 32.37
CA ILE C 267 10.82 -3.81 32.31
C ILE C 267 11.85 -2.75 31.90
N TRP C 268 11.53 -1.46 32.04
CA TRP C 268 12.51 -0.43 31.64
C TRP C 268 13.76 -0.51 32.52
N ALA C 269 13.58 -0.67 33.83
CA ALA C 269 14.75 -0.77 34.70
C ALA C 269 15.69 -1.89 34.24
N GLU C 270 15.12 -3.04 33.88
CA GLU C 270 15.87 -4.15 33.28
C GLU C 270 16.55 -3.76 31.98
N GLU C 271 15.80 -3.14 31.07
CA GLU C 271 16.38 -2.77 29.77
C GLU C 271 17.51 -1.78 29.96
N ILE C 272 17.34 -0.77 30.82
CA ILE C 272 18.42 0.17 31.09
C ILE C 272 19.65 -0.54 31.67
N ALA C 273 19.43 -1.44 32.63
CA ALA C 273 20.56 -2.15 33.24
C ALA C 273 21.27 -3.01 32.21
N TRP C 274 20.50 -3.66 31.35
CA TRP C 274 21.08 -4.49 30.29
C TRP C 274 21.94 -3.65 29.37
N LEU C 275 21.41 -2.50 28.93
CA LEU C 275 22.16 -1.62 28.05
C LEU C 275 23.45 -1.13 28.72
N LYS C 276 23.35 -0.70 29.97
CA LYS C 276 24.54 -0.24 30.67
C LYS C 276 25.63 -1.30 30.73
N ALA C 277 25.25 -2.56 31.00
CA ALA C 277 26.21 -3.64 31.17
C ALA C 277 26.88 -4.02 29.86
N GLN C 278 26.30 -3.61 28.72
CA GLN C 278 26.87 -3.90 27.42
C GLN C 278 28.10 -3.04 27.10
N GLN C 279 28.31 -1.94 27.82
CA GLN C 279 29.40 -1.03 27.47
C GLN C 279 30.77 -1.64 27.73
N THR C 280 30.89 -2.45 28.78
CA THR C 280 32.16 -3.12 29.07
C THR C 280 31.88 -4.50 29.70
N MET D 1 50.25 10.00 -13.41
CA MET D 1 49.23 10.79 -12.66
C MET D 1 48.39 9.83 -11.82
N LYS D 2 48.12 10.22 -10.58
CA LYS D 2 47.13 9.57 -9.75
C LYS D 2 45.88 10.45 -9.64
N TYR D 3 44.73 9.78 -9.56
CA TYR D 3 43.45 10.43 -9.36
C TYR D 3 42.94 10.08 -7.96
N ILE D 4 42.65 11.10 -7.16
CA ILE D 4 42.42 10.97 -5.72
C ILE D 4 41.10 11.64 -5.38
N GLY D 5 40.24 10.92 -4.69
CA GLY D 5 38.91 11.41 -4.39
C GLY D 5 38.27 10.64 -3.26
N ALA D 6 36.94 10.66 -3.23
CA ALA D 6 36.19 10.10 -2.12
C ALA D 6 34.85 9.59 -2.64
N HIS D 7 34.23 8.68 -1.89
CA HIS D 7 32.83 8.32 -2.18
C HIS D 7 31.93 9.32 -1.47
N VAL D 8 31.63 10.40 -2.18
CA VAL D 8 30.86 11.52 -1.68
C VAL D 8 29.39 11.16 -1.65
N SER D 9 28.58 12.00 -1.02
CA SER D 9 27.15 11.81 -1.04
C SER D 9 26.57 12.21 -2.38
N ALA D 10 25.59 11.43 -2.85
CA ALA D 10 24.76 11.80 -4.00
C ALA D 10 23.36 12.23 -3.57
N ALA D 11 23.18 12.53 -2.29
CA ALA D 11 21.89 13.05 -1.84
C ALA D 11 21.56 14.30 -2.64
N GLY D 12 20.35 14.35 -3.18
CA GLY D 12 19.89 15.50 -3.96
C GLY D 12 20.05 15.40 -5.46
N GLY D 13 20.83 14.44 -5.96
CA GLY D 13 21.03 14.25 -7.39
C GLY D 13 22.44 13.82 -7.70
N LEU D 14 22.61 13.11 -8.82
CA LEU D 14 23.92 12.56 -9.14
C LEU D 14 24.93 13.68 -9.39
N ALA D 15 24.48 14.79 -10.00
CA ALA D 15 25.39 15.90 -10.26
C ALA D 15 25.98 16.43 -8.95
N ASN D 16 25.23 16.35 -7.84
CA ASN D 16 25.76 16.79 -6.57
C ASN D 16 27.03 16.04 -6.18
N ALA D 17 27.20 14.80 -6.65
CA ALA D 17 28.44 14.08 -6.37
C ALA D 17 29.63 14.77 -7.01
N ALA D 18 29.49 15.20 -8.26
CA ALA D 18 30.59 15.90 -8.94
C ALA D 18 30.89 17.24 -8.27
N ILE D 19 29.84 17.96 -7.87
CA ILE D 19 30.00 19.24 -7.18
C ILE D 19 30.72 19.05 -5.85
N ARG D 20 30.24 18.11 -5.03
CA ARG D 20 30.86 17.85 -3.74
C ARG D 20 32.32 17.38 -3.88
N ALA D 21 32.61 16.54 -4.88
CA ALA D 21 34.01 16.16 -5.11
C ALA D 21 34.87 17.38 -5.48
N ALA D 22 34.33 18.30 -6.27
CA ALA D 22 35.13 19.46 -6.62
C ALA D 22 35.42 20.30 -5.38
N GLU D 23 34.49 20.33 -4.43
CA GLU D 23 34.67 21.23 -3.30
C GLU D 23 35.82 20.79 -2.42
N ILE D 24 36.11 19.49 -2.38
CA ILE D 24 37.21 18.96 -1.59
C ILE D 24 38.48 18.79 -2.42
N ASP D 25 38.52 19.37 -3.61
CA ASP D 25 39.70 19.28 -4.47
C ASP D 25 39.99 17.84 -4.86
N ALA D 26 38.93 17.05 -5.05
CA ALA D 26 39.08 15.68 -5.54
C ALA D 26 39.40 15.68 -7.03
N THR D 27 40.28 14.75 -7.44
CA THR D 27 40.49 14.44 -8.84
C THR D 27 39.93 13.07 -9.22
N ALA D 28 39.18 12.45 -8.32
CA ALA D 28 38.39 11.26 -8.59
C ALA D 28 37.15 11.31 -7.72
N PHE D 29 36.15 10.50 -8.04
CA PHE D 29 35.08 10.28 -7.06
C PHE D 29 34.32 8.99 -7.36
N ALA D 30 33.64 8.52 -6.32
CA ALA D 30 32.72 7.40 -6.39
C ALA D 30 31.32 7.86 -6.00
N LEU D 31 30.32 7.07 -6.41
CA LEU D 31 28.92 7.31 -6.08
C LEU D 31 28.12 6.03 -6.31
N PHE D 32 26.91 6.02 -5.77
CA PHE D 32 25.84 5.15 -6.24
C PHE D 32 25.07 5.89 -7.32
N THR D 33 24.65 5.16 -8.37
CA THR D 33 23.84 5.73 -9.44
C THR D 33 22.34 5.65 -9.16
N LYS D 34 21.96 4.99 -8.07
CA LYS D 34 20.58 4.82 -7.65
C LYS D 34 20.65 4.34 -6.21
N ASN D 35 19.51 4.44 -5.51
CA ASN D 35 19.40 3.99 -4.14
C ASN D 35 19.88 2.54 -4.00
N GLN D 36 20.90 2.34 -3.17
CA GLN D 36 21.54 1.04 -3.04
C GLN D 36 20.67 0.01 -2.34
N ARG D 37 19.54 0.41 -1.77
CA ARG D 37 18.61 -0.49 -1.09
C ARG D 37 17.35 -0.77 -1.90
N GLN D 38 17.23 -0.25 -3.12
CA GLN D 38 16.12 -0.57 -4.01
C GLN D 38 16.60 -1.51 -5.11
N TRP D 39 15.79 -2.52 -5.44
CA TRP D 39 16.15 -3.39 -6.55
C TRP D 39 16.06 -2.69 -7.90
N ARG D 40 15.04 -1.86 -8.09
CA ARG D 40 14.89 -1.14 -9.36
C ARG D 40 14.49 0.29 -9.05
N ALA D 41 15.10 1.22 -9.77
CA ALA D 41 14.85 2.63 -9.60
C ALA D 41 14.21 3.19 -10.85
N ALA D 42 13.71 4.41 -10.74
CA ALA D 42 13.15 5.08 -11.90
C ALA D 42 14.21 5.14 -12.99
N PRO D 43 13.82 5.05 -14.26
CA PRO D 43 14.79 5.23 -15.34
C PRO D 43 15.43 6.60 -15.26
N LEU D 44 16.71 6.67 -15.63
CA LEU D 44 17.39 7.95 -15.71
C LEU D 44 16.70 8.87 -16.69
N THR D 45 16.36 10.06 -16.21
CA THR D 45 15.78 11.11 -17.02
C THR D 45 16.84 11.76 -17.89
N THR D 46 16.39 12.40 -18.98
CA THR D 46 17.32 13.19 -19.78
C THR D 46 17.91 14.32 -18.96
N GLN D 47 17.12 14.90 -18.04
CA GLN D 47 17.63 15.97 -17.18
C GLN D 47 18.77 15.49 -16.31
N THR D 48 18.54 14.41 -15.55
CA THR D 48 19.59 13.87 -14.67
C THR D 48 20.87 13.57 -15.45
N ILE D 49 20.76 12.98 -16.63
CA ILE D 49 21.95 12.60 -17.37
C ILE D 49 22.72 13.84 -17.77
N ASP D 50 22.03 14.81 -18.38
CA ASP D 50 22.72 16.00 -18.86
C ASP D 50 23.36 16.77 -17.72
N GLU D 51 22.65 16.88 -16.59
CA GLU D 51 23.20 17.60 -15.46
C GLU D 51 24.43 16.90 -14.91
N PHE D 52 24.38 15.57 -14.82
CA PHE D 52 25.54 14.82 -14.35
C PHE D 52 26.73 14.99 -15.30
N LYS D 53 26.48 14.81 -16.61
CA LYS D 53 27.57 14.94 -17.56
C LYS D 53 28.14 16.35 -17.59
N ALA D 54 27.26 17.35 -17.49
CA ALA D 54 27.73 18.74 -17.45
C ALA D 54 28.56 19.01 -16.19
N ALA D 55 28.16 18.47 -15.06
CA ALA D 55 28.94 18.67 -13.84
C ALA D 55 30.31 17.98 -13.96
N CYS D 56 30.33 16.74 -14.45
CA CYS D 56 31.59 16.06 -14.70
C CYS D 56 32.50 16.89 -15.61
N GLU D 57 31.95 17.40 -16.72
CA GLU D 57 32.72 18.24 -17.64
C GLU D 57 33.23 19.49 -16.93
N LYS D 58 32.39 20.14 -16.14
CA LYS D 58 32.78 21.38 -15.49
C LYS D 58 33.94 21.15 -14.54
N TYR D 59 33.92 20.06 -13.79
CA TYR D 59 34.88 19.82 -12.72
C TYR D 59 35.99 18.85 -13.11
N HIS D 60 36.15 18.56 -14.41
CA HIS D 60 37.32 17.84 -14.90
C HIS D 60 37.34 16.38 -14.48
N TYR D 61 36.15 15.75 -14.40
CA TYR D 61 36.02 14.33 -14.09
C TYR D 61 35.66 13.58 -15.37
N THR D 62 36.67 12.99 -16.02
CA THR D 62 36.43 12.08 -17.13
C THR D 62 35.98 10.72 -16.58
N SER D 63 35.51 9.87 -17.49
CA SER D 63 35.06 8.54 -17.08
C SER D 63 36.18 7.76 -16.40
N ALA D 64 37.43 8.04 -16.74
CA ALA D 64 38.53 7.29 -16.12
C ALA D 64 38.74 7.66 -14.66
N GLN D 65 38.07 8.69 -14.16
CA GLN D 65 38.25 9.17 -12.79
C GLN D 65 37.07 8.85 -11.88
N ILE D 66 36.07 8.12 -12.38
CA ILE D 66 34.84 7.90 -11.63
C ILE D 66 34.61 6.41 -11.47
N LEU D 67 34.33 5.99 -10.23
CA LEU D 67 34.19 4.59 -9.87
C LEU D 67 32.87 4.39 -9.14
N PRO D 68 31.77 4.23 -9.87
CA PRO D 68 30.50 3.93 -9.19
C PRO D 68 30.57 2.61 -8.44
N HIS D 69 29.72 2.50 -7.44
CA HIS D 69 29.54 1.30 -6.64
C HIS D 69 28.14 0.75 -6.90
N ASP D 70 28.02 -0.56 -7.04
CA ASP D 70 26.69 -1.11 -7.23
C ASP D 70 25.97 -1.29 -5.88
N SER D 71 24.70 -1.69 -5.96
CA SER D 71 23.91 -1.98 -4.78
C SER D 71 24.46 -3.18 -3.99
N TYR D 72 24.29 -3.14 -2.64
CA TYR D 72 24.65 -4.28 -1.80
C TYR D 72 23.64 -5.42 -1.86
N LEU D 73 22.45 -5.21 -2.43
CA LEU D 73 21.48 -6.29 -2.60
C LEU D 73 21.98 -7.34 -3.61
N ILE D 74 22.74 -6.90 -4.61
CA ILE D 74 23.12 -7.76 -5.72
C ILE D 74 24.06 -8.86 -5.22
N ASN D 75 23.74 -10.11 -5.57
CA ASN D 75 24.55 -11.30 -5.26
C ASN D 75 24.68 -12.12 -6.55
N LEU D 76 25.74 -11.84 -7.32
CA LEU D 76 25.98 -12.50 -8.59
C LEU D 76 26.37 -13.95 -8.45
N GLY D 77 26.53 -14.47 -7.23
CA GLY D 77 26.85 -15.87 -6.99
C GLY D 77 25.77 -16.58 -6.18
N HIS D 78 24.57 -15.99 -6.17
CA HIS D 78 23.51 -16.48 -5.31
C HIS D 78 23.19 -17.94 -5.65
N PRO D 79 23.01 -18.81 -4.65
CA PRO D 79 22.77 -20.23 -4.95
C PRO D 79 21.37 -20.55 -5.45
N VAL D 80 20.40 -19.68 -5.23
CA VAL D 80 19.02 -19.95 -5.64
C VAL D 80 18.81 -19.35 -7.02
N THR D 81 18.26 -20.14 -7.94
CA THR D 81 18.14 -19.71 -9.33
C THR D 81 17.37 -18.40 -9.47
N GLU D 82 16.19 -18.30 -8.84
CA GLU D 82 15.39 -17.10 -9.06
C GLU D 82 16.05 -15.86 -8.49
N ALA D 83 16.71 -16.00 -7.33
CA ALA D 83 17.47 -14.89 -6.74
C ALA D 83 18.70 -14.54 -7.57
N LEU D 84 19.38 -15.54 -8.14
CA LEU D 84 20.52 -15.25 -9.00
C LEU D 84 20.10 -14.40 -10.18
N GLU D 85 18.99 -14.75 -10.83
CA GLU D 85 18.58 -14.00 -12.02
C GLU D 85 18.08 -12.61 -11.65
N LYS D 86 17.43 -12.47 -10.49
CA LYS D 86 17.08 -11.13 -10.00
C LYS D 86 18.33 -10.25 -9.84
N SER D 87 19.39 -10.82 -9.28
CA SER D 87 20.63 -10.06 -9.12
C SER D 87 21.29 -9.75 -10.46
N ARG D 88 21.32 -10.73 -11.39
CA ARG D 88 21.87 -10.49 -12.72
C ARG D 88 21.11 -9.39 -13.47
N ASP D 89 19.77 -9.40 -13.39
CA ASP D 89 18.99 -8.32 -13.99
C ASP D 89 19.35 -6.97 -13.39
N ALA D 90 19.51 -6.90 -12.07
CA ALA D 90 19.82 -5.62 -11.43
C ALA D 90 21.22 -5.14 -11.80
N PHE D 91 22.17 -6.08 -11.89
CA PHE D 91 23.53 -5.72 -12.25
C PHE D 91 23.60 -5.24 -13.71
N ILE D 92 22.86 -5.89 -14.62
CA ILE D 92 22.77 -5.35 -15.99
C ILE D 92 22.23 -3.94 -15.96
N ASP D 93 21.18 -3.69 -15.14
CA ASP D 93 20.62 -2.35 -15.02
C ASP D 93 21.67 -1.35 -14.51
N GLU D 94 22.43 -1.73 -13.49
CA GLU D 94 23.48 -0.83 -13.02
C GLU D 94 24.45 -0.49 -14.15
N MET D 95 24.86 -1.50 -14.92
CA MET D 95 25.82 -1.28 -15.99
C MET D 95 25.22 -0.38 -17.07
N GLN D 96 23.92 -0.54 -17.34
CA GLN D 96 23.25 0.32 -18.31
C GLN D 96 23.17 1.76 -17.81
N ARG D 97 22.96 1.95 -16.50
CA ARG D 97 22.97 3.31 -15.97
C ARG D 97 24.35 3.95 -16.13
N CYS D 98 25.41 3.15 -15.93
CA CYS D 98 26.76 3.64 -16.24
C CYS D 98 26.90 3.99 -17.73
N GLU D 99 26.51 3.08 -18.61
CA GLU D 99 26.49 3.42 -20.03
C GLU D 99 25.84 4.81 -20.21
N GLN D 100 24.61 4.97 -19.70
CA GLN D 100 23.85 6.17 -19.97
C GLN D 100 24.49 7.41 -19.36
N LEU D 101 25.22 7.26 -18.26
CA LEU D 101 25.84 8.39 -17.59
C LEU D 101 27.22 8.70 -18.12
N GLY D 102 27.70 7.98 -19.12
CA GLY D 102 29.05 8.15 -19.60
C GLY D 102 30.11 7.50 -18.75
N LEU D 103 29.73 6.54 -17.90
CA LEU D 103 30.67 5.90 -16.98
C LEU D 103 31.16 4.58 -17.57
N SER D 104 32.39 4.22 -17.23
CA SER D 104 33.10 3.11 -17.85
C SER D 104 33.54 2.04 -16.87
N LEU D 105 33.28 2.24 -15.57
CA LEU D 105 33.67 1.33 -14.50
C LEU D 105 32.49 1.10 -13.58
N LEU D 106 32.39 -0.10 -13.02
CA LEU D 106 31.37 -0.40 -12.02
C LEU D 106 31.96 -1.35 -11.00
N ASN D 107 32.17 -0.82 -9.79
CA ASN D 107 32.71 -1.56 -8.66
C ASN D 107 31.62 -2.30 -7.90
N PHE D 108 31.88 -3.57 -7.58
CA PHE D 108 30.90 -4.40 -6.90
C PHE D 108 31.61 -5.48 -6.09
N HIS D 109 31.00 -5.86 -4.99
CA HIS D 109 31.43 -7.03 -4.23
C HIS D 109 30.92 -8.30 -4.92
N PRO D 110 31.77 -9.33 -5.05
CA PRO D 110 31.46 -10.40 -6.01
C PRO D 110 30.25 -11.27 -5.68
N GLY D 111 30.06 -11.71 -4.43
CA GLY D 111 28.91 -12.51 -4.11
C GLY D 111 29.11 -13.38 -2.88
N SER D 112 28.08 -14.19 -2.58
CA SER D 112 28.04 -14.99 -1.37
C SER D 112 27.33 -16.32 -1.62
N HIS D 113 27.80 -17.38 -0.98
CA HIS D 113 27.30 -18.72 -1.26
C HIS D 113 26.21 -19.16 -0.29
N LEU D 114 26.04 -18.47 0.84
CA LEU D 114 24.95 -18.69 1.78
C LEU D 114 24.94 -20.11 2.34
N MET D 115 26.07 -20.81 2.30
CA MET D 115 26.23 -22.15 2.86
C MET D 115 25.46 -23.19 2.06
N GLN D 116 25.02 -22.85 0.83
CA GLN D 116 24.23 -23.75 0.00
C GLN D 116 24.94 -24.22 -1.25
N ILE D 117 26.05 -23.60 -1.63
CA ILE D 117 26.90 -24.11 -2.69
C ILE D 117 28.34 -23.88 -2.25
N SER D 118 29.25 -24.57 -2.93
CA SER D 118 30.68 -24.47 -2.65
C SER D 118 31.22 -23.15 -3.17
N GLU D 119 32.42 -22.81 -2.70
CA GLU D 119 33.08 -21.61 -3.19
C GLU D 119 33.31 -21.68 -4.69
N GLU D 120 33.86 -22.79 -5.16
CA GLU D 120 34.20 -22.92 -6.57
C GLU D 120 32.98 -22.71 -7.46
N ASP D 121 31.83 -23.24 -7.06
CA ASP D 121 30.61 -23.05 -7.83
C ASP D 121 30.07 -21.63 -7.70
N CYS D 122 30.20 -21.02 -6.51
CA CYS D 122 29.77 -19.64 -6.35
C CYS D 122 30.61 -18.70 -7.21
N LEU D 123 31.94 -18.87 -7.16
CA LEU D 123 32.82 -18.09 -8.01
C LEU D 123 32.48 -18.29 -9.48
N ALA D 124 32.11 -19.50 -9.87
CA ALA D 124 31.81 -19.73 -11.29
C ALA D 124 30.49 -19.09 -11.70
N ARG D 125 29.52 -19.01 -10.80
CA ARG D 125 28.29 -18.26 -11.06
C ARG D 125 28.59 -16.78 -11.21
N ILE D 126 29.48 -16.25 -10.37
CA ILE D 126 29.83 -14.84 -10.45
C ILE D 126 30.48 -14.53 -11.78
N ALA D 127 31.39 -15.38 -12.22
CA ALA D 127 32.03 -15.19 -13.52
C ALA D 127 30.98 -15.20 -14.63
N GLU D 128 30.01 -16.12 -14.58
CA GLU D 128 29.02 -16.15 -15.66
C GLU D 128 28.08 -14.96 -15.56
N SER D 129 27.80 -14.46 -14.35
CA SER D 129 27.00 -13.24 -14.21
C SER D 129 27.67 -12.09 -14.95
N ILE D 130 28.98 -11.93 -14.77
CA ILE D 130 29.73 -10.90 -15.49
C ILE D 130 29.61 -11.11 -17.00
N ASN D 131 29.86 -12.34 -17.47
CA ASN D 131 29.73 -12.63 -18.90
C ASN D 131 28.36 -12.17 -19.43
N ILE D 132 27.30 -12.49 -18.71
CA ILE D 132 25.94 -12.13 -19.12
C ILE D 132 25.80 -10.61 -19.23
N ALA D 133 26.28 -9.88 -18.21
CA ALA D 133 26.21 -8.42 -18.22
C ALA D 133 27.01 -7.82 -19.36
N LEU D 134 28.16 -8.41 -19.67
CA LEU D 134 29.02 -7.85 -20.70
C LEU D 134 28.51 -8.20 -22.10
N ASP D 135 27.64 -9.20 -22.21
CA ASP D 135 26.94 -9.48 -23.46
C ASP D 135 25.72 -8.57 -23.64
N LYS D 136 25.25 -7.93 -22.58
CA LYS D 136 24.09 -7.06 -22.69
C LYS D 136 24.44 -5.58 -22.65
N THR D 137 25.72 -5.21 -22.53
CA THR D 137 26.13 -3.83 -22.50
C THR D 137 27.46 -3.65 -23.23
N GLN D 138 27.89 -2.39 -23.31
CA GLN D 138 29.11 -2.01 -24.00
C GLN D 138 29.82 -0.94 -23.19
N GLY D 139 31.15 -1.01 -23.15
CA GLY D 139 31.95 0.09 -22.64
C GLY D 139 32.08 0.18 -21.14
N VAL D 140 31.50 -0.73 -20.37
CA VAL D 140 31.60 -0.67 -18.93
C VAL D 140 32.37 -1.91 -18.47
N THR D 141 33.46 -1.67 -17.76
CA THR D 141 34.23 -2.72 -17.12
C THR D 141 33.63 -3.08 -15.76
N ALA D 142 33.50 -4.38 -15.53
CA ALA D 142 33.07 -4.92 -14.23
C ALA D 142 34.28 -5.05 -13.31
N VAL D 143 34.28 -4.27 -12.23
CA VAL D 143 35.43 -4.10 -11.37
C VAL D 143 35.13 -4.82 -10.06
N ILE D 144 35.78 -5.96 -9.84
CA ILE D 144 35.56 -6.78 -8.65
C ILE D 144 36.29 -6.16 -7.46
N GLU D 145 35.55 -5.83 -6.41
CA GLU D 145 36.16 -5.33 -5.20
C GLU D 145 36.43 -6.49 -4.25
N ASN D 146 37.63 -6.50 -3.66
CA ASN D 146 37.88 -7.46 -2.60
C ASN D 146 37.09 -7.05 -1.36
N THR D 147 36.85 -8.04 -0.49
CA THR D 147 35.98 -7.89 0.66
C THR D 147 36.69 -8.33 1.93
N ALA D 148 36.08 -8.01 3.07
CA ALA D 148 36.59 -8.45 4.36
C ALA D 148 36.33 -9.93 4.59
N GLY D 149 35.37 -10.50 3.90
CA GLY D 149 35.06 -11.90 4.12
C GLY D 149 34.12 -12.14 5.28
N GLN D 150 33.20 -11.21 5.54
CA GLN D 150 32.15 -11.44 6.52
C GLN D 150 31.13 -12.46 6.00
N GLY D 151 30.58 -13.26 6.94
CA GLY D 151 29.54 -14.22 6.58
C GLY D 151 30.00 -15.23 5.55
N SER D 152 29.19 -15.41 4.50
CA SER D 152 29.56 -16.27 3.37
C SER D 152 30.02 -15.46 2.15
N ASN D 153 30.38 -14.19 2.37
CA ASN D 153 30.86 -13.35 1.29
C ASN D 153 32.23 -13.83 0.83
N LEU D 154 32.37 -13.97 -0.47
CA LEU D 154 33.65 -14.29 -1.10
C LEU D 154 34.32 -13.00 -1.52
N GLY D 155 35.50 -13.14 -2.10
CA GLY D 155 36.31 -12.01 -2.53
C GLY D 155 37.35 -11.57 -1.52
N PHE D 156 37.52 -12.30 -0.43
CA PHE D 156 38.44 -11.89 0.60
C PHE D 156 39.84 -12.44 0.35
N LYS D 157 39.96 -13.41 -0.55
CA LYS D 157 41.25 -13.88 -1.04
C LYS D 157 41.47 -13.38 -2.45
N PHE D 158 42.73 -13.00 -2.76
CA PHE D 158 43.08 -12.65 -4.13
C PHE D 158 42.77 -13.81 -5.09
N GLU D 159 42.86 -15.05 -4.59
CA GLU D 159 42.53 -16.23 -5.37
C GLU D 159 41.11 -16.19 -5.91
N HIS D 160 40.18 -15.63 -5.12
CA HIS D 160 38.79 -15.51 -5.55
C HIS D 160 38.68 -14.60 -6.78
N LEU D 161 39.30 -13.41 -6.73
CA LEU D 161 39.27 -12.54 -7.89
C LEU D 161 39.88 -13.24 -9.11
N ALA D 162 40.98 -13.95 -8.89
CA ALA D 162 41.61 -14.67 -9.99
C ALA D 162 40.67 -15.74 -10.55
N ALA D 163 40.01 -16.49 -9.69
CA ALA D 163 39.06 -17.49 -10.18
C ALA D 163 37.94 -16.86 -11.01
N ILE D 164 37.41 -15.72 -10.56
CA ILE D 164 36.36 -15.05 -11.33
C ILE D 164 36.91 -14.61 -12.67
N ILE D 165 38.04 -13.88 -12.66
CA ILE D 165 38.60 -13.37 -13.91
C ILE D 165 38.81 -14.51 -14.90
N ASP D 166 39.28 -15.66 -14.43
CA ASP D 166 39.51 -16.79 -15.32
C ASP D 166 38.23 -17.27 -16.00
N GLY D 167 37.09 -17.05 -15.36
CA GLY D 167 35.84 -17.42 -16.01
C GLY D 167 35.28 -16.39 -16.94
N VAL D 168 35.88 -15.22 -17.01
CA VAL D 168 35.31 -14.13 -17.79
C VAL D 168 35.87 -14.19 -19.21
N GLU D 169 34.96 -14.17 -20.18
CA GLU D 169 35.37 -14.26 -21.59
C GLU D 169 36.12 -13.01 -22.04
N ASP D 170 35.51 -11.83 -21.86
CA ASP D 170 36.11 -10.58 -22.33
C ASP D 170 36.99 -9.98 -21.24
N LYS D 171 38.29 -10.27 -21.31
CA LYS D 171 39.22 -9.82 -20.30
C LYS D 171 39.41 -8.30 -20.32
N SER D 172 38.98 -7.63 -21.38
CA SER D 172 39.14 -6.18 -21.49
C SER D 172 38.09 -5.43 -20.67
N ARG D 173 37.08 -6.11 -20.16
CA ARG D 173 36.03 -5.46 -19.39
C ARG D 173 35.81 -6.14 -18.05
N VAL D 174 36.83 -6.80 -17.53
CA VAL D 174 36.84 -7.19 -16.12
C VAL D 174 38.10 -6.60 -15.49
N GLY D 175 37.99 -6.25 -14.21
CA GLY D 175 39.09 -5.73 -13.45
C GLY D 175 38.83 -5.94 -11.98
N VAL D 176 39.70 -5.36 -11.15
CA VAL D 176 39.54 -5.44 -9.71
C VAL D 176 39.83 -4.08 -9.06
N CYS D 177 39.31 -3.92 -7.84
CA CYS D 177 39.60 -2.76 -7.00
C CYS D 177 40.03 -3.30 -5.65
N ILE D 178 41.11 -2.78 -5.11
CA ILE D 178 41.60 -3.30 -3.84
C ILE D 178 41.25 -2.28 -2.78
N ASP D 179 40.46 -2.72 -1.83
CA ASP D 179 40.12 -1.95 -0.65
C ASP D 179 41.08 -2.35 0.47
N THR D 180 41.89 -1.39 0.91
CA THR D 180 42.92 -1.65 1.90
C THR D 180 42.32 -2.16 3.21
N CYS D 181 41.20 -1.60 3.66
CA CYS D 181 40.60 -2.10 4.91
C CYS D 181 40.20 -3.57 4.77
N HIS D 182 39.49 -3.89 3.68
CA HIS D 182 39.08 -5.25 3.41
C HIS D 182 40.28 -6.21 3.37
N ALA D 183 41.33 -5.83 2.63
CA ALA D 183 42.52 -6.68 2.55
C ALA D 183 43.09 -6.94 3.94
N PHE D 184 43.27 -5.88 4.71
CA PHE D 184 43.80 -6.02 6.06
C PHE D 184 42.93 -6.94 6.90
N ALA D 185 41.60 -6.72 6.87
CA ALA D 185 40.69 -7.55 7.63
C ALA D 185 40.74 -8.99 7.19
N ALA D 186 41.00 -9.22 5.89
CA ALA D 186 41.06 -10.58 5.39
C ALA D 186 42.41 -11.25 5.63
N GLY D 187 43.36 -10.56 6.23
CA GLY D 187 44.64 -11.16 6.58
C GLY D 187 45.82 -10.77 5.71
N TYR D 188 45.70 -9.75 4.87
CA TYR D 188 46.81 -9.25 4.08
C TYR D 188 47.40 -8.05 4.83
N ASP D 189 48.60 -8.23 5.38
CA ASP D 189 49.17 -7.21 6.24
C ASP D 189 49.63 -6.01 5.42
N LEU D 190 49.37 -4.82 5.96
CA LEU D 190 49.78 -3.57 5.33
C LEU D 190 50.49 -2.62 6.31
N ARG D 191 50.77 -3.07 7.53
CA ARG D 191 51.20 -2.15 8.57
C ARG D 191 52.62 -1.61 8.37
N THR D 192 53.40 -2.17 7.47
CA THR D 192 54.75 -1.71 7.20
C THR D 192 54.99 -1.71 5.70
N PRO D 193 55.95 -0.92 5.23
CA PRO D 193 56.28 -0.97 3.79
C PRO D 193 56.66 -2.36 3.34
N ALA D 194 57.38 -3.10 4.19
CA ALA D 194 57.82 -4.45 3.83
C ALA D 194 56.64 -5.40 3.61
N GLU D 195 55.61 -5.30 4.47
CA GLU D 195 54.44 -6.16 4.28
C GLU D 195 53.58 -5.70 3.12
N CYS D 196 53.56 -4.40 2.84
CA CYS D 196 52.94 -3.91 1.61
C CYS D 196 53.62 -4.51 0.38
N GLU D 197 54.96 -4.55 0.38
CA GLU D 197 55.68 -5.15 -0.75
C GLU D 197 55.24 -6.59 -0.96
N LYS D 198 55.18 -7.37 0.13
CA LYS D 198 54.78 -8.77 0.02
C LYS D 198 53.33 -8.90 -0.45
N THR D 199 52.41 -8.17 0.21
CA THR D 199 51.00 -8.26 -0.14
C THR D 199 50.76 -7.98 -1.62
N PHE D 200 51.33 -6.89 -2.15
CA PHE D 200 51.12 -6.60 -3.56
C PHE D 200 52.03 -7.38 -4.50
N ALA D 201 53.13 -7.98 -4.01
CA ALA D 201 53.79 -8.98 -4.85
C ALA D 201 52.88 -10.19 -5.04
N ASP D 202 52.18 -10.58 -3.98
CA ASP D 202 51.25 -11.69 -4.12
C ASP D 202 50.04 -11.28 -4.95
N PHE D 203 49.57 -10.03 -4.80
CA PHE D 203 48.52 -9.54 -5.69
C PHE D 203 48.95 -9.59 -7.15
N ALA D 204 50.17 -9.15 -7.45
CA ALA D 204 50.65 -9.12 -8.83
C ALA D 204 50.75 -10.52 -9.41
N ARG D 205 51.17 -11.48 -8.58
CA ARG D 205 51.33 -12.87 -8.98
C ARG D 205 49.97 -13.54 -9.21
N THR D 206 49.02 -13.32 -8.30
CA THR D 206 47.74 -14.04 -8.35
C THR D 206 46.72 -13.37 -9.26
N VAL D 207 46.59 -12.04 -9.19
CA VAL D 207 45.63 -11.32 -10.03
C VAL D 207 46.37 -10.58 -11.15
N GLY D 208 47.32 -9.72 -10.80
CA GLY D 208 48.00 -8.89 -11.80
C GLY D 208 47.55 -7.44 -11.78
N PHE D 209 48.50 -6.51 -11.72
CA PHE D 209 48.19 -5.10 -11.82
C PHE D 209 47.59 -4.73 -13.18
N LYS D 210 47.78 -5.55 -14.19
CA LYS D 210 47.11 -5.33 -15.47
C LYS D 210 45.60 -5.27 -15.31
N TYR D 211 45.06 -5.85 -14.25
CA TYR D 211 43.62 -5.84 -13.98
C TYR D 211 43.19 -4.80 -12.94
N LEU D 212 44.13 -4.06 -12.33
CA LEU D 212 43.78 -3.05 -11.34
C LEU D 212 43.11 -1.85 -11.98
N ARG D 213 41.86 -1.59 -11.57
CA ARG D 213 41.05 -0.52 -12.10
C ARG D 213 40.65 0.52 -11.04
N GLY D 214 40.98 0.28 -9.77
CA GLY D 214 40.72 1.27 -8.75
C GLY D 214 41.22 0.78 -7.40
N MET D 215 41.26 1.72 -6.46
CA MET D 215 41.57 1.43 -5.08
C MET D 215 40.56 2.14 -4.17
N HIS D 216 40.27 1.52 -3.05
CA HIS D 216 39.59 2.18 -1.95
C HIS D 216 40.60 2.33 -0.81
N LEU D 217 40.92 3.57 -0.47
CA LEU D 217 41.94 3.88 0.51
C LEU D 217 41.24 4.11 1.85
N ASN D 218 41.21 3.05 2.66
CA ASN D 218 40.58 3.05 3.97
C ASN D 218 41.53 2.49 5.01
N ASP D 219 41.66 3.20 6.13
CA ASP D 219 42.25 2.62 7.34
C ASP D 219 41.18 1.71 7.95
N ALA D 220 41.50 1.07 9.08
CA ALA D 220 40.69 0.02 9.68
C ALA D 220 40.55 0.18 11.19
N LYS D 221 39.30 0.22 11.67
CA LYS D 221 39.00 0.04 13.09
C LYS D 221 38.98 -1.42 13.50
N SER D 222 38.76 -2.33 12.56
CA SER D 222 38.83 -3.75 12.86
C SER D 222 40.29 -4.22 12.89
N THR D 223 40.50 -5.43 13.38
CA THR D 223 41.85 -5.94 13.62
C THR D 223 42.31 -6.86 12.49
N PHE D 224 43.64 -7.03 12.40
CA PHE D 224 44.26 -7.84 11.37
C PHE D 224 43.69 -9.26 11.29
N GLY D 225 43.20 -9.62 10.10
CA GLY D 225 42.59 -10.93 9.88
C GLY D 225 41.27 -11.17 10.59
N SER D 226 40.65 -10.13 11.15
CA SER D 226 39.39 -10.31 11.85
C SER D 226 38.23 -10.65 10.93
N ARG D 227 38.40 -10.45 9.62
CA ARG D 227 37.32 -10.62 8.66
C ARG D 227 36.06 -9.85 9.08
N VAL D 228 36.27 -8.66 9.64
CA VAL D 228 35.22 -7.71 9.98
C VAL D 228 35.52 -6.39 9.29
N ASP D 229 34.51 -5.79 8.65
CA ASP D 229 34.69 -4.55 7.89
C ASP D 229 34.26 -3.34 8.72
N ARG D 230 35.24 -2.56 9.18
CA ARG D 230 35.03 -1.26 9.83
C ARG D 230 36.13 -0.32 9.37
N HIS D 231 35.78 0.66 8.53
CA HIS D 231 36.77 1.57 8.02
C HIS D 231 37.21 2.55 9.09
N HIS D 232 38.30 3.26 8.79
CA HIS D 232 38.75 4.39 9.60
C HIS D 232 39.47 5.39 8.69
N SER D 233 39.50 6.63 9.17
CA SER D 233 40.24 7.71 8.52
C SER D 233 41.72 7.39 8.46
N LEU D 234 42.37 7.83 7.39
CA LEU D 234 43.73 7.45 7.10
C LEU D 234 44.64 7.82 8.25
N GLY D 235 45.40 6.84 8.73
CA GLY D 235 46.38 7.06 9.78
C GLY D 235 45.86 6.89 11.19
N GLU D 236 44.54 6.85 11.38
CA GLU D 236 43.95 6.76 12.71
C GLU D 236 43.65 5.34 13.15
N GLY D 237 43.76 4.36 12.25
CA GLY D 237 43.35 3.01 12.53
C GLY D 237 44.51 2.05 12.65
N ASN D 238 44.20 0.75 12.57
CA ASN D 238 45.19 -0.31 12.77
C ASN D 238 46.07 -0.56 11.56
N ILE D 239 45.80 0.06 10.40
CA ILE D 239 46.77 0.00 9.30
C ILE D 239 47.83 1.08 9.49
N GLY D 240 47.42 2.32 9.78
CA GLY D 240 48.34 3.42 9.95
C GLY D 240 48.68 4.14 8.66
N HIS D 241 49.58 5.13 8.79
CA HIS D 241 49.84 6.01 7.66
C HIS D 241 50.69 5.34 6.59
N ASP D 242 51.61 4.45 6.97
CA ASP D 242 52.67 4.06 6.03
C ASP D 242 52.11 3.44 4.76
N ALA D 243 51.14 2.53 4.89
CA ALA D 243 50.53 1.90 3.72
C ALA D 243 50.12 2.92 2.67
N PHE D 244 49.60 4.07 3.12
CA PHE D 244 49.04 5.03 2.17
C PHE D 244 50.13 5.86 1.50
N ARG D 245 51.18 6.26 2.22
CA ARG D 245 52.36 6.82 1.56
C ARG D 245 52.88 5.83 0.52
N TRP D 246 53.03 4.56 0.94
CA TRP D 246 53.58 3.54 0.08
C TRP D 246 52.80 3.44 -1.23
N ILE D 247 51.47 3.38 -1.13
CA ILE D 247 50.65 3.31 -2.34
C ILE D 247 50.83 4.57 -3.18
N MET D 248 50.81 5.74 -2.55
CA MET D 248 50.89 6.98 -3.33
C MET D 248 52.25 7.13 -4.03
N GLN D 249 53.29 6.45 -3.54
CA GLN D 249 54.62 6.55 -4.12
C GLN D 249 54.95 5.43 -5.10
N ASP D 250 54.00 4.53 -5.36
CA ASP D 250 54.21 3.40 -6.24
C ASP D 250 53.50 3.67 -7.55
N ASP D 251 54.25 3.60 -8.66
CA ASP D 251 53.67 4.01 -9.94
C ASP D 251 52.69 2.98 -10.47
N ARG D 252 52.53 1.84 -9.81
CA ARG D 252 51.57 0.85 -10.27
C ARG D 252 50.14 1.25 -9.95
N PHE D 253 49.93 2.26 -9.12
CA PHE D 253 48.59 2.70 -8.77
C PHE D 253 48.16 3.93 -9.55
N ASP D 254 48.82 4.21 -10.68
CA ASP D 254 48.57 5.37 -11.49
C ASP D 254 47.39 5.19 -12.43
N GLY D 255 46.82 6.31 -12.86
CA GLY D 255 45.80 6.30 -13.88
C GLY D 255 44.48 5.72 -13.46
N ILE D 256 44.21 5.53 -12.16
CA ILE D 256 42.97 4.89 -11.73
C ILE D 256 42.33 5.69 -10.59
N PRO D 257 41.00 5.55 -10.41
CA PRO D 257 40.37 6.18 -9.23
C PRO D 257 40.90 5.60 -7.92
N LEU D 258 41.43 6.49 -7.08
CA LEU D 258 41.84 6.13 -5.72
C LEU D 258 40.86 6.85 -4.80
N ILE D 259 40.01 6.07 -4.11
CA ILE D 259 38.76 6.54 -3.50
C ILE D 259 38.79 6.34 -2.00
N LEU D 260 38.63 7.43 -1.26
CA LEU D 260 38.43 7.35 0.17
C LEU D 260 37.01 6.91 0.50
N GLU D 261 36.88 5.95 1.42
CA GLU D 261 35.62 5.62 2.08
C GLU D 261 35.82 5.74 3.58
N THR D 262 36.67 6.69 3.95
CA THR D 262 36.96 7.03 5.33
C THR D 262 35.76 7.68 5.99
N ILE D 263 35.75 7.61 7.33
CA ILE D 263 34.53 7.72 8.11
C ILE D 263 34.23 9.13 8.60
N ASN D 264 35.12 10.09 8.34
CA ASN D 264 34.85 11.49 8.69
C ASN D 264 34.88 12.39 7.47
N PRO D 265 33.73 12.66 6.85
CA PRO D 265 33.74 13.47 5.62
C PRO D 265 34.31 14.87 5.80
N ASP D 266 34.33 15.39 7.03
CA ASP D 266 34.82 16.76 7.24
C ASP D 266 36.31 16.92 7.00
N ILE D 267 37.09 15.83 6.94
CA ILE D 267 38.52 15.93 6.68
C ILE D 267 38.92 15.36 5.33
N TRP D 268 37.94 14.97 4.50
CA TRP D 268 38.28 14.41 3.20
C TRP D 268 39.20 15.35 2.42
N ALA D 269 38.93 16.66 2.45
CA ALA D 269 39.80 17.56 1.71
C ALA D 269 41.23 17.46 2.21
N GLU D 270 41.40 17.33 3.54
CA GLU D 270 42.70 17.15 4.15
C GLU D 270 43.33 15.83 3.73
N GLU D 271 42.54 14.75 3.77
CA GLU D 271 43.07 13.45 3.37
C GLU D 271 43.51 13.46 1.92
N ILE D 272 42.72 14.08 1.03
CA ILE D 272 43.11 14.19 -0.37
C ILE D 272 44.43 14.95 -0.49
N ALA D 273 44.51 16.11 0.15
CA ALA D 273 45.73 16.93 0.07
C ALA D 273 46.93 16.17 0.62
N TRP D 274 46.74 15.44 1.72
CA TRP D 274 47.81 14.65 2.30
C TRP D 274 48.26 13.52 1.38
N LEU D 275 47.31 12.86 0.75
CA LEU D 275 47.68 11.82 -0.21
C LEU D 275 48.44 12.41 -1.38
N LYS D 276 47.91 13.48 -1.96
CA LYS D 276 48.60 14.19 -3.03
C LYS D 276 50.02 14.55 -2.61
N ALA D 277 50.18 14.95 -1.34
CA ALA D 277 51.50 15.36 -0.86
C ALA D 277 52.47 14.18 -0.77
N GLN D 278 51.98 12.98 -0.48
CA GLN D 278 52.87 11.83 -0.32
C GLN D 278 53.52 11.38 -1.63
N GLN D 279 52.92 11.71 -2.78
CA GLN D 279 53.56 11.42 -4.06
C GLN D 279 54.94 12.03 -4.18
N THR D 280 55.29 12.91 -3.24
CA THR D 280 56.46 13.76 -3.33
C THR D 280 57.22 13.89 -2.02
N GLU D 281 56.59 13.62 -0.87
CA GLU D 281 57.23 13.64 0.45
C GLU D 281 58.31 12.59 0.55
N LYS D 282 58.90 12.43 1.74
CA LYS D 282 59.98 11.47 1.95
C LYS D 282 59.48 10.04 1.76
N ALA D 283 60.27 9.22 1.06
CA ALA D 283 59.85 7.91 0.58
C ALA D 283 59.85 6.90 1.71
N VAL D 284 58.65 6.51 2.17
CA VAL D 284 58.50 5.39 3.09
C VAL D 284 59.17 4.16 2.49
N ALA D 285 60.01 3.48 3.29
CA ALA D 285 60.61 2.16 2.99
C ALA D 285 62.11 2.22 2.70
N MET E 1 -13.89 29.81 20.14
CA MET E 1 -15.22 29.39 20.63
C MET E 1 -15.80 28.40 19.63
N LYS E 2 -16.37 27.31 20.11
CA LYS E 2 -17.10 26.38 19.26
C LYS E 2 -18.57 26.35 19.65
N TYR E 3 -19.42 26.26 18.64
CA TYR E 3 -20.87 26.19 18.80
C TYR E 3 -21.32 24.76 18.50
N ILE E 4 -21.89 24.09 19.49
CA ILE E 4 -22.11 22.65 19.43
C ILE E 4 -23.58 22.36 19.68
N GLY E 5 -24.18 21.58 18.82
CA GLY E 5 -25.57 21.24 19.01
C GLY E 5 -26.05 20.08 18.18
N ALA E 6 -27.33 20.11 17.81
CA ALA E 6 -27.96 19.04 17.07
C ALA E 6 -29.08 19.60 16.20
N HIS E 7 -29.52 18.79 15.25
CA HIS E 7 -30.69 19.10 14.45
C HIS E 7 -31.92 18.59 15.21
N VAL E 8 -32.55 19.51 15.92
CA VAL E 8 -33.66 19.20 16.83
C VAL E 8 -35.00 19.39 16.13
N SER E 9 -36.06 18.89 16.76
CA SER E 9 -37.39 18.98 16.19
C SER E 9 -37.95 20.39 16.28
N ALA E 10 -38.60 20.82 15.19
CA ALA E 10 -39.41 22.03 15.18
C ALA E 10 -40.91 21.75 15.33
N ALA E 11 -41.27 20.55 15.78
CA ALA E 11 -42.67 20.22 16.02
C ALA E 11 -43.25 21.21 17.02
N GLY E 12 -44.44 21.71 16.72
CA GLY E 12 -45.13 22.61 17.62
C GLY E 12 -44.79 24.06 17.39
N GLY E 13 -43.90 24.34 16.45
CA GLY E 13 -43.50 25.70 16.11
C GLY E 13 -42.01 25.85 16.18
N LEU E 14 -41.49 26.77 15.36
CA LEU E 14 -40.05 26.93 15.24
C LEU E 14 -39.39 27.30 16.58
N ALA E 15 -40.09 28.04 17.44
CA ALA E 15 -39.48 28.41 18.71
C ALA E 15 -39.10 27.18 19.50
N ASN E 16 -39.88 26.11 19.36
CA ASN E 16 -39.62 24.90 20.11
C ASN E 16 -38.26 24.31 19.77
N ALA E 17 -37.74 24.58 18.56
CA ALA E 17 -36.39 24.11 18.24
C ALA E 17 -35.37 24.74 19.19
N ALA E 18 -35.50 26.03 19.46
CA ALA E 18 -34.57 26.68 20.37
C ALA E 18 -34.73 26.13 21.79
N ILE E 19 -35.99 25.90 22.21
CA ILE E 19 -36.24 25.34 23.53
C ILE E 19 -35.64 23.95 23.65
N ARG E 20 -35.79 23.13 22.60
CA ARG E 20 -35.23 21.78 22.66
C ARG E 20 -33.70 21.80 22.65
N ALA E 21 -33.10 22.72 21.91
CA ALA E 21 -31.65 22.87 21.94
C ALA E 21 -31.17 23.25 23.33
N ALA E 22 -31.86 24.19 23.99
CA ALA E 22 -31.43 24.55 25.34
C ALA E 22 -31.55 23.37 26.30
N GLU E 23 -32.51 22.50 26.10
CA GLU E 23 -32.71 21.41 27.07
C GLU E 23 -31.59 20.40 27.01
N ILE E 24 -30.89 20.27 25.88
CA ILE E 24 -29.70 19.43 25.79
C ILE E 24 -28.41 20.23 25.96
N ASP E 25 -28.52 21.48 26.40
CA ASP E 25 -27.39 22.36 26.65
C ASP E 25 -26.58 22.64 25.38
N ALA E 26 -27.22 22.65 24.22
CA ALA E 26 -26.54 22.99 22.99
C ALA E 26 -26.21 24.47 22.95
N THR E 27 -25.09 24.80 22.30
CA THR E 27 -24.76 26.17 21.93
C THR E 27 -24.92 26.42 20.43
N ALA E 28 -25.54 25.48 19.72
CA ALA E 28 -25.89 25.63 18.31
C ALA E 28 -27.09 24.75 18.05
N PHE E 29 -27.84 25.04 16.99
CA PHE E 29 -28.83 24.06 16.57
C PHE E 29 -29.16 24.19 15.10
N ALA E 30 -29.73 23.13 14.57
CA ALA E 30 -30.30 23.10 13.24
C ALA E 30 -31.79 22.77 13.32
N LEU E 31 -32.50 23.12 12.26
CA LEU E 31 -33.93 22.86 12.17
C LEU E 31 -34.34 22.94 10.71
N PHE E 32 -35.52 22.39 10.42
CA PHE E 32 -36.30 22.75 9.23
C PHE E 32 -37.19 23.95 9.57
N THR E 33 -37.27 24.93 8.65
CA THR E 33 -38.10 26.10 8.89
C THR E 33 -39.54 25.91 8.40
N LYS E 34 -39.80 24.80 7.74
CA LYS E 34 -41.14 24.41 7.33
C LYS E 34 -41.11 22.90 7.18
N ASN E 35 -42.28 22.33 7.00
CA ASN E 35 -42.39 20.89 6.78
C ASN E 35 -41.58 20.50 5.57
N GLN E 36 -40.59 19.62 5.77
CA GLN E 36 -39.64 19.29 4.71
C GLN E 36 -40.30 18.49 3.58
N ARG E 37 -41.53 18.01 3.77
CA ARG E 37 -42.21 17.19 2.78
C ARG E 37 -43.33 17.93 2.04
N GLN E 38 -43.53 19.22 2.29
CA GLN E 38 -44.45 20.01 1.49
C GLN E 38 -43.66 20.94 0.57
N TRP E 39 -44.09 21.03 -0.69
CA TRP E 39 -43.44 21.91 -1.64
C TRP E 39 -43.67 23.38 -1.28
N ARG E 40 -44.89 23.73 -0.90
CA ARG E 40 -45.23 25.09 -0.48
C ARG E 40 -45.74 25.07 0.96
N ALA E 41 -45.56 26.20 1.64
CA ALA E 41 -46.10 26.40 2.98
C ALA E 41 -46.72 27.78 3.06
N ALA E 42 -47.64 27.96 4.01
CA ALA E 42 -48.22 29.27 4.26
C ALA E 42 -47.11 30.27 4.54
N PRO E 43 -47.38 31.56 4.37
CA PRO E 43 -46.41 32.58 4.82
C PRO E 43 -46.11 32.37 6.30
N LEU E 44 -44.89 32.70 6.70
CA LEU E 44 -44.58 32.77 8.12
C LEU E 44 -45.52 33.77 8.78
N THR E 45 -46.17 33.35 9.86
CA THR E 45 -46.94 34.31 10.63
C THR E 45 -46.03 35.18 11.50
N THR E 46 -46.53 36.38 11.81
CA THR E 46 -45.81 37.25 12.72
C THR E 46 -45.59 36.57 14.06
N GLN E 47 -46.57 35.81 14.53
CA GLN E 47 -46.43 35.10 15.79
C GLN E 47 -45.27 34.10 15.73
N THR E 48 -45.14 33.36 14.63
CA THR E 48 -44.04 32.41 14.50
C THR E 48 -42.70 33.13 14.56
N ILE E 49 -42.57 34.23 13.81
CA ILE E 49 -41.33 34.99 13.79
C ILE E 49 -41.04 35.53 15.18
N ASP E 50 -42.03 36.21 15.79
CA ASP E 50 -41.79 36.82 17.09
C ASP E 50 -41.36 35.78 18.11
N GLU E 51 -42.09 34.67 18.16
CA GLU E 51 -41.81 33.64 19.16
C GLU E 51 -40.46 32.98 18.94
N PHE E 52 -40.07 32.79 17.68
CA PHE E 52 -38.78 32.17 17.39
C PHE E 52 -37.64 33.10 17.80
N LYS E 53 -37.77 34.38 17.48
CA LYS E 53 -36.72 35.35 17.80
C LYS E 53 -36.58 35.52 19.31
N ALA E 54 -37.72 35.56 20.02
CA ALA E 54 -37.66 35.66 21.47
C ALA E 54 -37.00 34.43 22.08
N ALA E 55 -37.29 33.24 21.56
CA ALA E 55 -36.66 32.03 22.11
C ALA E 55 -35.17 32.02 21.80
N CYS E 56 -34.77 32.45 20.59
CA CYS E 56 -33.35 32.54 20.27
C CYS E 56 -32.64 33.52 21.20
N GLU E 57 -33.29 34.65 21.48
CA GLU E 57 -32.76 35.61 22.46
C GLU E 57 -32.65 34.98 23.84
N LYS E 58 -33.72 34.31 24.29
CA LYS E 58 -33.74 33.81 25.64
C LYS E 58 -32.70 32.72 25.87
N TYR E 59 -32.46 31.88 24.86
CA TYR E 59 -31.51 30.79 25.05
C TYR E 59 -30.16 31.07 24.39
N HIS E 60 -29.89 32.33 24.03
CA HIS E 60 -28.57 32.78 23.59
C HIS E 60 -28.11 32.06 22.33
N TYR E 61 -28.98 32.01 21.33
CA TYR E 61 -28.64 31.51 20.00
C TYR E 61 -28.67 32.70 19.04
N THR E 62 -27.49 33.17 18.65
CA THR E 62 -27.41 34.19 17.61
C THR E 62 -27.50 33.51 16.25
N SER E 63 -27.62 34.33 15.21
CA SER E 63 -27.72 33.81 13.85
C SER E 63 -26.51 32.95 13.47
N ALA E 64 -25.34 33.29 14.00
CA ALA E 64 -24.10 32.58 13.71
C ALA E 64 -24.07 31.17 14.28
N GLN E 65 -25.00 30.83 15.16
CA GLN E 65 -25.10 29.53 15.82
C GLN E 65 -26.21 28.64 15.28
N ILE E 66 -26.94 29.08 14.24
CA ILE E 66 -28.11 28.34 13.75
C ILE E 66 -27.90 27.98 12.27
N LEU E 67 -28.10 26.69 11.96
CA LEU E 67 -27.87 26.19 10.60
C LEU E 67 -29.11 25.46 10.11
N PRO E 68 -30.10 26.20 9.62
CA PRO E 68 -31.29 25.54 9.06
C PRO E 68 -30.94 24.65 7.87
N HIS E 69 -31.71 23.59 7.72
CA HIS E 69 -31.60 22.66 6.60
C HIS E 69 -32.82 22.84 5.71
N ASP E 70 -32.59 22.84 4.39
CA ASP E 70 -33.71 22.95 3.45
C ASP E 70 -34.35 21.58 3.22
N SER E 71 -35.48 21.61 2.54
CA SER E 71 -36.20 20.38 2.25
C SER E 71 -35.39 19.50 1.30
N TYR E 72 -35.47 18.20 1.51
CA TYR E 72 -34.82 17.26 0.60
C TYR E 72 -35.48 17.22 -0.79
N LEU E 73 -36.69 17.79 -0.95
CA LEU E 73 -37.36 17.74 -2.23
C LEU E 73 -36.71 18.67 -3.25
N ILE E 74 -36.02 19.70 -2.78
CA ILE E 74 -35.45 20.71 -3.65
C ILE E 74 -34.25 20.13 -4.36
N ASN E 75 -34.24 20.22 -5.70
CA ASN E 75 -33.12 19.75 -6.52
C ASN E 75 -32.67 20.91 -7.42
N LEU E 76 -31.68 21.67 -6.94
CA LEU E 76 -31.24 22.85 -7.67
C LEU E 76 -30.44 22.51 -8.94
N GLY E 77 -30.22 21.25 -9.26
CA GLY E 77 -29.59 20.86 -10.50
C GLY E 77 -30.49 19.99 -11.36
N HIS E 78 -31.80 20.11 -11.14
CA HIS E 78 -32.75 19.22 -11.81
C HIS E 78 -32.59 19.34 -13.33
N PRO E 79 -32.57 18.21 -14.05
CA PRO E 79 -32.41 18.28 -15.50
C PRO E 79 -33.62 18.79 -16.27
N VAL E 80 -34.83 18.66 -15.72
CA VAL E 80 -36.06 19.08 -16.40
C VAL E 80 -36.42 20.52 -16.03
N THR E 81 -36.59 21.38 -17.05
CA THR E 81 -36.73 22.81 -16.83
C THR E 81 -37.83 23.14 -15.81
N GLU E 82 -39.00 22.50 -15.94
CA GLU E 82 -40.12 22.84 -15.06
C GLU E 82 -39.82 22.43 -13.63
N ALA E 83 -39.26 21.24 -13.43
CA ALA E 83 -38.93 20.79 -12.09
C ALA E 83 -37.81 21.63 -11.50
N LEU E 84 -36.89 22.11 -12.35
CA LEU E 84 -35.83 22.97 -11.87
C LEU E 84 -36.39 24.28 -11.36
N GLU E 85 -37.33 24.88 -12.09
CA GLU E 85 -37.87 26.15 -11.65
C GLU E 85 -38.73 25.99 -10.40
N LYS E 86 -39.43 24.86 -10.26
CA LYS E 86 -40.17 24.59 -9.03
C LYS E 86 -39.22 24.49 -7.84
N SER E 87 -38.06 23.84 -8.04
CA SER E 87 -37.07 23.76 -6.97
C SER E 87 -36.49 25.14 -6.64
N ARG E 88 -36.22 25.95 -7.66
CA ARG E 88 -35.65 27.27 -7.40
C ARG E 88 -36.63 28.16 -6.68
N ASP E 89 -37.92 28.11 -7.06
CA ASP E 89 -38.97 28.83 -6.34
C ASP E 89 -39.00 28.41 -4.87
N ALA E 90 -38.97 27.09 -4.62
CA ALA E 90 -38.99 26.62 -3.23
C ALA E 90 -37.75 27.09 -2.46
N PHE E 91 -36.59 27.09 -3.12
CA PHE E 91 -35.34 27.48 -2.44
C PHE E 91 -35.34 28.95 -2.09
N ILE E 92 -35.80 29.79 -3.02
CA ILE E 92 -35.99 31.21 -2.71
C ILE E 92 -36.88 31.38 -1.48
N ASP E 93 -37.99 30.65 -1.46
CA ASP E 93 -38.91 30.72 -0.33
C ASP E 93 -38.20 30.37 0.97
N GLU E 94 -37.43 29.27 0.97
CA GLU E 94 -36.67 28.88 2.15
C GLU E 94 -35.71 29.98 2.59
N MET E 95 -34.96 30.55 1.64
CA MET E 95 -34.03 31.60 1.98
C MET E 95 -34.74 32.80 2.58
N GLN E 96 -35.92 33.15 2.05
CA GLN E 96 -36.65 34.31 2.56
C GLN E 96 -37.21 34.04 3.95
N ARG E 97 -37.63 32.80 4.24
CA ARG E 97 -37.99 32.48 5.61
C ARG E 97 -36.80 32.69 6.54
N CYS E 98 -35.60 32.29 6.10
CA CYS E 98 -34.41 32.52 6.90
C CYS E 98 -34.21 34.00 7.18
N GLU E 99 -34.25 34.82 6.11
CA GLU E 99 -34.23 36.28 6.26
C GLU E 99 -35.19 36.72 7.35
N GLN E 100 -36.45 36.30 7.23
CA GLN E 100 -37.50 36.82 8.09
C GLN E 100 -37.32 36.36 9.52
N LEU E 101 -36.73 35.18 9.72
CA LEU E 101 -36.48 34.62 11.04
C LEU E 101 -35.19 35.13 11.68
N GLY E 102 -34.44 36.01 11.02
CA GLY E 102 -33.22 36.53 11.61
C GLY E 102 -32.01 35.65 11.37
N LEU E 103 -32.10 34.69 10.47
CA LEU E 103 -31.06 33.69 10.22
C LEU E 103 -30.19 34.13 9.04
N SER E 104 -29.01 33.54 8.96
CA SER E 104 -28.00 34.03 8.03
C SER E 104 -27.41 32.93 7.16
N LEU E 105 -27.83 31.69 7.36
CA LEU E 105 -27.22 30.53 6.75
C LEU E 105 -28.35 29.58 6.33
N LEU E 106 -28.16 28.89 5.22
CA LEU E 106 -29.09 27.85 4.79
C LEU E 106 -28.30 26.68 4.20
N ASN E 107 -28.36 25.55 4.89
CA ASN E 107 -27.66 24.34 4.48
C ASN E 107 -28.52 23.52 3.54
N PHE E 108 -27.94 23.05 2.43
CA PHE E 108 -28.69 22.26 1.45
C PHE E 108 -27.74 21.33 0.70
N HIS E 109 -28.26 20.17 0.30
CA HIS E 109 -27.54 19.27 -0.60
C HIS E 109 -27.61 19.83 -2.03
N PRO E 110 -26.49 19.79 -2.77
CA PRO E 110 -26.45 20.57 -4.03
C PRO E 110 -27.48 20.16 -5.08
N GLY E 111 -27.61 18.89 -5.40
CA GLY E 111 -28.55 18.48 -6.44
C GLY E 111 -28.13 17.17 -7.07
N SER E 112 -28.90 16.76 -8.08
CA SER E 112 -28.70 15.47 -8.73
C SER E 112 -29.18 15.52 -10.17
N HIS E 113 -28.48 14.81 -11.04
CA HIS E 113 -28.69 14.92 -12.48
C HIS E 113 -29.66 13.88 -13.04
N LEU E 114 -30.05 12.88 -12.23
CA LEU E 114 -31.09 11.89 -12.59
C LEU E 114 -30.74 11.13 -13.87
N MET E 115 -29.46 11.01 -14.19
CA MET E 115 -28.95 10.31 -15.36
C MET E 115 -29.29 11.01 -16.67
N GLN E 116 -29.81 12.23 -16.63
CA GLN E 116 -30.28 12.91 -17.84
C GLN E 116 -29.34 13.99 -18.33
N ILE E 117 -28.45 14.51 -17.49
CA ILE E 117 -27.48 15.52 -17.89
C ILE E 117 -26.14 15.19 -17.24
N SER E 118 -25.09 15.83 -17.74
CA SER E 118 -23.76 15.56 -17.23
C SER E 118 -23.63 16.12 -15.81
N GLU E 119 -22.64 15.59 -15.08
CA GLU E 119 -22.27 16.20 -13.81
C GLU E 119 -21.90 17.67 -14.02
N GLU E 120 -21.17 17.95 -15.08
CA GLU E 120 -20.76 19.32 -15.35
C GLU E 120 -21.96 20.25 -15.49
N ASP E 121 -22.95 19.84 -16.29
CA ASP E 121 -24.10 20.70 -16.52
C ASP E 121 -24.96 20.81 -15.28
N CYS E 122 -25.09 19.70 -14.53
CA CYS E 122 -25.81 19.74 -13.27
C CYS E 122 -25.18 20.73 -12.31
N LEU E 123 -23.87 20.63 -12.13
CA LEU E 123 -23.19 21.57 -11.24
C LEU E 123 -23.41 23.01 -11.68
N ALA E 124 -23.45 23.23 -13.01
CA ALA E 124 -23.65 24.58 -13.51
C ALA E 124 -25.07 25.07 -13.23
N ARG E 125 -26.05 24.17 -13.35
CA ARG E 125 -27.40 24.50 -12.95
C ARG E 125 -27.46 24.89 -11.48
N ILE E 126 -26.73 24.17 -10.62
CA ILE E 126 -26.77 24.47 -9.19
C ILE E 126 -26.21 25.86 -8.92
N ALA E 127 -25.06 26.18 -9.51
CA ALA E 127 -24.48 27.50 -9.29
C ALA E 127 -25.45 28.59 -9.69
N GLU E 128 -26.15 28.39 -10.81
CA GLU E 128 -27.13 29.37 -11.28
C GLU E 128 -28.34 29.41 -10.38
N SER E 129 -28.80 28.26 -9.88
CA SER E 129 -29.87 28.29 -8.88
C SER E 129 -29.48 29.18 -7.71
N ILE E 130 -28.23 29.04 -7.23
CA ILE E 130 -27.79 29.88 -6.10
C ILE E 130 -27.80 31.35 -6.52
N ASN E 131 -27.28 31.64 -7.72
CA ASN E 131 -27.22 33.04 -8.15
C ASN E 131 -28.61 33.66 -8.14
N ILE E 132 -29.60 32.92 -8.64
CA ILE E 132 -30.98 33.42 -8.65
C ILE E 132 -31.45 33.68 -7.22
N ALA E 133 -31.18 32.73 -6.32
CA ALA E 133 -31.65 32.86 -4.95
C ALA E 133 -31.02 34.07 -4.27
N LEU E 134 -29.71 34.25 -4.46
CA LEU E 134 -29.04 35.39 -3.84
C LEU E 134 -29.50 36.72 -4.46
N ASP E 135 -29.89 36.70 -5.73
CA ASP E 135 -30.39 37.91 -6.35
C ASP E 135 -31.75 38.34 -5.77
N LYS E 136 -32.52 37.40 -5.19
CA LYS E 136 -33.86 37.69 -4.71
C LYS E 136 -33.94 37.87 -3.20
N THR E 137 -32.84 37.67 -2.48
CA THR E 137 -32.81 37.77 -1.03
C THR E 137 -31.56 38.51 -0.61
N GLN E 138 -31.50 38.82 0.68
CA GLN E 138 -30.36 39.50 1.30
C GLN E 138 -30.00 38.82 2.62
N GLY E 139 -28.70 38.83 2.94
CA GLY E 139 -28.25 38.45 4.26
C GLY E 139 -28.16 36.96 4.56
N VAL E 140 -28.50 36.08 3.62
CA VAL E 140 -28.45 34.65 3.86
C VAL E 140 -27.43 34.00 2.95
N THR E 141 -26.51 33.25 3.55
CA THR E 141 -25.53 32.46 2.79
C THR E 141 -26.07 31.09 2.45
N ALA E 142 -25.93 30.72 1.19
CA ALA E 142 -26.26 29.39 0.70
C ALA E 142 -25.11 28.45 1.05
N VAL E 143 -25.35 27.53 1.98
CA VAL E 143 -24.32 26.65 2.54
C VAL E 143 -24.50 25.26 1.94
N ILE E 144 -23.55 24.91 1.07
CA ILE E 144 -23.59 23.65 0.33
C ILE E 144 -23.04 22.52 1.20
N GLU E 145 -23.83 21.48 1.38
CA GLU E 145 -23.41 20.34 2.19
C GLU E 145 -22.87 19.25 1.28
N ASN E 146 -21.72 18.67 1.64
CA ASN E 146 -21.23 17.51 0.93
C ASN E 146 -22.13 16.31 1.22
N THR E 147 -22.08 15.33 0.33
CA THR E 147 -23.03 14.22 0.35
C THR E 147 -22.29 12.89 0.26
N ALA E 148 -23.01 11.83 0.58
CA ALA E 148 -22.46 10.48 0.46
C ALA E 148 -22.27 10.06 -0.99
N GLY E 149 -23.00 10.68 -1.91
CA GLY E 149 -22.95 10.29 -3.31
C GLY E 149 -23.81 9.08 -3.63
N GLN E 150 -25.00 8.98 -3.03
CA GLN E 150 -25.97 7.98 -3.43
C GLN E 150 -26.60 8.38 -4.76
N GLY E 151 -26.92 7.38 -5.56
CA GLY E 151 -27.65 7.62 -6.80
C GLY E 151 -26.91 8.60 -7.69
N SER E 152 -27.63 9.62 -8.16
CA SER E 152 -27.07 10.67 -9.01
C SER E 152 -26.81 11.96 -8.22
N ASN E 153 -26.81 11.88 -6.89
CA ASN E 153 -26.56 13.08 -6.09
C ASN E 153 -25.09 13.45 -6.21
N LEU E 154 -24.87 14.73 -6.48
CA LEU E 154 -23.56 15.34 -6.55
C LEU E 154 -23.22 15.98 -5.21
N GLY E 155 -22.03 16.53 -5.13
CA GLY E 155 -21.50 17.02 -3.87
C GLY E 155 -20.73 16.02 -3.04
N PHE E 156 -20.44 14.82 -3.57
CA PHE E 156 -19.68 13.85 -2.78
C PHE E 156 -18.17 14.01 -2.93
N LYS E 157 -17.71 14.76 -3.93
CA LYS E 157 -16.31 15.15 -4.08
C LYS E 157 -16.21 16.63 -3.74
N PHE E 158 -15.12 16.99 -3.03
CA PHE E 158 -14.91 18.40 -2.70
C PHE E 158 -14.86 19.25 -3.97
N GLU E 159 -14.33 18.69 -5.04
CA GLU E 159 -14.25 19.39 -6.31
C GLU E 159 -15.62 19.84 -6.80
N HIS E 160 -16.66 19.04 -6.53
CA HIS E 160 -18.03 19.45 -6.88
C HIS E 160 -18.38 20.77 -6.20
N LEU E 161 -18.14 20.85 -4.89
CA LEU E 161 -18.42 22.08 -4.15
C LEU E 161 -17.62 23.27 -4.71
N ALA E 162 -16.32 23.06 -4.96
CA ALA E 162 -15.52 24.12 -5.54
C ALA E 162 -16.06 24.56 -6.91
N ALA E 163 -16.50 23.60 -7.73
CA ALA E 163 -17.00 23.95 -9.06
C ALA E 163 -18.28 24.76 -8.97
N ILE E 164 -19.18 24.41 -8.04
CA ILE E 164 -20.36 25.25 -7.81
C ILE E 164 -19.94 26.65 -7.38
N ILE E 165 -19.07 26.75 -6.37
CA ILE E 165 -18.70 28.05 -5.85
C ILE E 165 -18.11 28.92 -6.94
N ASP E 166 -17.30 28.32 -7.81
CA ASP E 166 -16.68 29.09 -8.89
C ASP E 166 -17.70 29.63 -9.86
N GLY E 167 -18.91 29.07 -9.89
CA GLY E 167 -19.98 29.61 -10.72
C GLY E 167 -20.89 30.60 -10.04
N VAL E 168 -20.66 30.87 -8.76
CA VAL E 168 -21.53 31.75 -7.99
C VAL E 168 -20.96 33.16 -8.03
N GLU E 169 -21.83 34.13 -8.32
CA GLU E 169 -21.38 35.51 -8.54
C GLU E 169 -20.99 36.19 -7.22
N ASP E 170 -21.91 36.21 -6.25
CA ASP E 170 -21.64 36.85 -4.96
C ASP E 170 -21.08 35.80 -4.00
N LYS E 171 -19.76 35.72 -3.95
CA LYS E 171 -19.13 34.67 -3.16
C LYS E 171 -19.16 34.96 -1.68
N SER E 172 -19.55 36.17 -1.27
CA SER E 172 -19.70 36.48 0.15
C SER E 172 -20.92 35.80 0.77
N ARG E 173 -21.80 35.20 -0.05
CA ARG E 173 -23.00 34.52 0.43
C ARG E 173 -23.08 33.08 -0.08
N VAL E 174 -21.93 32.45 -0.30
CA VAL E 174 -21.88 31.02 -0.57
C VAL E 174 -20.81 30.40 0.32
N GLY E 175 -21.07 29.17 0.76
CA GLY E 175 -20.14 28.45 1.59
C GLY E 175 -20.44 26.97 1.57
N VAL E 176 -19.82 26.24 2.48
CA VAL E 176 -20.00 24.80 2.54
C VAL E 176 -20.10 24.36 4.01
N CYS E 177 -20.71 23.21 4.19
CA CYS E 177 -20.77 22.51 5.46
C CYS E 177 -20.25 21.11 5.18
N ILE E 178 -19.31 20.64 5.99
CA ILE E 178 -18.79 19.28 5.83
C ILE E 178 -19.52 18.38 6.82
N ASP E 179 -20.17 17.36 6.28
CA ASP E 179 -20.78 16.29 7.06
C ASP E 179 -19.80 15.13 7.09
N THR E 180 -19.38 14.73 8.31
CA THR E 180 -18.29 13.75 8.43
C THR E 180 -18.74 12.37 7.99
N CYS E 181 -20.01 12.04 8.18
CA CYS E 181 -20.47 10.74 7.71
C CYS E 181 -20.46 10.70 6.17
N HIS E 182 -20.94 11.79 5.55
CA HIS E 182 -20.95 11.87 4.09
C HIS E 182 -19.55 11.80 3.52
N ALA E 183 -18.62 12.56 4.12
CA ALA E 183 -17.25 12.54 3.63
C ALA E 183 -16.67 11.13 3.69
N PHE E 184 -16.87 10.46 4.83
CA PHE E 184 -16.34 9.11 5.01
C PHE E 184 -16.96 8.14 4.02
N ALA E 185 -18.27 8.21 3.84
CA ALA E 185 -18.93 7.31 2.91
C ALA E 185 -18.47 7.59 1.48
N ALA E 186 -18.16 8.85 1.17
CA ALA E 186 -17.68 9.21 -0.14
C ALA E 186 -16.20 8.90 -0.35
N GLY E 187 -15.48 8.39 0.65
CA GLY E 187 -14.12 7.95 0.49
C GLY E 187 -13.04 8.84 1.08
N TYR E 188 -13.42 9.78 1.92
CA TYR E 188 -12.47 10.67 2.58
C TYR E 188 -12.28 10.09 3.99
N ASP E 189 -11.09 9.57 4.25
CA ASP E 189 -10.87 8.86 5.51
C ASP E 189 -10.68 9.87 6.65
N LEU E 190 -11.23 9.48 7.82
CA LEU E 190 -11.21 10.31 9.02
C LEU E 190 -10.84 9.49 10.26
N ARG E 191 -10.34 8.28 10.11
CA ARG E 191 -10.26 7.38 11.25
C ARG E 191 -9.05 7.61 12.15
N THR E 192 -8.04 8.33 11.69
CA THR E 192 -6.89 8.68 12.50
C THR E 192 -6.62 10.17 12.33
N PRO E 193 -5.83 10.77 13.22
CA PRO E 193 -5.48 12.18 13.01
C PRO E 193 -4.76 12.42 11.69
N ALA E 194 -3.87 11.51 11.27
CA ALA E 194 -3.16 11.69 10.01
C ALA E 194 -4.12 11.69 8.83
N GLU E 195 -5.14 10.83 8.87
CA GLU E 195 -6.12 10.82 7.79
C GLU E 195 -6.98 12.07 7.82
N CYS E 196 -7.35 12.54 9.02
CA CYS E 196 -8.06 13.81 9.14
C CYS E 196 -7.24 14.95 8.50
N GLU E 197 -5.95 15.03 8.82
CA GLU E 197 -5.12 16.08 8.25
C GLU E 197 -5.03 15.96 6.74
N LYS E 198 -4.97 14.75 6.22
CA LYS E 198 -4.93 14.58 4.77
C LYS E 198 -6.24 15.03 4.14
N THR E 199 -7.37 14.56 4.68
CA THR E 199 -8.66 14.94 4.14
C THR E 199 -8.87 16.45 4.21
N PHE E 200 -8.53 17.08 5.33
CA PHE E 200 -8.79 18.51 5.42
C PHE E 200 -7.75 19.35 4.72
N ALA E 201 -6.58 18.78 4.39
CA ALA E 201 -5.68 19.49 3.47
C ALA E 201 -6.24 19.43 2.05
N ASP E 202 -6.84 18.28 1.68
CA ASP E 202 -7.52 18.18 0.39
C ASP E 202 -8.68 19.18 0.32
N PHE E 203 -9.49 19.22 1.37
CA PHE E 203 -10.53 20.25 1.45
C PHE E 203 -9.94 21.66 1.30
N ALA E 204 -8.84 21.94 2.00
CA ALA E 204 -8.29 23.30 1.98
C ALA E 204 -7.85 23.70 0.58
N ARG E 205 -7.18 22.79 -0.14
CA ARG E 205 -6.69 23.10 -1.49
C ARG E 205 -7.83 23.13 -2.50
N THR E 206 -8.86 22.33 -2.32
CA THR E 206 -9.93 22.26 -3.32
C THR E 206 -10.96 23.35 -3.10
N VAL E 207 -11.51 23.44 -1.90
CA VAL E 207 -12.55 24.39 -1.58
C VAL E 207 -11.99 25.60 -0.87
N GLY E 208 -11.25 25.38 0.23
CA GLY E 208 -10.77 26.47 1.04
C GLY E 208 -11.55 26.63 2.33
N PHE E 209 -10.83 26.61 3.46
CA PHE E 209 -11.46 26.87 4.74
C PHE E 209 -12.13 28.24 4.81
N LYS E 210 -11.82 29.16 3.91
CA LYS E 210 -12.51 30.43 3.96
C LYS E 210 -13.99 30.29 3.63
N TYR E 211 -14.43 29.16 3.05
CA TYR E 211 -15.83 28.91 2.77
C TYR E 211 -16.54 28.02 3.79
N LEU E 212 -15.86 27.57 4.82
CA LEU E 212 -16.49 26.64 5.78
C LEU E 212 -17.44 27.40 6.70
N ARG E 213 -18.73 27.04 6.66
CA ARG E 213 -19.77 27.70 7.43
C ARG E 213 -20.42 26.82 8.47
N GLY E 214 -20.10 25.53 8.50
CA GLY E 214 -20.73 24.62 9.43
C GLY E 214 -20.14 23.24 9.27
N MET E 215 -20.39 22.42 10.29
CA MET E 215 -20.05 21.01 10.23
C MET E 215 -21.28 20.21 10.66
N HIS E 216 -21.45 19.04 10.08
CA HIS E 216 -22.34 18.04 10.66
C HIS E 216 -21.49 16.91 11.22
N LEU E 217 -21.61 16.68 12.53
CA LEU E 217 -20.77 15.73 13.25
C LEU E 217 -21.57 14.44 13.40
N ASN E 218 -21.30 13.50 12.51
CA ASN E 218 -21.95 12.21 12.44
C ASN E 218 -20.92 11.11 12.32
N ASP E 219 -21.12 10.03 13.07
CA ASP E 219 -20.41 8.79 12.78
C ASP E 219 -21.15 8.07 11.63
N ALA E 220 -20.60 6.96 11.18
CA ALA E 220 -21.12 6.26 10.02
C ALA E 220 -21.40 4.80 10.34
N LYS E 221 -22.64 4.36 10.08
CA LYS E 221 -22.99 2.94 10.05
C LYS E 221 -22.52 2.29 8.75
N SER E 222 -22.44 3.07 7.69
CA SER E 222 -21.93 2.61 6.41
C SER E 222 -20.41 2.56 6.45
N THR E 223 -19.83 1.89 5.46
CA THR E 223 -18.40 1.63 5.42
C THR E 223 -17.69 2.67 4.57
N PHE E 224 -16.38 2.72 4.75
CA PHE E 224 -15.54 3.66 4.05
C PHE E 224 -15.73 3.55 2.54
N GLY E 225 -16.05 4.67 1.93
CA GLY E 225 -16.22 4.71 0.47
C GLY E 225 -17.44 3.98 -0.05
N SER E 226 -18.39 3.62 0.80
CA SER E 226 -19.55 2.88 0.34
C SER E 226 -20.53 3.73 -0.46
N ARG E 227 -20.41 5.05 -0.36
CA ARG E 227 -21.38 5.99 -0.95
C ARG E 227 -22.81 5.69 -0.50
N VAL E 228 -22.97 5.22 0.73
CA VAL E 228 -24.29 5.01 1.36
C VAL E 228 -24.36 5.92 2.57
N ASP E 229 -25.47 6.64 2.71
CA ASP E 229 -25.64 7.60 3.80
C ASP E 229 -26.41 6.97 4.95
N ARG E 230 -25.69 6.43 5.92
CA ARG E 230 -26.28 5.95 7.17
C ARG E 230 -25.49 6.48 8.35
N HIS E 231 -26.12 7.34 9.14
CA HIS E 231 -25.48 7.95 10.29
C HIS E 231 -25.37 6.98 11.46
N HIS E 232 -24.44 7.28 12.37
CA HIS E 232 -24.36 6.57 13.64
C HIS E 232 -23.98 7.55 14.75
N SER E 233 -24.25 7.12 15.99
CA SER E 233 -23.83 7.85 17.17
C SER E 233 -22.31 8.01 17.18
N LEU E 234 -21.84 9.17 17.62
CA LEU E 234 -20.40 9.41 17.66
C LEU E 234 -19.67 8.33 18.43
N GLY E 235 -18.62 7.78 17.81
CA GLY E 235 -17.81 6.76 18.43
C GLY E 235 -18.37 5.36 18.39
N GLU E 236 -19.61 5.18 17.91
CA GLU E 236 -20.16 3.84 17.78
C GLU E 236 -20.07 3.28 16.37
N GLY E 237 -19.67 4.07 15.38
CA GLY E 237 -19.70 3.64 13.99
C GLY E 237 -18.32 3.39 13.44
N ASN E 238 -18.21 3.46 12.11
CA ASN E 238 -16.97 3.10 11.44
C ASN E 238 -15.96 4.24 11.37
N ILE E 239 -16.34 5.46 11.72
CA ILE E 239 -15.35 6.51 11.89
C ILE E 239 -14.66 6.39 13.25
N GLY E 240 -15.45 6.33 14.34
CA GLY E 240 -14.90 6.29 15.68
C GLY E 240 -14.72 7.66 16.28
N HIS E 241 -14.27 7.65 17.56
CA HIS E 241 -14.17 8.88 18.33
C HIS E 241 -13.01 9.76 17.91
N ASP E 242 -11.90 9.17 17.44
CA ASP E 242 -10.68 9.95 17.24
C ASP E 242 -10.89 11.14 16.32
N ALA E 243 -11.72 10.99 15.29
CA ALA E 243 -11.96 12.12 14.39
C ALA E 243 -12.58 13.29 15.13
N PHE E 244 -13.47 13.00 16.08
CA PHE E 244 -14.19 14.06 16.78
C PHE E 244 -13.34 14.64 17.90
N ARG E 245 -12.49 13.82 18.54
CA ARG E 245 -11.42 14.37 19.37
C ARG E 245 -10.57 15.36 18.59
N TRP E 246 -10.15 14.98 17.39
CA TRP E 246 -9.26 15.81 16.58
C TRP E 246 -9.94 17.12 16.17
N ILE E 247 -11.19 17.03 15.71
CA ILE E 247 -11.94 18.24 15.32
C ILE E 247 -12.04 19.22 16.50
N MET E 248 -12.32 18.72 17.71
CA MET E 248 -12.56 19.60 18.84
C MET E 248 -11.29 20.33 19.30
N GLN E 249 -10.08 19.85 18.93
CA GLN E 249 -8.83 20.53 19.25
C GLN E 249 -8.40 21.52 18.17
N ASP E 250 -9.09 21.57 17.05
CA ASP E 250 -8.61 22.27 15.86
C ASP E 250 -9.41 23.55 15.69
N ASP E 251 -8.73 24.70 15.78
CA ASP E 251 -9.46 25.97 15.70
C ASP E 251 -9.97 26.30 14.30
N ARG E 252 -9.67 25.51 13.27
CA ARG E 252 -10.30 25.77 11.97
C ARG E 252 -11.81 25.53 12.02
N PHE E 253 -12.31 24.88 13.07
CA PHE E 253 -13.73 24.57 13.22
C PHE E 253 -14.40 25.46 14.25
N ASP E 254 -13.75 26.55 14.64
CA ASP E 254 -14.32 27.53 15.56
C ASP E 254 -15.34 28.43 14.87
N GLY E 255 -16.28 28.96 15.67
CA GLY E 255 -17.15 30.02 15.22
C GLY E 255 -18.23 29.63 14.24
N ILE E 256 -18.49 28.35 14.07
CA ILE E 256 -19.49 27.87 13.11
C ILE E 256 -20.37 26.83 13.80
N PRO E 257 -21.59 26.65 13.31
CA PRO E 257 -22.44 25.61 13.89
C PRO E 257 -21.89 24.22 13.60
N LEU E 258 -21.72 23.44 14.67
CA LEU E 258 -21.31 22.03 14.65
C LEU E 258 -22.52 21.22 15.11
N ILE E 259 -23.11 20.48 14.19
CA ILE E 259 -24.46 19.95 14.34
C ILE E 259 -24.41 18.44 14.32
N LEU E 260 -24.84 17.84 15.42
CA LEU E 260 -25.10 16.41 15.47
C LEU E 260 -26.34 16.06 14.66
N GLU E 261 -26.22 15.05 13.80
CA GLU E 261 -27.38 14.37 13.21
C GLU E 261 -27.26 12.89 13.47
N THR E 262 -26.77 12.55 14.64
CA THR E 262 -26.51 11.16 15.01
C THR E 262 -27.83 10.43 15.19
N ILE E 263 -27.78 9.09 15.16
CA ILE E 263 -29.05 8.39 14.98
C ILE E 263 -29.90 8.29 16.25
N ASN E 264 -29.30 8.44 17.45
CA ASN E 264 -30.03 8.26 18.70
C ASN E 264 -30.14 9.58 19.46
N PRO E 265 -31.26 10.30 19.31
CA PRO E 265 -31.38 11.62 19.97
C PRO E 265 -31.35 11.55 21.47
N ASP E 266 -31.61 10.37 22.06
CA ASP E 266 -31.57 10.23 23.51
C ASP E 266 -30.18 10.45 24.09
N ILE E 267 -29.13 10.36 23.28
CA ILE E 267 -27.79 10.63 23.77
C ILE E 267 -27.19 11.88 23.11
N TRP E 268 -28.02 12.78 22.58
CA TRP E 268 -27.49 14.04 22.09
C TRP E 268 -26.88 14.87 23.22
N ALA E 269 -27.53 14.90 24.39
CA ALA E 269 -26.99 15.71 25.47
C ALA E 269 -25.64 15.14 25.94
N GLU E 270 -25.52 13.82 25.97
CA GLU E 270 -24.25 13.17 26.27
C GLU E 270 -23.19 13.52 25.23
N GLU E 271 -23.55 13.47 23.94
CA GLU E 271 -22.56 13.75 22.90
C GLU E 271 -22.13 15.22 22.93
N ILE E 272 -23.06 16.13 23.25
CA ILE E 272 -22.71 17.54 23.34
C ILE E 272 -21.73 17.76 24.50
N ALA E 273 -22.03 17.18 25.65
CA ALA E 273 -21.14 17.30 26.80
C ALA E 273 -19.76 16.71 26.49
N TRP E 274 -19.73 15.58 25.79
CA TRP E 274 -18.45 14.97 25.43
C TRP E 274 -17.63 15.90 24.55
N LEU E 275 -18.26 16.50 23.54
CA LEU E 275 -17.57 17.45 22.67
C LEU E 275 -17.08 18.66 23.45
N LYS E 276 -17.91 19.19 24.34
CA LYS E 276 -17.46 20.27 25.21
C LYS E 276 -16.26 19.84 26.05
N ALA E 277 -16.37 18.65 26.67
CA ALA E 277 -15.29 18.20 27.55
C ALA E 277 -13.97 18.06 26.81
N GLN E 278 -14.00 17.78 25.51
CA GLN E 278 -12.78 17.61 24.73
C GLN E 278 -11.95 18.89 24.66
N GLN E 279 -12.59 20.06 24.77
CA GLN E 279 -11.89 21.33 24.66
C GLN E 279 -11.13 21.71 25.92
N THR E 280 -11.36 21.02 27.03
CA THR E 280 -10.65 21.25 28.29
C THR E 280 -9.16 20.97 28.12
N GLU E 281 -8.32 21.83 28.71
CA GLU E 281 -6.88 21.60 28.65
C GLU E 281 -6.56 20.32 29.42
N LYS E 282 -5.83 19.42 28.79
CA LYS E 282 -5.44 18.17 29.42
C LYS E 282 -3.97 18.22 29.83
N ALA E 283 -3.67 17.59 30.95
CA ALA E 283 -2.31 17.49 31.45
C ALA E 283 -1.49 16.55 30.58
N VAL E 284 -0.17 16.63 30.77
CA VAL E 284 0.76 15.77 30.07
C VAL E 284 0.59 14.33 30.51
N ALA E 285 0.81 13.42 29.55
CA ALA E 285 1.02 12.00 29.82
C ALA E 285 -0.05 11.35 30.68
ZN ZN F . -7.11 -23.92 0.56
FE FE2 G . -5.44 -26.95 0.47
ZN ZN H . -5.47 -26.36 -4.19
N1 EPE I . -25.48 -12.44 -3.26
C2 EPE I . -26.76 -12.78 -2.67
C3 EPE I . -27.68 -13.53 -3.63
N4 EPE I . -27.80 -12.87 -4.92
C5 EPE I . -26.48 -12.65 -5.48
C6 EPE I . -25.65 -11.79 -4.55
C7 EPE I . -28.77 -13.49 -5.80
C8 EPE I . -28.57 -13.35 -7.30
O8 EPE I . -27.82 -14.48 -7.78
C9 EPE I . -24.65 -11.60 -2.44
C10 EPE I . -24.46 -12.21 -1.06
S EPE I . -23.01 -11.57 -0.22
O1S EPE I . -23.26 -12.07 1.16
O2S EPE I . -23.02 -10.11 -0.35
O3S EPE I . -21.87 -12.21 -0.90
H21 EPE I . -26.62 -13.33 -1.89
H22 EPE I . -27.21 -11.98 -2.38
H31 EPE I . -27.33 -14.43 -3.73
H32 EPE I . -28.55 -13.62 -3.20
H51 EPE I . -26.02 -13.48 -5.62
H52 EPE I . -26.54 -12.19 -6.34
H61 EPE I . -26.10 -10.93 -4.45
H62 EPE I . -24.80 -11.62 -4.97
H71 EPE I . -28.80 -14.44 -5.59
H72 EPE I . -29.64 -13.13 -5.59
H81 EPE I . -29.45 -13.29 -7.71
H82 EPE I . -28.13 -12.51 -7.46
HO8 EPE I . -28.13 -14.71 -8.52
H91 EPE I . -23.79 -11.49 -2.88
H92 EPE I . -25.05 -10.73 -2.37
H101 EPE I . -25.21 -12.03 -0.48
H102 EPE I . -24.35 -13.18 -1.10
S SO4 J . -7.45 -25.62 -2.08
O1 SO4 J . -7.03 -25.47 -3.51
O2 SO4 J . -6.28 -26.14 -1.36
O3 SO4 J . -7.88 -24.29 -1.45
O4 SO4 J . -8.60 -26.59 -1.97
NI NI K . -18.10 -43.58 18.12
CL CL L . -2.86 -20.03 -6.09
CL CL M . 5.74 -33.61 -12.76
ZN ZN N . -16.07 -10.06 -29.48
FE FE2 O . -18.56 -8.47 -31.21
ZN ZN P . -17.10 -10.99 -34.78
S SO4 Q . -15.52 -9.70 -32.62
O1 SO4 Q . -16.95 -9.40 -32.37
O2 SO4 Q . -14.83 -10.26 -31.38
O3 SO4 Q . -15.49 -10.67 -33.75
O4 SO4 Q . -14.83 -8.38 -33.01
NI NI R . -18.23 18.97 -21.17
NI NI S . -26.83 2.64 -46.36
CL CL T . -16.86 -18.02 -33.28
ZN ZN U . 9.11 10.29 17.79
FE FE2 V . 11.20 7.61 18.44
ZN ZN W . 7.76 5.11 16.51
S SO4 X . 7.63 7.42 18.27
O1 SO4 X . 7.31 7.18 19.73
O2 SO4 X . 9.06 7.06 18.06
O3 SO4 X . 6.82 6.57 17.37
O4 SO4 X . 7.48 8.93 17.97
NI NI Y . 24.23 16.04 43.47
NI NI Z . 16.30 -10.87 25.62
CL CL AA . 5.94 7.72 10.16
ZN ZN BA . 32.49 -1.76 -1.54
FE FE2 CA . 35.44 -0.38 -0.50
ZN ZN DA . 34.25 -1.80 3.65
S SO4 EA . 32.50 -0.76 1.48
O1 SO4 EA . 32.48 -1.53 2.74
O2 SO4 EA . 33.92 -0.83 1.04
O3 SO4 EA . 31.62 -1.39 0.44
O4 SO4 EA . 32.09 0.69 1.69
NI NI FA . 47.71 11.74 9.81
ZN ZN GA . -28.12 17.26 5.02
FE FE2 HA . -25.69 16.31 7.25
ZN ZN IA . -26.65 12.00 5.87
S SO4 JA . -28.46 14.43 6.14
O1 SO4 JA . -27.06 14.90 6.39
O2 SO4 JA . -29.20 14.40 7.46
O3 SO4 JA . -29.07 15.44 5.18
O4 SO4 JA . -28.34 13.07 5.57
NI NI KA . -29.67 34.59 29.58
CL CL LA . -26.28 11.29 -1.30
#